data_4NIQ
# 
_entry.id   4NIQ 
# 
_audit_conform.dict_name       mmcif_pdbx.dic 
_audit_conform.dict_version    5.387 
_audit_conform.dict_location   http://mmcif.pdb.org/dictionaries/ascii/mmcif_pdbx.dic 
# 
loop_
_database_2.database_id 
_database_2.database_code 
_database_2.pdbx_database_accession 
_database_2.pdbx_DOI 
PDB   4NIQ         pdb_00004niq 10.2210/pdb4niq/pdb 
RCSB  RCSB083253   ?            ?                   
WWPDB D_1000083253 ?            ?                   
# 
loop_
_pdbx_audit_revision_history.ordinal 
_pdbx_audit_revision_history.data_content_type 
_pdbx_audit_revision_history.major_revision 
_pdbx_audit_revision_history.minor_revision 
_pdbx_audit_revision_history.revision_date 
1 'Structure model' 1 0 2014-03-05 
2 'Structure model' 1 1 2014-04-30 
3 'Structure model' 1 2 2017-11-22 
4 'Structure model' 1 3 2024-02-28 
# 
_pdbx_audit_revision_details.ordinal             1 
_pdbx_audit_revision_details.revision_ordinal    1 
_pdbx_audit_revision_details.data_content_type   'Structure model' 
_pdbx_audit_revision_details.provider            repository 
_pdbx_audit_revision_details.type                'Initial release' 
_pdbx_audit_revision_details.description         ? 
_pdbx_audit_revision_details.details             ? 
# 
loop_
_pdbx_audit_revision_group.ordinal 
_pdbx_audit_revision_group.revision_ordinal 
_pdbx_audit_revision_group.data_content_type 
_pdbx_audit_revision_group.group 
1 2 'Structure model' 'Database references'    
2 3 'Structure model' 'Refinement description' 
3 4 'Structure model' 'Data collection'        
4 4 'Structure model' 'Database references'    
# 
loop_
_pdbx_audit_revision_category.ordinal 
_pdbx_audit_revision_category.revision_ordinal 
_pdbx_audit_revision_category.data_content_type 
_pdbx_audit_revision_category.category 
1 3 'Structure model' software           
2 4 'Structure model' chem_comp_atom     
3 4 'Structure model' chem_comp_bond     
4 4 'Structure model' database_2         
5 4 'Structure model' struct_ref_seq_dif 
# 
loop_
_pdbx_audit_revision_item.ordinal 
_pdbx_audit_revision_item.revision_ordinal 
_pdbx_audit_revision_item.data_content_type 
_pdbx_audit_revision_item.item 
1  3 'Structure model' '_software.classification'            
2  3 'Structure model' '_software.contact_author'            
3  3 'Structure model' '_software.contact_author_email'      
4  3 'Structure model' '_software.date'                      
5  3 'Structure model' '_software.language'                  
6  3 'Structure model' '_software.location'                  
7  3 'Structure model' '_software.name'                      
8  3 'Structure model' '_software.type'                      
9  3 'Structure model' '_software.version'                   
10 4 'Structure model' '_database_2.pdbx_DOI'                
11 4 'Structure model' '_database_2.pdbx_database_accession' 
12 4 'Structure model' '_struct_ref_seq_dif.details'         
# 
_pdbx_database_status.entry_id                        4NIQ 
_pdbx_database_status.status_code                     REL 
_pdbx_database_status.deposit_site                    RCSB 
_pdbx_database_status.process_site                    RCSB 
_pdbx_database_status.recvd_initial_deposition_date   2013-11-06 
_pdbx_database_status.status_code_sf                  REL 
_pdbx_database_status.status_code_mr                  ? 
_pdbx_database_status.SG_entry                        ? 
_pdbx_database_status.status_code_cs                  ? 
_pdbx_database_status.methods_development_category    ? 
_pdbx_database_status.pdb_format_compatible           Y 
_pdbx_database_status.status_code_nmr_data            ? 
# 
loop_
_audit_author.name 
_audit_author.pdbx_ordinal 
'Vild, C.J.' 1 
'Xu, Z.'     2 
# 
_citation.id                        primary 
_citation.title                     
'Vfa1 Binds to the N-terminal Microtubule-interacting and Trafficking (MIT) Domain of Vps4 and Stimulates Its ATPase Activity.' 
_citation.journal_abbrev            J.Biol.Chem. 
_citation.journal_volume            289 
_citation.page_first                10378 
_citation.page_last                 10386 
_citation.year                      2014 
_citation.journal_id_ASTM           JBCHA3 
_citation.country                   US 
_citation.journal_id_ISSN           0021-9258 
_citation.journal_id_CSD            0071 
_citation.book_publisher            ? 
_citation.pdbx_database_id_PubMed   24567329 
_citation.pdbx_database_id_DOI      10.1074/jbc.M113.532960 
# 
loop_
_citation_author.citation_id 
_citation_author.name 
_citation_author.ordinal 
_citation_author.identifier_ORCID 
primary 'Vild, C.J.' 1 ? 
primary 'Xu, Z.'     2 ? 
# 
loop_
_entity.id 
_entity.type 
_entity.src_method 
_entity.pdbx_description 
_entity.formula_weight 
_entity.pdbx_number_of_molecules 
_entity.pdbx_ec 
_entity.pdbx_mutation 
_entity.pdbx_fragment 
_entity.details 
1 polymer man 'Vacuolar protein sorting-associated protein 4' 9527.703 2 ? ? 'MIT domain: unp residues 1-82' ? 
2 polymer man 'VPS4-associated protein 1'                     2690.957 2 ? ? 'MIM2: unp residues 182-203'    ? 
# 
_entity_name_com.entity_id   1 
_entity_name_com.name        'DOA4-independent degradation protein 6, Protein END13, Vacuolar protein-targeting protein 10' 
# 
loop_
_entity_poly.entity_id 
_entity_poly.type 
_entity_poly.nstd_linkage 
_entity_poly.nstd_monomer 
_entity_poly.pdbx_seq_one_letter_code 
_entity_poly.pdbx_seq_one_letter_code_can 
_entity_poly.pdbx_strand_id 
_entity_poly.pdbx_target_identifier 
1 'polypeptide(L)' no no 
;SMSTGDFLTKGIELVQKAIDLDTATQYEEAYTAYYNGLDYLMLALKYEKNPKSKDLIRAKFTEYLNRAEQLKKHLESEEA
NAA
;
;SMSTGDFLTKGIELVQKAIDLDTATQYEEAYTAYYNGLDYLMLALKYEKNPKSKDLIRAKFTEYLNRAEQLKKHLESEEA
NAA
;
A,B ? 
2 'polypeptide(L)' no no SENYSNTDPEELLRKHVFPSVPK                                                                
SENYSNTDPEELLRKHVFPSVPK                                                                C,D ? 
# 
loop_
_entity_poly_seq.entity_id 
_entity_poly_seq.num 
_entity_poly_seq.mon_id 
_entity_poly_seq.hetero 
1 1  SER n 
1 2  MET n 
1 3  SER n 
1 4  THR n 
1 5  GLY n 
1 6  ASP n 
1 7  PHE n 
1 8  LEU n 
1 9  THR n 
1 10 LYS n 
1 11 GLY n 
1 12 ILE n 
1 13 GLU n 
1 14 LEU n 
1 15 VAL n 
1 16 GLN n 
1 17 LYS n 
1 18 ALA n 
1 19 ILE n 
1 20 ASP n 
1 21 LEU n 
1 22 ASP n 
1 23 THR n 
1 24 ALA n 
1 25 THR n 
1 26 GLN n 
1 27 TYR n 
1 28 GLU n 
1 29 GLU n 
1 30 ALA n 
1 31 TYR n 
1 32 THR n 
1 33 ALA n 
1 34 TYR n 
1 35 TYR n 
1 36 ASN n 
1 37 GLY n 
1 38 LEU n 
1 39 ASP n 
1 40 TYR n 
1 41 LEU n 
1 42 MET n 
1 43 LEU n 
1 44 ALA n 
1 45 LEU n 
1 46 LYS n 
1 47 TYR n 
1 48 GLU n 
1 49 LYS n 
1 50 ASN n 
1 51 PRO n 
1 52 LYS n 
1 53 SER n 
1 54 LYS n 
1 55 ASP n 
1 56 LEU n 
1 57 ILE n 
1 58 ARG n 
1 59 ALA n 
1 60 LYS n 
1 61 PHE n 
1 62 THR n 
1 63 GLU n 
1 64 TYR n 
1 65 LEU n 
1 66 ASN n 
1 67 ARG n 
1 68 ALA n 
1 69 GLU n 
1 70 GLN n 
1 71 LEU n 
1 72 LYS n 
1 73 LYS n 
1 74 HIS n 
1 75 LEU n 
1 76 GLU n 
1 77 SER n 
1 78 GLU n 
1 79 GLU n 
1 80 ALA n 
1 81 ASN n 
1 82 ALA n 
1 83 ALA n 
2 1  SER n 
2 2  GLU n 
2 3  ASN n 
2 4  TYR n 
2 5  SER n 
2 6  ASN n 
2 7  THR n 
2 8  ASP n 
2 9  PRO n 
2 10 GLU n 
2 11 GLU n 
2 12 LEU n 
2 13 LEU n 
2 14 ARG n 
2 15 LYS n 
2 16 HIS n 
2 17 VAL n 
2 18 PHE n 
2 19 PRO n 
2 20 SER n 
2 21 VAL n 
2 22 PRO n 
2 23 LYS n 
# 
loop_
_entity_src_gen.entity_id 
_entity_src_gen.pdbx_src_id 
_entity_src_gen.pdbx_alt_source_flag 
_entity_src_gen.pdbx_seq_type 
_entity_src_gen.pdbx_beg_seq_num 
_entity_src_gen.pdbx_end_seq_num 
_entity_src_gen.gene_src_common_name 
_entity_src_gen.gene_src_genus 
_entity_src_gen.pdbx_gene_src_gene 
_entity_src_gen.gene_src_species 
_entity_src_gen.gene_src_strain 
_entity_src_gen.gene_src_tissue 
_entity_src_gen.gene_src_tissue_fraction 
_entity_src_gen.gene_src_details 
_entity_src_gen.pdbx_gene_src_fragment 
_entity_src_gen.pdbx_gene_src_scientific_name 
_entity_src_gen.pdbx_gene_src_ncbi_taxonomy_id 
_entity_src_gen.pdbx_gene_src_variant 
_entity_src_gen.pdbx_gene_src_cell_line 
_entity_src_gen.pdbx_gene_src_atcc 
_entity_src_gen.pdbx_gene_src_organ 
_entity_src_gen.pdbx_gene_src_organelle 
_entity_src_gen.pdbx_gene_src_cell 
_entity_src_gen.pdbx_gene_src_cellular_location 
_entity_src_gen.host_org_common_name 
_entity_src_gen.pdbx_host_org_scientific_name 
_entity_src_gen.pdbx_host_org_ncbi_taxonomy_id 
_entity_src_gen.host_org_genus 
_entity_src_gen.pdbx_host_org_gene 
_entity_src_gen.pdbx_host_org_organ 
_entity_src_gen.host_org_species 
_entity_src_gen.pdbx_host_org_tissue 
_entity_src_gen.pdbx_host_org_tissue_fraction 
_entity_src_gen.pdbx_host_org_strain 
_entity_src_gen.pdbx_host_org_variant 
_entity_src_gen.pdbx_host_org_cell_line 
_entity_src_gen.pdbx_host_org_atcc 
_entity_src_gen.pdbx_host_org_culture_collection 
_entity_src_gen.pdbx_host_org_cell 
_entity_src_gen.pdbx_host_org_organelle 
_entity_src_gen.pdbx_host_org_cellular_location 
_entity_src_gen.pdbx_host_org_vector_type 
_entity_src_gen.pdbx_host_org_vector 
_entity_src_gen.host_org_details 
_entity_src_gen.expression_system_id 
_entity_src_gen.plasmid_name 
_entity_src_gen.plasmid_details 
_entity_src_gen.pdbx_description 
1 1 sample ? ? ? 
;Baker's yeast
;
? 'CSC1, DID6, END13, GRD13, P9705.10, VPL4, VPS4, VPT10, YPR173C' ? 
;Baker's yeast
;
? ? ? ? 'Saccharomyces cerevisiae' 559292 ? ? ? ? ? ? ? ? 'Escherichia coli' 562 ? ? ? ? ? ? 'Rosetta(DE3)' ? ? ? ? ? ? ? plasmid 
? ? ? ppSUMO2 ? ? 
2 1 sample ? ? ? 
;Baker's yeast
;
? 'SYGP-ORF44, VFA1, YER128W'                                      ? 
;Baker's yeast
;
? ? ? ? 'Saccharomyces cerevisiae' 559292 ? ? ? ? ? ? ? ? 'Escherichia coli' 562 ? ? ? ? ? ? 'Rosetta(DE3)' ? ? ? ? ? ? ? plasmid 
? ? ? ppSUMO2 ? ? 
# 
loop_
_chem_comp.id 
_chem_comp.type 
_chem_comp.mon_nstd_flag 
_chem_comp.name 
_chem_comp.pdbx_synonyms 
_chem_comp.formula 
_chem_comp.formula_weight 
ALA 'L-peptide linking' y ALANINE         ? 'C3 H7 N O2'     89.093  
ARG 'L-peptide linking' y ARGININE        ? 'C6 H15 N4 O2 1' 175.209 
ASN 'L-peptide linking' y ASPARAGINE      ? 'C4 H8 N2 O3'    132.118 
ASP 'L-peptide linking' y 'ASPARTIC ACID' ? 'C4 H7 N O4'     133.103 
GLN 'L-peptide linking' y GLUTAMINE       ? 'C5 H10 N2 O3'   146.144 
GLU 'L-peptide linking' y 'GLUTAMIC ACID' ? 'C5 H9 N O4'     147.129 
GLY 'peptide linking'   y GLYCINE         ? 'C2 H5 N O2'     75.067  
HIS 'L-peptide linking' y HISTIDINE       ? 'C6 H10 N3 O2 1' 156.162 
ILE 'L-peptide linking' y ISOLEUCINE      ? 'C6 H13 N O2'    131.173 
LEU 'L-peptide linking' y LEUCINE         ? 'C6 H13 N O2'    131.173 
LYS 'L-peptide linking' y LYSINE          ? 'C6 H15 N2 O2 1' 147.195 
MET 'L-peptide linking' y METHIONINE      ? 'C5 H11 N O2 S'  149.211 
PHE 'L-peptide linking' y PHENYLALANINE   ? 'C9 H11 N O2'    165.189 
PRO 'L-peptide linking' y PROLINE         ? 'C5 H9 N O2'     115.130 
SER 'L-peptide linking' y SERINE          ? 'C3 H7 N O3'     105.093 
THR 'L-peptide linking' y THREONINE       ? 'C4 H9 N O3'     119.119 
TYR 'L-peptide linking' y TYROSINE        ? 'C9 H11 N O3'    181.189 
VAL 'L-peptide linking' y VALINE          ? 'C5 H11 N O2'    117.146 
# 
loop_
_pdbx_poly_seq_scheme.asym_id 
_pdbx_poly_seq_scheme.entity_id 
_pdbx_poly_seq_scheme.seq_id 
_pdbx_poly_seq_scheme.mon_id 
_pdbx_poly_seq_scheme.ndb_seq_num 
_pdbx_poly_seq_scheme.pdb_seq_num 
_pdbx_poly_seq_scheme.auth_seq_num 
_pdbx_poly_seq_scheme.pdb_mon_id 
_pdbx_poly_seq_scheme.auth_mon_id 
_pdbx_poly_seq_scheme.pdb_strand_id 
_pdbx_poly_seq_scheme.pdb_ins_code 
_pdbx_poly_seq_scheme.hetero 
A 1 1  SER 1  0   ?   ?   ?   A . n 
A 1 2  MET 2  1   1   MET MET A . n 
A 1 3  SER 3  2   2   SER SER A . n 
A 1 4  THR 4  3   3   THR THR A . n 
A 1 5  GLY 5  4   4   GLY GLY A . n 
A 1 6  ASP 6  5   5   ASP ASP A . n 
A 1 7  PHE 7  6   6   PHE PHE A . n 
A 1 8  LEU 8  7   7   LEU LEU A . n 
A 1 9  THR 9  8   8   THR THR A . n 
A 1 10 LYS 10 9   9   LYS LYS A . n 
A 1 11 GLY 11 10  10  GLY GLY A . n 
A 1 12 ILE 12 11  11  ILE ILE A . n 
A 1 13 GLU 13 12  12  GLU GLU A . n 
A 1 14 LEU 14 13  13  LEU LEU A . n 
A 1 15 VAL 15 14  14  VAL VAL A . n 
A 1 16 GLN 16 15  15  GLN GLN A . n 
A 1 17 LYS 17 16  16  LYS LYS A . n 
A 1 18 ALA 18 17  17  ALA ALA A . n 
A 1 19 ILE 19 18  18  ILE ILE A . n 
A 1 20 ASP 20 19  19  ASP ASP A . n 
A 1 21 LEU 21 20  20  LEU LEU A . n 
A 1 22 ASP 22 21  21  ASP ASP A . n 
A 1 23 THR 23 22  22  THR THR A . n 
A 1 24 ALA 24 23  23  ALA ALA A . n 
A 1 25 THR 25 24  24  THR THR A . n 
A 1 26 GLN 26 25  25  GLN GLN A . n 
A 1 27 TYR 27 26  26  TYR TYR A . n 
A 1 28 GLU 28 27  27  GLU GLU A . n 
A 1 29 GLU 29 28  28  GLU GLU A . n 
A 1 30 ALA 30 29  29  ALA ALA A . n 
A 1 31 TYR 31 30  30  TYR TYR A . n 
A 1 32 THR 32 31  31  THR THR A . n 
A 1 33 ALA 33 32  32  ALA ALA A . n 
A 1 34 TYR 34 33  33  TYR TYR A . n 
A 1 35 TYR 35 34  34  TYR TYR A . n 
A 1 36 ASN 36 35  35  ASN ASN A . n 
A 1 37 GLY 37 36  36  GLY GLY A . n 
A 1 38 LEU 38 37  37  LEU LEU A . n 
A 1 39 ASP 39 38  38  ASP ASP A . n 
A 1 40 TYR 40 39  39  TYR TYR A . n 
A 1 41 LEU 41 40  40  LEU LEU A . n 
A 1 42 MET 42 41  41  MET MET A . n 
A 1 43 LEU 43 42  42  LEU LEU A . n 
A 1 44 ALA 44 43  43  ALA ALA A . n 
A 1 45 LEU 45 44  44  LEU LEU A . n 
A 1 46 LYS 46 45  45  LYS LYS A . n 
A 1 47 TYR 47 46  46  TYR TYR A . n 
A 1 48 GLU 48 47  47  GLU GLU A . n 
A 1 49 LYS 49 48  48  LYS LYS A . n 
A 1 50 ASN 50 49  49  ASN ASN A . n 
A 1 51 PRO 51 50  50  PRO PRO A . n 
A 1 52 LYS 52 51  51  LYS LYS A . n 
A 1 53 SER 53 52  52  SER SER A . n 
A 1 54 LYS 54 53  53  LYS LYS A . n 
A 1 55 ASP 55 54  54  ASP ASP A . n 
A 1 56 LEU 56 55  55  LEU LEU A . n 
A 1 57 ILE 57 56  56  ILE ILE A . n 
A 1 58 ARG 58 57  57  ARG ARG A . n 
A 1 59 ALA 59 58  58  ALA ALA A . n 
A 1 60 LYS 60 59  59  LYS LYS A . n 
A 1 61 PHE 61 60  60  PHE PHE A . n 
A 1 62 THR 62 61  61  THR THR A . n 
A 1 63 GLU 63 62  62  GLU GLU A . n 
A 1 64 TYR 64 63  63  TYR TYR A . n 
A 1 65 LEU 65 64  64  LEU LEU A . n 
A 1 66 ASN 66 65  65  ASN ASN A . n 
A 1 67 ARG 67 66  66  ARG ARG A . n 
A 1 68 ALA 68 67  67  ALA ALA A . n 
A 1 69 GLU 69 68  68  GLU GLU A . n 
A 1 70 GLN 70 69  69  GLN GLN A . n 
A 1 71 LEU 71 70  70  LEU LEU A . n 
A 1 72 LYS 72 71  71  LYS LYS A . n 
A 1 73 LYS 73 72  72  LYS LYS A . n 
A 1 74 HIS 74 73  73  HIS HIS A . n 
A 1 75 LEU 75 74  74  LEU LEU A . n 
A 1 76 GLU 76 75  75  GLU GLU A . n 
A 1 77 SER 77 76  76  SER SER A . n 
A 1 78 GLU 78 77  77  GLU GLU A . n 
A 1 79 GLU 79 78  78  GLU GLU A . n 
A 1 80 ALA 80 79  79  ALA ALA A . n 
A 1 81 ASN 81 80  80  ASN ASN A . n 
A 1 82 ALA 82 81  81  ALA ALA A . n 
A 1 83 ALA 83 82  82  ALA ALA A . n 
B 2 1  SER 1  181 ?   ?   ?   C . n 
B 2 2  GLU 2  182 182 GLU GLU C . n 
B 2 3  ASN 3  183 183 ASN ASN C . n 
B 2 4  TYR 4  184 184 TYR TYR C . n 
B 2 5  SER 5  185 185 SER SER C . n 
B 2 6  ASN 6  186 186 ASN ASN C . n 
B 2 7  THR 7  187 187 THR THR C . n 
B 2 8  ASP 8  188 188 ASP ASP C . n 
B 2 9  PRO 9  189 189 PRO PRO C . n 
B 2 10 GLU 10 190 190 GLU GLU C . n 
B 2 11 GLU 11 191 191 GLU GLU C . n 
B 2 12 LEU 12 192 192 LEU LEU C . n 
B 2 13 LEU 13 193 193 LEU LEU C . n 
B 2 14 ARG 14 194 194 ARG ARG C . n 
B 2 15 LYS 15 195 195 LYS LYS C . n 
B 2 16 HIS 16 196 196 HIS HIS C . n 
B 2 17 VAL 17 197 197 VAL VAL C . n 
B 2 18 PHE 18 198 198 PHE PHE C . n 
B 2 19 PRO 19 199 199 PRO PRO C . n 
B 2 20 SER 20 200 200 SER SER C . n 
B 2 21 VAL 21 201 201 VAL VAL C . n 
B 2 22 PRO 22 202 202 PRO PRO C . n 
B 2 23 LYS 23 203 203 LYS LYS C . n 
C 1 1  SER 1  0   ?   ?   ?   B . n 
C 1 2  MET 2  1   ?   ?   ?   B . n 
C 1 3  SER 3  2   ?   ?   ?   B . n 
C 1 4  THR 4  3   ?   ?   ?   B . n 
C 1 5  GLY 5  4   4   GLY GLY B . n 
C 1 6  ASP 6  5   5   ASP ASP B . n 
C 1 7  PHE 7  6   6   PHE PHE B . n 
C 1 8  LEU 8  7   7   LEU LEU B . n 
C 1 9  THR 9  8   8   THR THR B . n 
C 1 10 LYS 10 9   9   LYS LYS B . n 
C 1 11 GLY 11 10  10  GLY GLY B . n 
C 1 12 ILE 12 11  11  ILE ILE B . n 
C 1 13 GLU 13 12  12  GLU GLU B . n 
C 1 14 LEU 14 13  13  LEU LEU B . n 
C 1 15 VAL 15 14  14  VAL VAL B . n 
C 1 16 GLN 16 15  15  GLN GLN B . n 
C 1 17 LYS 17 16  16  LYS LYS B . n 
C 1 18 ALA 18 17  17  ALA ALA B . n 
C 1 19 ILE 19 18  18  ILE ILE B . n 
C 1 20 ASP 20 19  19  ASP ASP B . n 
C 1 21 LEU 21 20  20  LEU LEU B . n 
C 1 22 ASP 22 21  21  ASP ASP B . n 
C 1 23 THR 23 22  22  THR THR B . n 
C 1 24 ALA 24 23  23  ALA ALA B . n 
C 1 25 THR 25 24  24  THR THR B . n 
C 1 26 GLN 26 25  25  GLN GLN B . n 
C 1 27 TYR 27 26  26  TYR TYR B . n 
C 1 28 GLU 28 27  27  GLU GLU B . n 
C 1 29 GLU 29 28  28  GLU GLU B . n 
C 1 30 ALA 30 29  29  ALA ALA B . n 
C 1 31 TYR 31 30  30  TYR TYR B . n 
C 1 32 THR 32 31  31  THR THR B . n 
C 1 33 ALA 33 32  32  ALA ALA B . n 
C 1 34 TYR 34 33  33  TYR TYR B . n 
C 1 35 TYR 35 34  34  TYR TYR B . n 
C 1 36 ASN 36 35  35  ASN ASN B . n 
C 1 37 GLY 37 36  36  GLY GLY B . n 
C 1 38 LEU 38 37  37  LEU LEU B . n 
C 1 39 ASP 39 38  38  ASP ASP B . n 
C 1 40 TYR 40 39  39  TYR TYR B . n 
C 1 41 LEU 41 40  40  LEU LEU B . n 
C 1 42 MET 42 41  41  MET MET B . n 
C 1 43 LEU 43 42  42  LEU LEU B . n 
C 1 44 ALA 44 43  43  ALA ALA B . n 
C 1 45 LEU 45 44  44  LEU LEU B . n 
C 1 46 LYS 46 45  45  LYS LYS B . n 
C 1 47 TYR 47 46  46  TYR TYR B . n 
C 1 48 GLU 48 47  47  GLU GLU B . n 
C 1 49 LYS 49 48  48  LYS LYS B . n 
C 1 50 ASN 50 49  49  ASN ASN B . n 
C 1 51 PRO 51 50  50  PRO PRO B . n 
C 1 52 LYS 52 51  51  LYS LYS B . n 
C 1 53 SER 53 52  52  SER SER B . n 
C 1 54 LYS 54 53  53  LYS LYS B . n 
C 1 55 ASP 55 54  54  ASP ASP B . n 
C 1 56 LEU 56 55  55  LEU LEU B . n 
C 1 57 ILE 57 56  56  ILE ILE B . n 
C 1 58 ARG 58 57  57  ARG ARG B . n 
C 1 59 ALA 59 58  58  ALA ALA B . n 
C 1 60 LYS 60 59  59  LYS LYS B . n 
C 1 61 PHE 61 60  60  PHE PHE B . n 
C 1 62 THR 62 61  61  THR THR B . n 
C 1 63 GLU 63 62  62  GLU GLU B . n 
C 1 64 TYR 64 63  63  TYR TYR B . n 
C 1 65 LEU 65 64  64  LEU LEU B . n 
C 1 66 ASN 66 65  65  ASN ASN B . n 
C 1 67 ARG 67 66  66  ARG ARG B . n 
C 1 68 ALA 68 67  67  ALA ALA B . n 
C 1 69 GLU 69 68  68  GLU GLU B . n 
C 1 70 GLN 70 69  69  GLN GLN B . n 
C 1 71 LEU 71 70  70  LEU LEU B . n 
C 1 72 LYS 72 71  71  LYS LYS B . n 
C 1 73 LYS 73 72  72  LYS LYS B . n 
C 1 74 HIS 74 73  73  HIS HIS B . n 
C 1 75 LEU 75 74  74  LEU LEU B . n 
C 1 76 GLU 76 75  75  GLU GLU B . n 
C 1 77 SER 77 76  76  SER SER B . n 
C 1 78 GLU 78 77  77  GLU GLU B . n 
C 1 79 GLU 79 78  78  GLU GLU B . n 
C 1 80 ALA 80 79  79  ALA ALA B . n 
C 1 81 ASN 81 80  80  ASN ASN B . n 
C 1 82 ALA 82 81  81  ALA ALA B . n 
C 1 83 ALA 83 82  ?   ?   ?   B . n 
D 2 1  SER 1  181 ?   ?   ?   D . n 
D 2 2  GLU 2  182 ?   ?   ?   D . n 
D 2 3  ASN 3  183 183 ASN ASN D . n 
D 2 4  TYR 4  184 184 TYR TYR D . n 
D 2 5  SER 5  185 185 SER SER D . n 
D 2 6  ASN 6  186 186 ASN ASN D . n 
D 2 7  THR 7  187 187 THR THR D . n 
D 2 8  ASP 8  188 188 ASP ASP D . n 
D 2 9  PRO 9  189 189 PRO PRO D . n 
D 2 10 GLU 10 190 190 GLU GLU D . n 
D 2 11 GLU 11 191 191 GLU GLU D . n 
D 2 12 LEU 12 192 192 LEU LEU D . n 
D 2 13 LEU 13 193 193 LEU LEU D . n 
D 2 14 ARG 14 194 194 ARG ARG D . n 
D 2 15 LYS 15 195 195 LYS LYS D . n 
D 2 16 HIS 16 196 196 HIS HIS D . n 
D 2 17 VAL 17 197 197 VAL VAL D . n 
D 2 18 PHE 18 198 198 PHE PHE D . n 
D 2 19 PRO 19 199 199 PRO PRO D . n 
D 2 20 SER 20 200 200 SER SER D . n 
D 2 21 VAL 21 201 201 VAL VAL D . n 
D 2 22 PRO 22 202 202 PRO PRO D . n 
D 2 23 LYS 23 203 203 LYS LYS D . n 
# 
loop_
_pdbx_unobs_or_zero_occ_atoms.id 
_pdbx_unobs_or_zero_occ_atoms.PDB_model_num 
_pdbx_unobs_or_zero_occ_atoms.polymer_flag 
_pdbx_unobs_or_zero_occ_atoms.occupancy_flag 
_pdbx_unobs_or_zero_occ_atoms.auth_asym_id 
_pdbx_unobs_or_zero_occ_atoms.auth_comp_id 
_pdbx_unobs_or_zero_occ_atoms.auth_seq_id 
_pdbx_unobs_or_zero_occ_atoms.PDB_ins_code 
_pdbx_unobs_or_zero_occ_atoms.auth_atom_id 
_pdbx_unobs_or_zero_occ_atoms.label_alt_id 
_pdbx_unobs_or_zero_occ_atoms.label_asym_id 
_pdbx_unobs_or_zero_occ_atoms.label_comp_id 
_pdbx_unobs_or_zero_occ_atoms.label_seq_id 
_pdbx_unobs_or_zero_occ_atoms.label_atom_id 
1  1 Y 1 A MET 1   ? CG  ? A MET 2  CG  
2  1 Y 1 A MET 1   ? SD  ? A MET 2  SD  
3  1 Y 1 A MET 1   ? CE  ? A MET 2  CE  
4  1 Y 1 A LYS 16  ? CG  ? A LYS 17 CG  
5  1 Y 1 A LYS 16  ? CD  ? A LYS 17 CD  
6  1 Y 1 A LYS 16  ? CE  ? A LYS 17 CE  
7  1 Y 1 A LYS 16  ? NZ  ? A LYS 17 NZ  
8  1 Y 1 A GLU 27  ? CD  ? A GLU 28 CD  
9  1 Y 1 A GLU 27  ? OE1 ? A GLU 28 OE1 
10 1 Y 1 A GLU 27  ? OE2 ? A GLU 28 OE2 
11 1 Y 1 A GLU 28  ? CD  ? A GLU 29 CD  
12 1 Y 1 A GLU 28  ? OE1 ? A GLU 29 OE1 
13 1 Y 1 A GLU 28  ? OE2 ? A GLU 29 OE2 
14 1 Y 1 A TYR 39  ? CG  ? A TYR 40 CG  
15 1 Y 1 A LYS 45  ? CD  ? A LYS 46 CD  
16 1 Y 1 A LYS 45  ? CE  ? A LYS 46 CE  
17 1 Y 1 A LYS 45  ? NZ  ? A LYS 46 NZ  
18 1 Y 1 A TYR 46  ? CD1 ? A TYR 47 CD1 
19 1 Y 1 A TYR 46  ? CD2 ? A TYR 47 CD2 
20 1 Y 1 A TYR 46  ? CE1 ? A TYR 47 CE1 
21 1 Y 1 A TYR 46  ? CE2 ? A TYR 47 CE2 
22 1 Y 1 A TYR 46  ? CZ  ? A TYR 47 CZ  
23 1 Y 1 A TYR 46  ? OH  ? A TYR 47 OH  
24 1 Y 1 A GLU 78  ? CD  ? A GLU 79 CD  
25 1 Y 1 A GLU 78  ? OE1 ? A GLU 79 OE1 
26 1 Y 1 A GLU 78  ? OE2 ? A GLU 79 OE2 
27 1 Y 1 C GLU 182 ? CG  ? B GLU 2  CG  
28 1 Y 1 C GLU 182 ? CD  ? B GLU 2  CD  
29 1 Y 1 C GLU 182 ? OE1 ? B GLU 2  OE1 
30 1 Y 1 C GLU 182 ? OE2 ? B GLU 2  OE2 
31 1 Y 1 B GLU 12  ? OE1 ? C GLU 13 OE1 
32 1 Y 1 B GLU 12  ? OE2 ? C GLU 13 OE2 
33 1 Y 1 B LYS 16  ? CG  ? C LYS 17 CG  
34 1 Y 1 B LYS 16  ? CD  ? C LYS 17 CD  
35 1 Y 1 B LYS 16  ? CE  ? C LYS 17 CE  
36 1 Y 1 B LYS 16  ? NZ  ? C LYS 17 NZ  
37 1 Y 1 B GLU 27  ? CD  ? C GLU 28 CD  
38 1 Y 1 B GLU 27  ? OE1 ? C GLU 28 OE1 
39 1 Y 1 B GLU 27  ? OE2 ? C GLU 28 OE2 
40 1 Y 1 B GLU 28  ? CG  ? C GLU 29 CG  
41 1 Y 1 B GLU 28  ? CD  ? C GLU 29 CD  
42 1 Y 1 B GLU 28  ? OE1 ? C GLU 29 OE1 
43 1 Y 1 B GLU 28  ? OE2 ? C GLU 29 OE2 
44 1 Y 1 B LYS 48  ? CG  ? C LYS 49 CG  
45 1 Y 1 B LYS 48  ? CD  ? C LYS 49 CD  
46 1 Y 1 B LYS 48  ? CE  ? C LYS 49 CE  
47 1 Y 1 B LYS 48  ? NZ  ? C LYS 49 NZ  
48 1 Y 1 B LYS 51  ? CD  ? C LYS 52 CD  
49 1 Y 1 B LYS 51  ? CE  ? C LYS 52 CE  
50 1 Y 1 B LYS 51  ? NZ  ? C LYS 52 NZ  
51 1 Y 1 D ASN 183 ? CG  ? D ASN 3  CG  
52 1 Y 1 D ASN 183 ? OD1 ? D ASN 3  OD1 
53 1 Y 1 D ASN 183 ? ND2 ? D ASN 3  ND2 
54 1 Y 1 D LYS 195 ? CG  ? D LYS 15 CG  
55 1 Y 1 D LYS 195 ? CD  ? D LYS 15 CD  
56 1 Y 1 D LYS 195 ? CE  ? D LYS 15 CE  
57 1 Y 1 D LYS 195 ? NZ  ? D LYS 15 NZ  
58 1 Y 1 D LYS 203 ? CG  ? D LYS 23 CG  
59 1 Y 1 D LYS 203 ? CD  ? D LYS 23 CD  
60 1 Y 1 D LYS 203 ? CE  ? D LYS 23 CE  
61 1 Y 1 D LYS 203 ? NZ  ? D LYS 23 NZ  
# 
loop_
_software.pdbx_ordinal 
_software.name 
_software.version 
_software.date 
_software.type 
_software.contact_author 
_software.contact_author_email 
_software.classification 
_software.location 
_software.language 
_software.citation_id 
1 DENZO       .          ?                                 package 'Zbyszek Otwinowski' hkl@hkl-xray.com            
'data reduction'  http://www.hkl-xray.com/                    ?   ? 
2 SCALEPACK   .          ?                                 package 'Zbyszek Otwinowski' hkl@hkl-xray.com            'data scaling' 
http://www.hkl-xray.com/                    ?   ? 
3 PHASER      2.3.0      'Tue Jan 25 17:53:24 2011 (svn )' program 'Randy J. Read'      cimr-phaser@lists.cam.ac.uk phasing 
http://www-structmed.cimr.cam.ac.uk/phaser/ ?   ? 
4 PHENIX      1.8.4_1496 ?                                 package 'Paul D. Adams'      PDAdams@lbl.gov             refinement 
http://www.phenix-online.org/               C++ ? 
5 PDB_EXTRACT 3.11       'April 22, 2011'                  package PDB                  deposit@deposit.rcsb.org    
'data extraction' http://sw-tools.pdb.org/apps/PDB_EXTRACT/   C++ ? 
6 HKL-3000    .          ?                                 ?       ?                    ?                           
'data collection' ?                                           ?   ? 
# 
_cell.length_a           38.476 
_cell.length_b           56.711 
_cell.length_c           84.233 
_cell.angle_alpha        90.000 
_cell.angle_beta         90.000 
_cell.angle_gamma        90.000 
_cell.entry_id           4NIQ 
_cell.pdbx_unique_axis   ? 
_cell.Z_PDB              8 
_cell.length_a_esd       ? 
_cell.length_b_esd       ? 
_cell.length_c_esd       ? 
_cell.angle_alpha_esd    ? 
_cell.angle_beta_esd     ? 
_cell.angle_gamma_esd    ? 
# 
_symmetry.space_group_name_H-M             'P 21 21 21' 
_symmetry.entry_id                         4NIQ 
_symmetry.Int_Tables_number                19 
_symmetry.pdbx_full_space_group_name_H-M   ? 
_symmetry.cell_setting                     ? 
_symmetry.space_group_name_Hall            ? 
# 
_exptl.crystals_number   1 
_exptl.entry_id          4NIQ 
_exptl.method            'X-RAY DIFFRACTION' 
# 
_exptl_crystal.id                    1 
_exptl_crystal.density_Matthews      1.88 
_exptl_crystal.density_meas          ? 
_exptl_crystal.density_percent_sol   34.58 
_exptl_crystal.description           ? 
_exptl_crystal.F_000                 ? 
_exptl_crystal.preparation           ? 
# 
_exptl_crystal_grow.crystal_id      1 
_exptl_crystal_grow.method          'VAPOR DIFFUSION, HANGING DROP' 
_exptl_crystal_grow.pH              6.5 
_exptl_crystal_grow.temp            293 
_exptl_crystal_grow.pdbx_details    
'26% PEG 4000, 10% (v/v) isopropanol, 0.1M HEPES, pH 6.5, VAPOR DIFFUSION, HANGING DROP, temperature 293K' 
_exptl_crystal_grow.temp_details    ? 
_exptl_crystal_grow.pdbx_pH_range   ? 
# 
_diffrn.id                     1 
_diffrn.ambient_temp           190 
_diffrn.ambient_temp_details   ? 
_diffrn.crystal_id             1 
# 
_diffrn_detector.diffrn_id              1 
_diffrn_detector.detector               CCD 
_diffrn_detector.type                   'MARMOSAIC 300 mm CCD' 
_diffrn_detector.pdbx_collection_date   2013-04-23 
_diffrn_detector.details                ? 
# 
_diffrn_radiation.diffrn_id                        1 
_diffrn_radiation.pdbx_diffrn_protocol             'SINGLE WAVELENGTH' 
_diffrn_radiation.monochromator                    'diamond laue monochromators with beryllium lenses' 
_diffrn_radiation.wavelength_id                    1 
_diffrn_radiation.pdbx_monochromatic_or_laue_m_l   M 
_diffrn_radiation.pdbx_scattering_type             x-ray 
# 
_diffrn_radiation_wavelength.id           1 
_diffrn_radiation_wavelength.wavelength   0.9998 
_diffrn_radiation_wavelength.wt           1.0 
# 
_diffrn_source.diffrn_id                   1 
_diffrn_source.source                      SYNCHROTRON 
_diffrn_source.type                        'APS BEAMLINE 21-ID-D' 
_diffrn_source.pdbx_wavelength_list        0.9998 
_diffrn_source.pdbx_wavelength             ? 
_diffrn_source.pdbx_synchrotron_site       APS 
_diffrn_source.pdbx_synchrotron_beamline   21-ID-D 
# 
_reflns.entry_id                     4NIQ 
_reflns.d_resolution_high            2.300 
_reflns.d_resolution_low             50.000 
_reflns.number_obs                   8662 
_reflns.pdbx_Rmerge_I_obs            0.044 
_reflns.pdbx_netI_over_sigmaI        14.700 
_reflns.pdbx_chi_squared             0.903 
_reflns.pdbx_redundancy              7.100 
_reflns.percent_possible_obs         99.900 
_reflns.B_iso_Wilson_estimate        43.110 
_reflns.observed_criterion_sigma_F   ? 
_reflns.observed_criterion_sigma_I   -3 
_reflns.number_all                   8671 
_reflns.pdbx_Rsym_value              ? 
_reflns.R_free_details               ? 
_reflns.limit_h_max                  ? 
_reflns.limit_h_min                  ? 
_reflns.limit_k_max                  ? 
_reflns.limit_k_min                  ? 
_reflns.limit_l_max                  ? 
_reflns.limit_l_min                  ? 
_reflns.observed_criterion_F_max     ? 
_reflns.observed_criterion_F_min     ? 
_reflns.pdbx_scaling_rejects         ? 
_reflns.pdbx_ordinal                 1 
_reflns.pdbx_diffrn_id               1 
# 
loop_
_reflns_shell.d_res_high 
_reflns_shell.d_res_low 
_reflns_shell.number_measured_obs 
_reflns_shell.number_measured_all 
_reflns_shell.number_unique_obs 
_reflns_shell.Rmerge_I_obs 
_reflns_shell.meanI_over_sigI_obs 
_reflns_shell.pdbx_Rsym_value 
_reflns_shell.pdbx_chi_squared 
_reflns_shell.pdbx_redundancy 
_reflns_shell.percent_possible_obs 
_reflns_shell.number_unique_all 
_reflns_shell.percent_possible_all 
_reflns_shell.pdbx_ordinal 
_reflns_shell.pdbx_diffrn_id 
2.300 2.380  ? ? ? 0.336 ? ? 0.890 7.300 ? 840 100.000 1  1 
2.380 2.480  ? ? ? 0.247 ? ? 0.942 7.200 ? 850 100.000 2  1 
2.480 2.590  ? ? ? 0.189 ? ? 1.033 7.300 ? 853 100.000 3  1 
2.590 2.730  ? ? ? 0.133 ? ? 1.051 7.300 ? 849 100.000 4  1 
2.730 2.900  ? ? ? 0.104 ? ? 0.919 7.300 ? 840 100.000 5  1 
2.900 3.120  ? ? ? 0.067 ? ? 0.839 7.200 ? 859 100.000 6  1 
3.120 3.440  ? ? ? 0.055 ? ? 0.970 7.200 ? 863 100.000 7  1 
3.440 3.930  ? ? ? 0.042 ? ? 1.127 7.100 ? 869 100.000 8  1 
3.930 4.950  ? ? ? 0.027 ? ? 0.651 7.000 ? 894 100.000 9  1 
4.950 50.000 ? ? ? 0.023 ? ? 0.594 6.400 ? 945 98.800  10 1 
# 
_refine.entry_id                                 4NIQ 
_refine.ls_d_res_high                            2.3010 
_refine.ls_d_res_low                             34.9980 
_refine.pdbx_ls_sigma_F                          1.360 
_refine.pdbx_data_cutoff_high_absF               ? 
_refine.pdbx_data_cutoff_low_absF                ? 
_refine.ls_percent_reflns_obs                    99.6800 
_refine.ls_number_reflns_obs                     8613 
_refine.ls_number_reflns_all                     ? 
_refine.pdbx_ls_cross_valid_method               ? 
_refine.pdbx_R_Free_selection_details            ? 
_refine.details                                  ? 
_refine.ls_R_factor_all                          ? 
_refine.ls_R_factor_obs                          0.2379 
_refine.ls_R_factor_R_work                       0.2358 
_refine.ls_wR_factor_R_work                      ? 
_refine.ls_R_factor_R_free                       0.2566 
_refine.ls_wR_factor_R_free                      ? 
_refine.ls_percent_reflns_R_free                 10.0000 
_refine.ls_number_reflns_R_free                  861 
_refine.ls_R_factor_R_free_error                 ? 
_refine.B_iso_mean                               48.6229 
_refine.solvent_model_param_bsol                 ? 
_refine.solvent_model_param_ksol                 ? 
_refine.pdbx_isotropic_thermal_model             ? 
_refine.aniso_B[1][1]                            ? 
_refine.aniso_B[2][2]                            ? 
_refine.aniso_B[3][3]                            ? 
_refine.aniso_B[1][2]                            ? 
_refine.aniso_B[1][3]                            ? 
_refine.aniso_B[2][3]                            ? 
_refine.correlation_coeff_Fo_to_Fc               ? 
_refine.correlation_coeff_Fo_to_Fc_free          ? 
_refine.overall_SU_R_Cruickshank_DPI             ? 
_refine.overall_SU_R_free                        ? 
_refine.pdbx_overall_ESU_R                       ? 
_refine.pdbx_overall_ESU_R_Free                  ? 
_refine.overall_SU_ML                            0.3000 
_refine.overall_SU_B                             ? 
_refine.solvent_model_details                    'FLAT BULK SOLVENT MODEL' 
_refine.pdbx_solvent_vdw_probe_radii             1.1100 
_refine.pdbx_solvent_ion_probe_radii             ? 
_refine.pdbx_solvent_shrinkage_radii             0.9000 
_refine.ls_number_parameters                     ? 
_refine.ls_number_restraints                     ? 
_refine.pdbx_starting_model                      ? 
_refine.pdbx_method_to_determine_struct          'MOLECULAR REPLACEMENT' 
_refine.pdbx_stereochemistry_target_values       ML 
_refine.pdbx_stereochem_target_val_spec_case     ? 
_refine.overall_FOM_work_R_set                   ? 
_refine.B_iso_max                                89.250 
_refine.B_iso_min                                24.760 
_refine.pdbx_overall_phase_error                 28.7200 
_refine.occupancy_max                            1.000 
_refine.occupancy_min                            1.000 
_refine.pdbx_ls_sigma_I                          ? 
_refine.ls_redundancy_reflns_obs                 ? 
_refine.ls_R_factor_R_free_error_details         ? 
_refine.pdbx_data_cutoff_high_rms_absF           ? 
_refine.overall_FOM_free_R_set                   ? 
_refine.pdbx_diffrn_id                           1 
_refine.pdbx_refine_id                           'X-RAY DIFFRACTION' 
_refine.pdbx_TLS_residual_ADP_flag               ? 
_refine.pdbx_overall_SU_R_free_Cruickshank_DPI   ? 
_refine.pdbx_overall_SU_R_Blow_DPI               ? 
_refine.pdbx_overall_SU_R_free_Blow_DPI          ? 
# 
_refine_hist.pdbx_refine_id                   'X-RAY DIFFRACTION' 
_refine_hist.cycle_id                         LAST 
_refine_hist.pdbx_number_atoms_protein        1597 
_refine_hist.pdbx_number_atoms_nucleic_acid   0 
_refine_hist.pdbx_number_atoms_ligand         0 
_refine_hist.number_atoms_solvent             0 
_refine_hist.number_atoms_total               1597 
_refine_hist.d_res_high                       2.3010 
_refine_hist.d_res_low                        34.9980 
# 
loop_
_refine_ls_restr.type 
_refine_ls_restr.number 
_refine_ls_restr.dev_ideal 
_refine_ls_restr.dev_ideal_target 
_refine_ls_restr.weight 
_refine_ls_restr.pdbx_restraint_function 
_refine_ls_restr.pdbx_refine_id 
f_bond_d           1624 0.011  ? ? ? 'X-RAY DIFFRACTION' 
f_angle_d          2197 1.399  ? ? ? 'X-RAY DIFFRACTION' 
f_chiral_restr     248  0.075  ? ? ? 'X-RAY DIFFRACTION' 
f_plane_restr      284  0.005  ? ? ? 'X-RAY DIFFRACTION' 
f_dihedral_angle_d 596  18.037 ? ? ? 'X-RAY DIFFRACTION' 
# 
loop_
_refine_ls_shell.d_res_high 
_refine_ls_shell.d_res_low 
_refine_ls_shell.pdbx_total_number_of_bins_used 
_refine_ls_shell.percent_reflns_obs 
_refine_ls_shell.number_reflns_R_work 
_refine_ls_shell.R_factor_all 
_refine_ls_shell.R_factor_R_work 
_refine_ls_shell.R_factor_R_free 
_refine_ls_shell.percent_reflns_R_free 
_refine_ls_shell.number_reflns_R_free 
_refine_ls_shell.R_factor_R_free_error 
_refine_ls_shell.number_reflns_all 
_refine_ls_shell.number_reflns_obs 
_refine_ls_shell.redundancy_reflns_obs 
_refine_ls_shell.pdbx_refine_id 
2.3013 2.4455  6 100.0000 1269 . 0.3013 0.3428 . 141 . 1410 . . 'X-RAY DIFFRACTION' 
2.4455 2.6343  6 100.0000 1258 . 0.2744 0.3347 . 139 . 1397 . . 'X-RAY DIFFRACTION' 
2.6343 2.8992  6 100.0000 1271 . 0.2993 0.3160 . 141 . 1412 . . 'X-RAY DIFFRACTION' 
2.8992 3.3185  6 100.0000 1281 . 0.2445 0.2661 . 143 . 1424 . . 'X-RAY DIFFRACTION' 
3.3185 4.1798  6 100.0000 1304 . 0.2349 0.2706 . 145 . 1449 . . 'X-RAY DIFFRACTION' 
4.1798 35.0018 6 99.0000  1369 . 0.1987 0.2008 . 152 . 1521 . . 'X-RAY DIFFRACTION' 
# 
_struct.entry_id                  4NIQ 
_struct.title                     'Crystal Structure of Vps4 MIT-Vfa1 MIM2' 
_struct.pdbx_model_details        ? 
_struct.pdbx_CASP_flag            ? 
_struct.pdbx_model_type_details   ? 
# 
_struct_keywords.entry_id        4NIQ 
_struct_keywords.text            'cytosol, Protein transport' 
_struct_keywords.pdbx_keywords   'PROTEIN TRANSPORT' 
# 
loop_
_struct_asym.id 
_struct_asym.pdbx_blank_PDB_chainid_flag 
_struct_asym.pdbx_modified 
_struct_asym.entity_id 
_struct_asym.details 
A N N 1 ? 
B N N 2 ? 
C N N 1 ? 
D N N 2 ? 
# 
loop_
_struct_ref.id 
_struct_ref.db_name 
_struct_ref.db_code 
_struct_ref.pdbx_db_accession 
_struct_ref.entity_id 
_struct_ref.pdbx_seq_one_letter_code 
_struct_ref.pdbx_align_begin 
_struct_ref.pdbx_db_isoform 
1 UNP VPS4_YEAST P52917 1 
;MSTGDFLTKGIELVQKAIDLDTATQYEEAYTAYYNGLDYLMLALKYEKNPKSKDLIRAKFTEYLNRAEQLKKHLESEEAN
AA
;
1   ? 
2 UNP VFA1_YEAST P40080 2 ENYSNTDPEELLRKHVFPSVPK                                                                182 ? 
# 
loop_
_struct_ref_seq.align_id 
_struct_ref_seq.ref_id 
_struct_ref_seq.pdbx_PDB_id_code 
_struct_ref_seq.pdbx_strand_id 
_struct_ref_seq.seq_align_beg 
_struct_ref_seq.pdbx_seq_align_beg_ins_code 
_struct_ref_seq.seq_align_end 
_struct_ref_seq.pdbx_seq_align_end_ins_code 
_struct_ref_seq.pdbx_db_accession 
_struct_ref_seq.db_align_beg 
_struct_ref_seq.pdbx_db_align_beg_ins_code 
_struct_ref_seq.db_align_end 
_struct_ref_seq.pdbx_db_align_end_ins_code 
_struct_ref_seq.pdbx_auth_seq_align_beg 
_struct_ref_seq.pdbx_auth_seq_align_end 
1 1 4NIQ A 2 ? 83 ? P52917 1   ? 82  ? 1   82  
2 2 4NIQ C 2 ? 23 ? P40080 182 ? 203 ? 182 203 
3 1 4NIQ B 2 ? 83 ? P52917 1   ? 82  ? 1   82  
4 2 4NIQ D 2 ? 23 ? P40080 182 ? 203 ? 182 203 
# 
loop_
_struct_ref_seq_dif.align_id 
_struct_ref_seq_dif.pdbx_pdb_id_code 
_struct_ref_seq_dif.mon_id 
_struct_ref_seq_dif.pdbx_pdb_strand_id 
_struct_ref_seq_dif.seq_num 
_struct_ref_seq_dif.pdbx_pdb_ins_code 
_struct_ref_seq_dif.pdbx_seq_db_name 
_struct_ref_seq_dif.pdbx_seq_db_accession_code 
_struct_ref_seq_dif.db_mon_id 
_struct_ref_seq_dif.pdbx_seq_db_seq_num 
_struct_ref_seq_dif.details 
_struct_ref_seq_dif.pdbx_auth_seq_num 
_struct_ref_seq_dif.pdbx_ordinal 
1 4NIQ SER A 1 ? UNP P52917 ? ? 'expression tag' 0   1 
2 4NIQ SER C 1 ? UNP P40080 ? ? 'expression tag' 181 2 
3 4NIQ SER B 1 ? UNP P52917 ? ? 'expression tag' 0   3 
4 4NIQ SER D 1 ? UNP P40080 ? ? 'expression tag' 181 4 
# 
loop_
_pdbx_struct_assembly.id 
_pdbx_struct_assembly.details 
_pdbx_struct_assembly.method_details 
_pdbx_struct_assembly.oligomeric_details 
_pdbx_struct_assembly.oligomeric_count 
1 author_and_software_defined_assembly PISA dimeric 2 
2 author_and_software_defined_assembly PISA dimeric 2 
# 
loop_
_pdbx_struct_assembly_prop.biol_id 
_pdbx_struct_assembly_prop.type 
_pdbx_struct_assembly_prop.value 
_pdbx_struct_assembly_prop.details 
1 'ABSA (A^2)' 1810 ? 
1 MORE         -11  ? 
1 'SSA (A^2)'  6260 ? 
2 'ABSA (A^2)' 1740 ? 
2 MORE         -11  ? 
2 'SSA (A^2)'  5980 ? 
# 
loop_
_pdbx_struct_assembly_gen.assembly_id 
_pdbx_struct_assembly_gen.oper_expression 
_pdbx_struct_assembly_gen.asym_id_list 
1 1 A,B 
2 1 C,D 
# 
_pdbx_struct_oper_list.id                   1 
_pdbx_struct_oper_list.type                 'identity operation' 
_pdbx_struct_oper_list.name                 1_555 
_pdbx_struct_oper_list.symmetry_operation   x,y,z 
_pdbx_struct_oper_list.matrix[1][1]         1.0000000000 
_pdbx_struct_oper_list.matrix[1][2]         0.0000000000 
_pdbx_struct_oper_list.matrix[1][3]         0.0000000000 
_pdbx_struct_oper_list.vector[1]            0.0000000000 
_pdbx_struct_oper_list.matrix[2][1]         0.0000000000 
_pdbx_struct_oper_list.matrix[2][2]         1.0000000000 
_pdbx_struct_oper_list.matrix[2][3]         0.0000000000 
_pdbx_struct_oper_list.vector[2]            0.0000000000 
_pdbx_struct_oper_list.matrix[3][1]         0.0000000000 
_pdbx_struct_oper_list.matrix[3][2]         0.0000000000 
_pdbx_struct_oper_list.matrix[3][3]         1.0000000000 
_pdbx_struct_oper_list.vector[3]            0.0000000000 
# 
_struct_biol.id        1 
_struct_biol.details   ? 
# 
loop_
_struct_conf.conf_type_id 
_struct_conf.id 
_struct_conf.pdbx_PDB_helix_id 
_struct_conf.beg_label_comp_id 
_struct_conf.beg_label_asym_id 
_struct_conf.beg_label_seq_id 
_struct_conf.pdbx_beg_PDB_ins_code 
_struct_conf.end_label_comp_id 
_struct_conf.end_label_asym_id 
_struct_conf.end_label_seq_id 
_struct_conf.pdbx_end_PDB_ins_code 
_struct_conf.beg_auth_comp_id 
_struct_conf.beg_auth_asym_id 
_struct_conf.beg_auth_seq_id 
_struct_conf.end_auth_comp_id 
_struct_conf.end_auth_asym_id 
_struct_conf.end_auth_seq_id 
_struct_conf.pdbx_PDB_helix_class 
_struct_conf.details 
_struct_conf.pdbx_PDB_helix_length 
HELX_P HELX_P1 1 SER A 3  ? ALA A 24 ? SER A 2   ALA A 23  1 ? 22 
HELX_P HELX_P2 2 GLN A 26 ? GLU A 48 ? GLN A 25  GLU A 47  1 ? 23 
HELX_P HELX_P3 3 ASN A 50 ? ALA A 82 ? ASN A 49  ALA A 81  1 ? 33 
HELX_P HELX_P4 4 ASP B 8  ? HIS B 16 ? ASP C 188 HIS C 196 1 ? 9  
HELX_P HELX_P5 5 ASP C 6  ? ALA C 24 ? ASP B 5   ALA B 23  1 ? 19 
HELX_P HELX_P6 6 GLN C 26 ? GLU C 48 ? GLN B 25  GLU B 47  1 ? 23 
HELX_P HELX_P7 7 ASN C 50 ? ALA C 82 ? ASN B 49  ALA B 81  1 ? 33 
HELX_P HELX_P8 8 ASP D 8  ? HIS D 16 ? ASP D 188 HIS D 196 1 ? 9  
# 
_struct_conf_type.id          HELX_P 
_struct_conf_type.criteria    ? 
_struct_conf_type.reference   ? 
# 
_pdbx_validate_rmsd_bond.id                        1 
_pdbx_validate_rmsd_bond.PDB_model_num             1 
_pdbx_validate_rmsd_bond.auth_atom_id_1            C 
_pdbx_validate_rmsd_bond.auth_asym_id_1            A 
_pdbx_validate_rmsd_bond.auth_comp_id_1            LYS 
_pdbx_validate_rmsd_bond.auth_seq_id_1             48 
_pdbx_validate_rmsd_bond.PDB_ins_code_1            ? 
_pdbx_validate_rmsd_bond.label_alt_id_1            ? 
_pdbx_validate_rmsd_bond.auth_atom_id_2            N 
_pdbx_validate_rmsd_bond.auth_asym_id_2            A 
_pdbx_validate_rmsd_bond.auth_comp_id_2            ASN 
_pdbx_validate_rmsd_bond.auth_seq_id_2             49 
_pdbx_validate_rmsd_bond.PDB_ins_code_2            ? 
_pdbx_validate_rmsd_bond.label_alt_id_2            ? 
_pdbx_validate_rmsd_bond.bond_value                1.022 
_pdbx_validate_rmsd_bond.bond_target_value         1.336 
_pdbx_validate_rmsd_bond.bond_deviation            -0.314 
_pdbx_validate_rmsd_bond.bond_standard_deviation   0.023 
_pdbx_validate_rmsd_bond.linker_flag               Y 
# 
loop_
_pdbx_validate_rmsd_angle.id 
_pdbx_validate_rmsd_angle.PDB_model_num 
_pdbx_validate_rmsd_angle.auth_atom_id_1 
_pdbx_validate_rmsd_angle.auth_asym_id_1 
_pdbx_validate_rmsd_angle.auth_comp_id_1 
_pdbx_validate_rmsd_angle.auth_seq_id_1 
_pdbx_validate_rmsd_angle.PDB_ins_code_1 
_pdbx_validate_rmsd_angle.label_alt_id_1 
_pdbx_validate_rmsd_angle.auth_atom_id_2 
_pdbx_validate_rmsd_angle.auth_asym_id_2 
_pdbx_validate_rmsd_angle.auth_comp_id_2 
_pdbx_validate_rmsd_angle.auth_seq_id_2 
_pdbx_validate_rmsd_angle.PDB_ins_code_2 
_pdbx_validate_rmsd_angle.label_alt_id_2 
_pdbx_validate_rmsd_angle.auth_atom_id_3 
_pdbx_validate_rmsd_angle.auth_asym_id_3 
_pdbx_validate_rmsd_angle.auth_comp_id_3 
_pdbx_validate_rmsd_angle.auth_seq_id_3 
_pdbx_validate_rmsd_angle.PDB_ins_code_3 
_pdbx_validate_rmsd_angle.label_alt_id_3 
_pdbx_validate_rmsd_angle.angle_value 
_pdbx_validate_rmsd_angle.angle_target_value 
_pdbx_validate_rmsd_angle.angle_deviation 
_pdbx_validate_rmsd_angle.angle_standard_deviation 
_pdbx_validate_rmsd_angle.linker_flag 
1 1 CA A LYS 48 ? ? C A LYS 48 ? ? N  A ASN 49 ? ? 131.82 117.20 14.62  2.20 Y 
2 1 O  A LYS 48 ? ? C A LYS 48 ? ? N  A ASN 49 ? ? 107.47 122.70 -15.23 1.60 Y 
3 1 C  A LYS 48 ? ? N A ASN 49 ? ? CA A ASN 49 ? ? 140.42 121.70 18.72  2.50 Y 
4 1 O  A ASN 49 ? ? C A ASN 49 ? ? N  A PRO 50 ? ? 136.57 121.10 15.47  1.90 Y 
# 
loop_
_pdbx_validate_torsion.id 
_pdbx_validate_torsion.PDB_model_num 
_pdbx_validate_torsion.auth_comp_id 
_pdbx_validate_torsion.auth_asym_id 
_pdbx_validate_torsion.auth_seq_id 
_pdbx_validate_torsion.PDB_ins_code 
_pdbx_validate_torsion.label_alt_id 
_pdbx_validate_torsion.phi 
_pdbx_validate_torsion.psi 
1 1 GLU A 77  ? ? -55.81  -72.56  
2 1 ALA A 81  ? ? -88.47  -114.10 
3 1 ASN C 183 ? ? -119.41 62.01   
4 1 LYS C 195 ? ? -67.27  3.89    
5 1 HIS C 196 ? ? -164.84 106.71  
# 
_pdbx_validate_polymer_linkage.id               1 
_pdbx_validate_polymer_linkage.PDB_model_num    1 
_pdbx_validate_polymer_linkage.auth_atom_id_1   C 
_pdbx_validate_polymer_linkage.auth_asym_id_1   A 
_pdbx_validate_polymer_linkage.auth_comp_id_1   LYS 
_pdbx_validate_polymer_linkage.auth_seq_id_1    48 
_pdbx_validate_polymer_linkage.PDB_ins_code_1   ? 
_pdbx_validate_polymer_linkage.label_alt_id_1   ? 
_pdbx_validate_polymer_linkage.auth_atom_id_2   N 
_pdbx_validate_polymer_linkage.auth_asym_id_2   A 
_pdbx_validate_polymer_linkage.auth_comp_id_2   ASN 
_pdbx_validate_polymer_linkage.auth_seq_id_2    49 
_pdbx_validate_polymer_linkage.PDB_ins_code_2   ? 
_pdbx_validate_polymer_linkage.label_alt_id_2   ? 
_pdbx_validate_polymer_linkage.dist             1.02 
# 
_pdbx_phasing_MR.entry_id                     4NIQ 
_pdbx_phasing_MR.method_rotation              ? 
_pdbx_phasing_MR.method_translation           ? 
_pdbx_phasing_MR.model_details                ? 
_pdbx_phasing_MR.R_factor                     ? 
_pdbx_phasing_MR.R_rigid_body                 ? 
_pdbx_phasing_MR.correlation_coeff_Fo_to_Fc   ? 
_pdbx_phasing_MR.correlation_coeff_Io_to_Ic   ? 
_pdbx_phasing_MR.d_res_high_rotation          2.500 
_pdbx_phasing_MR.d_res_low_rotation           35.000 
_pdbx_phasing_MR.d_res_high_translation       2.500 
_pdbx_phasing_MR.d_res_low_translation        35.000 
_pdbx_phasing_MR.packing                      ? 
_pdbx_phasing_MR.reflns_percent_rotation      ? 
_pdbx_phasing_MR.reflns_percent_translation   ? 
_pdbx_phasing_MR.sigma_F_rotation             ? 
_pdbx_phasing_MR.sigma_F_translation          ? 
_pdbx_phasing_MR.sigma_I_rotation             ? 
_pdbx_phasing_MR.sigma_I_translation          ? 
# 
_phasing.method   MR 
# 
loop_
_pdbx_unobs_or_zero_occ_residues.id 
_pdbx_unobs_or_zero_occ_residues.PDB_model_num 
_pdbx_unobs_or_zero_occ_residues.polymer_flag 
_pdbx_unobs_or_zero_occ_residues.occupancy_flag 
_pdbx_unobs_or_zero_occ_residues.auth_asym_id 
_pdbx_unobs_or_zero_occ_residues.auth_comp_id 
_pdbx_unobs_or_zero_occ_residues.auth_seq_id 
_pdbx_unobs_or_zero_occ_residues.PDB_ins_code 
_pdbx_unobs_or_zero_occ_residues.label_asym_id 
_pdbx_unobs_or_zero_occ_residues.label_comp_id 
_pdbx_unobs_or_zero_occ_residues.label_seq_id 
1 1 Y 1 A SER 0   ? A SER 1  
2 1 Y 1 C SER 181 ? B SER 1  
3 1 Y 1 B SER 0   ? C SER 1  
4 1 Y 1 B MET 1   ? C MET 2  
5 1 Y 1 B SER 2   ? C SER 3  
6 1 Y 1 B THR 3   ? C THR 4  
7 1 Y 1 B ALA 82  ? C ALA 83 
8 1 Y 1 D SER 181 ? D SER 1  
9 1 Y 1 D GLU 182 ? D GLU 2  
# 
loop_
_chem_comp_atom.comp_id 
_chem_comp_atom.atom_id 
_chem_comp_atom.type_symbol 
_chem_comp_atom.pdbx_aromatic_flag 
_chem_comp_atom.pdbx_stereo_config 
_chem_comp_atom.pdbx_ordinal 
ALA N    N N N 1   
ALA CA   C N S 2   
ALA C    C N N 3   
ALA O    O N N 4   
ALA CB   C N N 5   
ALA OXT  O N N 6   
ALA H    H N N 7   
ALA H2   H N N 8   
ALA HA   H N N 9   
ALA HB1  H N N 10  
ALA HB2  H N N 11  
ALA HB3  H N N 12  
ALA HXT  H N N 13  
ARG N    N N N 14  
ARG CA   C N S 15  
ARG C    C N N 16  
ARG O    O N N 17  
ARG CB   C N N 18  
ARG CG   C N N 19  
ARG CD   C N N 20  
ARG NE   N N N 21  
ARG CZ   C N N 22  
ARG NH1  N N N 23  
ARG NH2  N N N 24  
ARG OXT  O N N 25  
ARG H    H N N 26  
ARG H2   H N N 27  
ARG HA   H N N 28  
ARG HB2  H N N 29  
ARG HB3  H N N 30  
ARG HG2  H N N 31  
ARG HG3  H N N 32  
ARG HD2  H N N 33  
ARG HD3  H N N 34  
ARG HE   H N N 35  
ARG HH11 H N N 36  
ARG HH12 H N N 37  
ARG HH21 H N N 38  
ARG HH22 H N N 39  
ARG HXT  H N N 40  
ASN N    N N N 41  
ASN CA   C N S 42  
ASN C    C N N 43  
ASN O    O N N 44  
ASN CB   C N N 45  
ASN CG   C N N 46  
ASN OD1  O N N 47  
ASN ND2  N N N 48  
ASN OXT  O N N 49  
ASN H    H N N 50  
ASN H2   H N N 51  
ASN HA   H N N 52  
ASN HB2  H N N 53  
ASN HB3  H N N 54  
ASN HD21 H N N 55  
ASN HD22 H N N 56  
ASN HXT  H N N 57  
ASP N    N N N 58  
ASP CA   C N S 59  
ASP C    C N N 60  
ASP O    O N N 61  
ASP CB   C N N 62  
ASP CG   C N N 63  
ASP OD1  O N N 64  
ASP OD2  O N N 65  
ASP OXT  O N N 66  
ASP H    H N N 67  
ASP H2   H N N 68  
ASP HA   H N N 69  
ASP HB2  H N N 70  
ASP HB3  H N N 71  
ASP HD2  H N N 72  
ASP HXT  H N N 73  
GLN N    N N N 74  
GLN CA   C N S 75  
GLN C    C N N 76  
GLN O    O N N 77  
GLN CB   C N N 78  
GLN CG   C N N 79  
GLN CD   C N N 80  
GLN OE1  O N N 81  
GLN NE2  N N N 82  
GLN OXT  O N N 83  
GLN H    H N N 84  
GLN H2   H N N 85  
GLN HA   H N N 86  
GLN HB2  H N N 87  
GLN HB3  H N N 88  
GLN HG2  H N N 89  
GLN HG3  H N N 90  
GLN HE21 H N N 91  
GLN HE22 H N N 92  
GLN HXT  H N N 93  
GLU N    N N N 94  
GLU CA   C N S 95  
GLU C    C N N 96  
GLU O    O N N 97  
GLU CB   C N N 98  
GLU CG   C N N 99  
GLU CD   C N N 100 
GLU OE1  O N N 101 
GLU OE2  O N N 102 
GLU OXT  O N N 103 
GLU H    H N N 104 
GLU H2   H N N 105 
GLU HA   H N N 106 
GLU HB2  H N N 107 
GLU HB3  H N N 108 
GLU HG2  H N N 109 
GLU HG3  H N N 110 
GLU HE2  H N N 111 
GLU HXT  H N N 112 
GLY N    N N N 113 
GLY CA   C N N 114 
GLY C    C N N 115 
GLY O    O N N 116 
GLY OXT  O N N 117 
GLY H    H N N 118 
GLY H2   H N N 119 
GLY HA2  H N N 120 
GLY HA3  H N N 121 
GLY HXT  H N N 122 
HIS N    N N N 123 
HIS CA   C N S 124 
HIS C    C N N 125 
HIS O    O N N 126 
HIS CB   C N N 127 
HIS CG   C Y N 128 
HIS ND1  N Y N 129 
HIS CD2  C Y N 130 
HIS CE1  C Y N 131 
HIS NE2  N Y N 132 
HIS OXT  O N N 133 
HIS H    H N N 134 
HIS H2   H N N 135 
HIS HA   H N N 136 
HIS HB2  H N N 137 
HIS HB3  H N N 138 
HIS HD1  H N N 139 
HIS HD2  H N N 140 
HIS HE1  H N N 141 
HIS HE2  H N N 142 
HIS HXT  H N N 143 
ILE N    N N N 144 
ILE CA   C N S 145 
ILE C    C N N 146 
ILE O    O N N 147 
ILE CB   C N S 148 
ILE CG1  C N N 149 
ILE CG2  C N N 150 
ILE CD1  C N N 151 
ILE OXT  O N N 152 
ILE H    H N N 153 
ILE H2   H N N 154 
ILE HA   H N N 155 
ILE HB   H N N 156 
ILE HG12 H N N 157 
ILE HG13 H N N 158 
ILE HG21 H N N 159 
ILE HG22 H N N 160 
ILE HG23 H N N 161 
ILE HD11 H N N 162 
ILE HD12 H N N 163 
ILE HD13 H N N 164 
ILE HXT  H N N 165 
LEU N    N N N 166 
LEU CA   C N S 167 
LEU C    C N N 168 
LEU O    O N N 169 
LEU CB   C N N 170 
LEU CG   C N N 171 
LEU CD1  C N N 172 
LEU CD2  C N N 173 
LEU OXT  O N N 174 
LEU H    H N N 175 
LEU H2   H N N 176 
LEU HA   H N N 177 
LEU HB2  H N N 178 
LEU HB3  H N N 179 
LEU HG   H N N 180 
LEU HD11 H N N 181 
LEU HD12 H N N 182 
LEU HD13 H N N 183 
LEU HD21 H N N 184 
LEU HD22 H N N 185 
LEU HD23 H N N 186 
LEU HXT  H N N 187 
LYS N    N N N 188 
LYS CA   C N S 189 
LYS C    C N N 190 
LYS O    O N N 191 
LYS CB   C N N 192 
LYS CG   C N N 193 
LYS CD   C N N 194 
LYS CE   C N N 195 
LYS NZ   N N N 196 
LYS OXT  O N N 197 
LYS H    H N N 198 
LYS H2   H N N 199 
LYS HA   H N N 200 
LYS HB2  H N N 201 
LYS HB3  H N N 202 
LYS HG2  H N N 203 
LYS HG3  H N N 204 
LYS HD2  H N N 205 
LYS HD3  H N N 206 
LYS HE2  H N N 207 
LYS HE3  H N N 208 
LYS HZ1  H N N 209 
LYS HZ2  H N N 210 
LYS HZ3  H N N 211 
LYS HXT  H N N 212 
MET N    N N N 213 
MET CA   C N S 214 
MET C    C N N 215 
MET O    O N N 216 
MET CB   C N N 217 
MET CG   C N N 218 
MET SD   S N N 219 
MET CE   C N N 220 
MET OXT  O N N 221 
MET H    H N N 222 
MET H2   H N N 223 
MET HA   H N N 224 
MET HB2  H N N 225 
MET HB3  H N N 226 
MET HG2  H N N 227 
MET HG3  H N N 228 
MET HE1  H N N 229 
MET HE2  H N N 230 
MET HE3  H N N 231 
MET HXT  H N N 232 
PHE N    N N N 233 
PHE CA   C N S 234 
PHE C    C N N 235 
PHE O    O N N 236 
PHE CB   C N N 237 
PHE CG   C Y N 238 
PHE CD1  C Y N 239 
PHE CD2  C Y N 240 
PHE CE1  C Y N 241 
PHE CE2  C Y N 242 
PHE CZ   C Y N 243 
PHE OXT  O N N 244 
PHE H    H N N 245 
PHE H2   H N N 246 
PHE HA   H N N 247 
PHE HB2  H N N 248 
PHE HB3  H N N 249 
PHE HD1  H N N 250 
PHE HD2  H N N 251 
PHE HE1  H N N 252 
PHE HE2  H N N 253 
PHE HZ   H N N 254 
PHE HXT  H N N 255 
PRO N    N N N 256 
PRO CA   C N S 257 
PRO C    C N N 258 
PRO O    O N N 259 
PRO CB   C N N 260 
PRO CG   C N N 261 
PRO CD   C N N 262 
PRO OXT  O N N 263 
PRO H    H N N 264 
PRO HA   H N N 265 
PRO HB2  H N N 266 
PRO HB3  H N N 267 
PRO HG2  H N N 268 
PRO HG3  H N N 269 
PRO HD2  H N N 270 
PRO HD3  H N N 271 
PRO HXT  H N N 272 
SER N    N N N 273 
SER CA   C N S 274 
SER C    C N N 275 
SER O    O N N 276 
SER CB   C N N 277 
SER OG   O N N 278 
SER OXT  O N N 279 
SER H    H N N 280 
SER H2   H N N 281 
SER HA   H N N 282 
SER HB2  H N N 283 
SER HB3  H N N 284 
SER HG   H N N 285 
SER HXT  H N N 286 
THR N    N N N 287 
THR CA   C N S 288 
THR C    C N N 289 
THR O    O N N 290 
THR CB   C N R 291 
THR OG1  O N N 292 
THR CG2  C N N 293 
THR OXT  O N N 294 
THR H    H N N 295 
THR H2   H N N 296 
THR HA   H N N 297 
THR HB   H N N 298 
THR HG1  H N N 299 
THR HG21 H N N 300 
THR HG22 H N N 301 
THR HG23 H N N 302 
THR HXT  H N N 303 
TYR N    N N N 304 
TYR CA   C N S 305 
TYR C    C N N 306 
TYR O    O N N 307 
TYR CB   C N N 308 
TYR CG   C Y N 309 
TYR CD1  C Y N 310 
TYR CD2  C Y N 311 
TYR CE1  C Y N 312 
TYR CE2  C Y N 313 
TYR CZ   C Y N 314 
TYR OH   O N N 315 
TYR OXT  O N N 316 
TYR H    H N N 317 
TYR H2   H N N 318 
TYR HA   H N N 319 
TYR HB2  H N N 320 
TYR HB3  H N N 321 
TYR HD1  H N N 322 
TYR HD2  H N N 323 
TYR HE1  H N N 324 
TYR HE2  H N N 325 
TYR HH   H N N 326 
TYR HXT  H N N 327 
VAL N    N N N 328 
VAL CA   C N S 329 
VAL C    C N N 330 
VAL O    O N N 331 
VAL CB   C N N 332 
VAL CG1  C N N 333 
VAL CG2  C N N 334 
VAL OXT  O N N 335 
VAL H    H N N 336 
VAL H2   H N N 337 
VAL HA   H N N 338 
VAL HB   H N N 339 
VAL HG11 H N N 340 
VAL HG12 H N N 341 
VAL HG13 H N N 342 
VAL HG21 H N N 343 
VAL HG22 H N N 344 
VAL HG23 H N N 345 
VAL HXT  H N N 346 
# 
loop_
_chem_comp_bond.comp_id 
_chem_comp_bond.atom_id_1 
_chem_comp_bond.atom_id_2 
_chem_comp_bond.value_order 
_chem_comp_bond.pdbx_aromatic_flag 
_chem_comp_bond.pdbx_stereo_config 
_chem_comp_bond.pdbx_ordinal 
ALA N   CA   sing N N 1   
ALA N   H    sing N N 2   
ALA N   H2   sing N N 3   
ALA CA  C    sing N N 4   
ALA CA  CB   sing N N 5   
ALA CA  HA   sing N N 6   
ALA C   O    doub N N 7   
ALA C   OXT  sing N N 8   
ALA CB  HB1  sing N N 9   
ALA CB  HB2  sing N N 10  
ALA CB  HB3  sing N N 11  
ALA OXT HXT  sing N N 12  
ARG N   CA   sing N N 13  
ARG N   H    sing N N 14  
ARG N   H2   sing N N 15  
ARG CA  C    sing N N 16  
ARG CA  CB   sing N N 17  
ARG CA  HA   sing N N 18  
ARG C   O    doub N N 19  
ARG C   OXT  sing N N 20  
ARG CB  CG   sing N N 21  
ARG CB  HB2  sing N N 22  
ARG CB  HB3  sing N N 23  
ARG CG  CD   sing N N 24  
ARG CG  HG2  sing N N 25  
ARG CG  HG3  sing N N 26  
ARG CD  NE   sing N N 27  
ARG CD  HD2  sing N N 28  
ARG CD  HD3  sing N N 29  
ARG NE  CZ   sing N N 30  
ARG NE  HE   sing N N 31  
ARG CZ  NH1  sing N N 32  
ARG CZ  NH2  doub N N 33  
ARG NH1 HH11 sing N N 34  
ARG NH1 HH12 sing N N 35  
ARG NH2 HH21 sing N N 36  
ARG NH2 HH22 sing N N 37  
ARG OXT HXT  sing N N 38  
ASN N   CA   sing N N 39  
ASN N   H    sing N N 40  
ASN N   H2   sing N N 41  
ASN CA  C    sing N N 42  
ASN CA  CB   sing N N 43  
ASN CA  HA   sing N N 44  
ASN C   O    doub N N 45  
ASN C   OXT  sing N N 46  
ASN CB  CG   sing N N 47  
ASN CB  HB2  sing N N 48  
ASN CB  HB3  sing N N 49  
ASN CG  OD1  doub N N 50  
ASN CG  ND2  sing N N 51  
ASN ND2 HD21 sing N N 52  
ASN ND2 HD22 sing N N 53  
ASN OXT HXT  sing N N 54  
ASP N   CA   sing N N 55  
ASP N   H    sing N N 56  
ASP N   H2   sing N N 57  
ASP CA  C    sing N N 58  
ASP CA  CB   sing N N 59  
ASP CA  HA   sing N N 60  
ASP C   O    doub N N 61  
ASP C   OXT  sing N N 62  
ASP CB  CG   sing N N 63  
ASP CB  HB2  sing N N 64  
ASP CB  HB3  sing N N 65  
ASP CG  OD1  doub N N 66  
ASP CG  OD2  sing N N 67  
ASP OD2 HD2  sing N N 68  
ASP OXT HXT  sing N N 69  
GLN N   CA   sing N N 70  
GLN N   H    sing N N 71  
GLN N   H2   sing N N 72  
GLN CA  C    sing N N 73  
GLN CA  CB   sing N N 74  
GLN CA  HA   sing N N 75  
GLN C   O    doub N N 76  
GLN C   OXT  sing N N 77  
GLN CB  CG   sing N N 78  
GLN CB  HB2  sing N N 79  
GLN CB  HB3  sing N N 80  
GLN CG  CD   sing N N 81  
GLN CG  HG2  sing N N 82  
GLN CG  HG3  sing N N 83  
GLN CD  OE1  doub N N 84  
GLN CD  NE2  sing N N 85  
GLN NE2 HE21 sing N N 86  
GLN NE2 HE22 sing N N 87  
GLN OXT HXT  sing N N 88  
GLU N   CA   sing N N 89  
GLU N   H    sing N N 90  
GLU N   H2   sing N N 91  
GLU CA  C    sing N N 92  
GLU CA  CB   sing N N 93  
GLU CA  HA   sing N N 94  
GLU C   O    doub N N 95  
GLU C   OXT  sing N N 96  
GLU CB  CG   sing N N 97  
GLU CB  HB2  sing N N 98  
GLU CB  HB3  sing N N 99  
GLU CG  CD   sing N N 100 
GLU CG  HG2  sing N N 101 
GLU CG  HG3  sing N N 102 
GLU CD  OE1  doub N N 103 
GLU CD  OE2  sing N N 104 
GLU OE2 HE2  sing N N 105 
GLU OXT HXT  sing N N 106 
GLY N   CA   sing N N 107 
GLY N   H    sing N N 108 
GLY N   H2   sing N N 109 
GLY CA  C    sing N N 110 
GLY CA  HA2  sing N N 111 
GLY CA  HA3  sing N N 112 
GLY C   O    doub N N 113 
GLY C   OXT  sing N N 114 
GLY OXT HXT  sing N N 115 
HIS N   CA   sing N N 116 
HIS N   H    sing N N 117 
HIS N   H2   sing N N 118 
HIS CA  C    sing N N 119 
HIS CA  CB   sing N N 120 
HIS CA  HA   sing N N 121 
HIS C   O    doub N N 122 
HIS C   OXT  sing N N 123 
HIS CB  CG   sing N N 124 
HIS CB  HB2  sing N N 125 
HIS CB  HB3  sing N N 126 
HIS CG  ND1  sing Y N 127 
HIS CG  CD2  doub Y N 128 
HIS ND1 CE1  doub Y N 129 
HIS ND1 HD1  sing N N 130 
HIS CD2 NE2  sing Y N 131 
HIS CD2 HD2  sing N N 132 
HIS CE1 NE2  sing Y N 133 
HIS CE1 HE1  sing N N 134 
HIS NE2 HE2  sing N N 135 
HIS OXT HXT  sing N N 136 
ILE N   CA   sing N N 137 
ILE N   H    sing N N 138 
ILE N   H2   sing N N 139 
ILE CA  C    sing N N 140 
ILE CA  CB   sing N N 141 
ILE CA  HA   sing N N 142 
ILE C   O    doub N N 143 
ILE C   OXT  sing N N 144 
ILE CB  CG1  sing N N 145 
ILE CB  CG2  sing N N 146 
ILE CB  HB   sing N N 147 
ILE CG1 CD1  sing N N 148 
ILE CG1 HG12 sing N N 149 
ILE CG1 HG13 sing N N 150 
ILE CG2 HG21 sing N N 151 
ILE CG2 HG22 sing N N 152 
ILE CG2 HG23 sing N N 153 
ILE CD1 HD11 sing N N 154 
ILE CD1 HD12 sing N N 155 
ILE CD1 HD13 sing N N 156 
ILE OXT HXT  sing N N 157 
LEU N   CA   sing N N 158 
LEU N   H    sing N N 159 
LEU N   H2   sing N N 160 
LEU CA  C    sing N N 161 
LEU CA  CB   sing N N 162 
LEU CA  HA   sing N N 163 
LEU C   O    doub N N 164 
LEU C   OXT  sing N N 165 
LEU CB  CG   sing N N 166 
LEU CB  HB2  sing N N 167 
LEU CB  HB3  sing N N 168 
LEU CG  CD1  sing N N 169 
LEU CG  CD2  sing N N 170 
LEU CG  HG   sing N N 171 
LEU CD1 HD11 sing N N 172 
LEU CD1 HD12 sing N N 173 
LEU CD1 HD13 sing N N 174 
LEU CD2 HD21 sing N N 175 
LEU CD2 HD22 sing N N 176 
LEU CD2 HD23 sing N N 177 
LEU OXT HXT  sing N N 178 
LYS N   CA   sing N N 179 
LYS N   H    sing N N 180 
LYS N   H2   sing N N 181 
LYS CA  C    sing N N 182 
LYS CA  CB   sing N N 183 
LYS CA  HA   sing N N 184 
LYS C   O    doub N N 185 
LYS C   OXT  sing N N 186 
LYS CB  CG   sing N N 187 
LYS CB  HB2  sing N N 188 
LYS CB  HB3  sing N N 189 
LYS CG  CD   sing N N 190 
LYS CG  HG2  sing N N 191 
LYS CG  HG3  sing N N 192 
LYS CD  CE   sing N N 193 
LYS CD  HD2  sing N N 194 
LYS CD  HD3  sing N N 195 
LYS CE  NZ   sing N N 196 
LYS CE  HE2  sing N N 197 
LYS CE  HE3  sing N N 198 
LYS NZ  HZ1  sing N N 199 
LYS NZ  HZ2  sing N N 200 
LYS NZ  HZ3  sing N N 201 
LYS OXT HXT  sing N N 202 
MET N   CA   sing N N 203 
MET N   H    sing N N 204 
MET N   H2   sing N N 205 
MET CA  C    sing N N 206 
MET CA  CB   sing N N 207 
MET CA  HA   sing N N 208 
MET C   O    doub N N 209 
MET C   OXT  sing N N 210 
MET CB  CG   sing N N 211 
MET CB  HB2  sing N N 212 
MET CB  HB3  sing N N 213 
MET CG  SD   sing N N 214 
MET CG  HG2  sing N N 215 
MET CG  HG3  sing N N 216 
MET SD  CE   sing N N 217 
MET CE  HE1  sing N N 218 
MET CE  HE2  sing N N 219 
MET CE  HE3  sing N N 220 
MET OXT HXT  sing N N 221 
PHE N   CA   sing N N 222 
PHE N   H    sing N N 223 
PHE N   H2   sing N N 224 
PHE CA  C    sing N N 225 
PHE CA  CB   sing N N 226 
PHE CA  HA   sing N N 227 
PHE C   O    doub N N 228 
PHE C   OXT  sing N N 229 
PHE CB  CG   sing N N 230 
PHE CB  HB2  sing N N 231 
PHE CB  HB3  sing N N 232 
PHE CG  CD1  doub Y N 233 
PHE CG  CD2  sing Y N 234 
PHE CD1 CE1  sing Y N 235 
PHE CD1 HD1  sing N N 236 
PHE CD2 CE2  doub Y N 237 
PHE CD2 HD2  sing N N 238 
PHE CE1 CZ   doub Y N 239 
PHE CE1 HE1  sing N N 240 
PHE CE2 CZ   sing Y N 241 
PHE CE2 HE2  sing N N 242 
PHE CZ  HZ   sing N N 243 
PHE OXT HXT  sing N N 244 
PRO N   CA   sing N N 245 
PRO N   CD   sing N N 246 
PRO N   H    sing N N 247 
PRO CA  C    sing N N 248 
PRO CA  CB   sing N N 249 
PRO CA  HA   sing N N 250 
PRO C   O    doub N N 251 
PRO C   OXT  sing N N 252 
PRO CB  CG   sing N N 253 
PRO CB  HB2  sing N N 254 
PRO CB  HB3  sing N N 255 
PRO CG  CD   sing N N 256 
PRO CG  HG2  sing N N 257 
PRO CG  HG3  sing N N 258 
PRO CD  HD2  sing N N 259 
PRO CD  HD3  sing N N 260 
PRO OXT HXT  sing N N 261 
SER N   CA   sing N N 262 
SER N   H    sing N N 263 
SER N   H2   sing N N 264 
SER CA  C    sing N N 265 
SER CA  CB   sing N N 266 
SER CA  HA   sing N N 267 
SER C   O    doub N N 268 
SER C   OXT  sing N N 269 
SER CB  OG   sing N N 270 
SER CB  HB2  sing N N 271 
SER CB  HB3  sing N N 272 
SER OG  HG   sing N N 273 
SER OXT HXT  sing N N 274 
THR N   CA   sing N N 275 
THR N   H    sing N N 276 
THR N   H2   sing N N 277 
THR CA  C    sing N N 278 
THR CA  CB   sing N N 279 
THR CA  HA   sing N N 280 
THR C   O    doub N N 281 
THR C   OXT  sing N N 282 
THR CB  OG1  sing N N 283 
THR CB  CG2  sing N N 284 
THR CB  HB   sing N N 285 
THR OG1 HG1  sing N N 286 
THR CG2 HG21 sing N N 287 
THR CG2 HG22 sing N N 288 
THR CG2 HG23 sing N N 289 
THR OXT HXT  sing N N 290 
TYR N   CA   sing N N 291 
TYR N   H    sing N N 292 
TYR N   H2   sing N N 293 
TYR CA  C    sing N N 294 
TYR CA  CB   sing N N 295 
TYR CA  HA   sing N N 296 
TYR C   O    doub N N 297 
TYR C   OXT  sing N N 298 
TYR CB  CG   sing N N 299 
TYR CB  HB2  sing N N 300 
TYR CB  HB3  sing N N 301 
TYR CG  CD1  doub Y N 302 
TYR CG  CD2  sing Y N 303 
TYR CD1 CE1  sing Y N 304 
TYR CD1 HD1  sing N N 305 
TYR CD2 CE2  doub Y N 306 
TYR CD2 HD2  sing N N 307 
TYR CE1 CZ   doub Y N 308 
TYR CE1 HE1  sing N N 309 
TYR CE2 CZ   sing Y N 310 
TYR CE2 HE2  sing N N 311 
TYR CZ  OH   sing N N 312 
TYR OH  HH   sing N N 313 
TYR OXT HXT  sing N N 314 
VAL N   CA   sing N N 315 
VAL N   H    sing N N 316 
VAL N   H2   sing N N 317 
VAL CA  C    sing N N 318 
VAL CA  CB   sing N N 319 
VAL CA  HA   sing N N 320 
VAL C   O    doub N N 321 
VAL C   OXT  sing N N 322 
VAL CB  CG1  sing N N 323 
VAL CB  CG2  sing N N 324 
VAL CB  HB   sing N N 325 
VAL CG1 HG11 sing N N 326 
VAL CG1 HG12 sing N N 327 
VAL CG1 HG13 sing N N 328 
VAL CG2 HG21 sing N N 329 
VAL CG2 HG22 sing N N 330 
VAL CG2 HG23 sing N N 331 
VAL OXT HXT  sing N N 332 
# 
_atom_sites.entry_id                    4NIQ 
_atom_sites.fract_transf_matrix[1][1]   0.01758276 
_atom_sites.fract_transf_matrix[1][2]   0.01213193 
_atom_sites.fract_transf_matrix[1][3]   -0.01480348 
_atom_sites.fract_transf_matrix[2][1]   -0.01284642 
_atom_sites.fract_transf_matrix[2][2]   0.00549075 
_atom_sites.fract_transf_matrix[2][3]   -0.01075844 
_atom_sites.fract_transf_matrix[3][1]   -0.00127554 
_atom_sites.fract_transf_matrix[3][2]   0.00982684 
_atom_sites.fract_transf_matrix[3][3]   0.00653839 
_atom_sites.fract_transf_vector[1]      0.044562 
_atom_sites.fract_transf_vector[2]      0.182979 
_atom_sites.fract_transf_vector[3]      0.381011 
# 
loop_
_atom_type.symbol 
C 
N 
O 
S 
# 
loop_
_atom_site.group_PDB 
_atom_site.id 
_atom_site.type_symbol 
_atom_site.label_atom_id 
_atom_site.label_alt_id 
_atom_site.label_comp_id 
_atom_site.label_asym_id 
_atom_site.label_entity_id 
_atom_site.label_seq_id 
_atom_site.pdbx_PDB_ins_code 
_atom_site.Cartn_x 
_atom_site.Cartn_y 
_atom_site.Cartn_z 
_atom_site.occupancy 
_atom_site.B_iso_or_equiv 
_atom_site.pdbx_formal_charge 
_atom_site.auth_seq_id 
_atom_site.auth_comp_id 
_atom_site.auth_asym_id 
_atom_site.auth_atom_id 
_atom_site.pdbx_PDB_model_num 
ATOM 1    N N   . MET A 1 2  ? 7.701   -21.103 17.583  1.00 68.94 ? 1   MET A N   1 
ATOM 2    C CA  . MET A 1 2  ? 6.348   -20.798 18.059  1.00 72.19 ? 1   MET A CA  1 
ATOM 3    C C   . MET A 1 2  ? 6.311   -19.710 19.150  1.00 74.90 ? 1   MET A C   1 
ATOM 4    O O   . MET A 1 2  ? 5.235   -19.357 19.651  1.00 74.46 ? 1   MET A O   1 
ATOM 5    C CB  . MET A 1 2  ? 5.682   -22.070 18.583  1.00 63.08 ? 1   MET A CB  1 
ATOM 6    N N   . SER A 1 3  ? 7.484   -19.187 19.509  1.00 67.28 ? 2   SER A N   1 
ATOM 7    C CA  . SER A 1 3  ? 7.585   -18.089 20.468  1.00 61.56 ? 2   SER A CA  1 
ATOM 8    C C   . SER A 1 3  ? 7.685   -16.752 19.734  1.00 66.20 ? 2   SER A C   1 
ATOM 9    O O   . SER A 1 3  ? 8.362   -16.657 18.713  1.00 61.99 ? 2   SER A O   1 
ATOM 10   C CB  . SER A 1 3  ? 8.809   -18.272 21.361  1.00 53.96 ? 2   SER A CB  1 
ATOM 11   O OG  . SER A 1 3  ? 10.014  -18.119 20.627  1.00 59.44 ? 2   SER A OG  1 
ATOM 12   N N   . THR A 1 4  ? 7.027   -15.716 20.254  1.00 63.05 ? 3   THR A N   1 
ATOM 13   C CA  . THR A 1 4  ? 7.030   -14.423 19.573  1.00 53.83 ? 3   THR A CA  1 
ATOM 14   C C   . THR A 1 4  ? 8.463   -13.964 19.360  1.00 54.75 ? 3   THR A C   1 
ATOM 15   O O   . THR A 1 4  ? 8.741   -13.151 18.473  1.00 54.41 ? 3   THR A O   1 
ATOM 16   C CB  . THR A 1 4  ? 6.238   -13.324 20.338  1.00 56.36 ? 3   THR A CB  1 
ATOM 17   O OG1 . THR A 1 4  ? 7.061   -12.719 21.349  1.00 51.54 ? 3   THR A OG1 1 
ATOM 18   C CG2 . THR A 1 4  ? 5.001   -13.909 20.970  1.00 53.55 ? 3   THR A CG2 1 
ATOM 19   N N   . GLY A 1 5  ? 9.376   -14.485 20.172  1.00 57.50 ? 4   GLY A N   1 
ATOM 20   C CA  . GLY A 1 5  ? 10.780  -14.187 19.984  1.00 52.46 ? 4   GLY A CA  1 
ATOM 21   C C   . GLY A 1 5  ? 11.230  -14.755 18.656  1.00 52.12 ? 4   GLY A C   1 
ATOM 22   O O   . GLY A 1 5  ? 12.050  -14.161 17.956  1.00 53.17 ? 4   GLY A O   1 
ATOM 23   N N   . ASP A 1 6  ? 10.686  -15.914 18.309  1.00 51.39 ? 5   ASP A N   1 
ATOM 24   C CA  . ASP A 1 6  ? 11.068  -16.585 17.070  1.00 58.81 ? 5   ASP A CA  1 
ATOM 25   C C   . ASP A 1 6  ? 10.407  -15.960 15.827  1.00 54.77 ? 5   ASP A C   1 
ATOM 26   O O   . ASP A 1 6  ? 11.066  -15.759 14.796  1.00 47.87 ? 5   ASP A O   1 
ATOM 27   C CB  . ASP A 1 6  ? 10.760  -18.083 17.144  1.00 66.28 ? 5   ASP A CB  1 
ATOM 28   C CG  . ASP A 1 6  ? 11.119  -18.809 15.862  1.00 71.62 ? 5   ASP A CG  1 
ATOM 29   O OD1 . ASP A 1 6  ? 12.316  -18.794 15.490  1.00 68.73 ? 5   ASP A OD1 1 
ATOM 30   O OD2 . ASP A 1 6  ? 10.201  -19.378 15.222  1.00 76.88 ? 5   ASP A OD2 1 
ATOM 31   N N   . PHE A 1 7  ? 9.108   -15.664 15.921  1.00 47.12 ? 6   PHE A N   1 
ATOM 32   C CA  . PHE A 1 7  ? 8.438   -14.900 14.883  1.00 48.68 ? 6   PHE A CA  1 
ATOM 33   C C   . PHE A 1 7  ? 9.142   -13.565 14.693  1.00 48.19 ? 6   PHE A C   1 
ATOM 34   O O   . PHE A 1 7  ? 9.429   -13.143 13.569  1.00 43.20 ? 6   PHE A O   1 
ATOM 35   C CB  . PHE A 1 7  ? 6.983   -14.656 15.261  1.00 50.55 ? 6   PHE A CB  1 
ATOM 36   C CG  . PHE A 1 7  ? 6.122   -15.882 15.176  1.00 54.80 ? 6   PHE A CG  1 
ATOM 37   C CD1 . PHE A 1 7  ? 6.227   -16.745 14.094  1.00 47.03 ? 6   PHE A CD1 1 
ATOM 38   C CD2 . PHE A 1 7  ? 5.198   -16.165 16.167  1.00 60.25 ? 6   PHE A CD2 1 
ATOM 39   C CE1 . PHE A 1 7  ? 5.425   -17.868 13.998  1.00 48.40 ? 6   PHE A CE1 1 
ATOM 40   C CE2 . PHE A 1 7  ? 4.389   -17.288 16.077  1.00 62.98 ? 6   PHE A CE2 1 
ATOM 41   C CZ  . PHE A 1 7  ? 4.504   -18.140 14.983  1.00 53.50 ? 6   PHE A CZ  1 
ATOM 42   N N   . LEU A 1 8  ? 9.417   -12.914 15.818  1.00 40.88 ? 7   LEU A N   1 
ATOM 43   C CA  . LEU A 1 8  ? 10.085  -11.625 15.841  1.00 43.76 ? 7   LEU A CA  1 
ATOM 44   C C   . LEU A 1 8  ? 11.387  -11.681 15.064  1.00 44.48 ? 7   LEU A C   1 
ATOM 45   O O   . LEU A 1 8  ? 11.697  -10.804 14.252  1.00 40.91 ? 7   LEU A O   1 
ATOM 46   C CB  . LEU A 1 8  ? 10.392  -11.245 17.292  1.00 47.63 ? 7   LEU A CB  1 
ATOM 47   C CG  . LEU A 1 8  ? 10.272  -9.782  17.692  1.00 45.74 ? 7   LEU A CG  1 
ATOM 48   C CD1 . LEU A 1 8  ? 9.260   -9.082  16.798  1.00 43.58 ? 7   LEU A CD1 1 
ATOM 49   C CD2 . LEU A 1 8  ? 9.865   -9.678  19.151  1.00 41.02 ? 7   LEU A CD2 1 
ATOM 50   N N   . THR A 1 9  ? 12.176  -12.706 15.357  1.00 46.36 ? 8   THR A N   1 
ATOM 51   C CA  . THR A 1 9  ? 13.439  -12.896 14.671  1.00 46.35 ? 8   THR A CA  1 
ATOM 52   C C   . THR A 1 9  ? 13.234  -13.028 13.170  1.00 42.56 ? 8   THR A C   1 
ATOM 53   O O   . THR A 1 9  ? 13.897  -12.359 12.386  1.00 47.37 ? 8   THR A O   1 
ATOM 54   C CB  . THR A 1 9  ? 14.148  -14.159 15.167  1.00 51.96 ? 8   THR A CB  1 
ATOM 55   O OG1 . THR A 1 9  ? 14.452  -14.017 16.556  1.00 43.75 ? 8   THR A OG1 1 
ATOM 56   C CG2 . THR A 1 9  ? 15.437  -14.390 14.378  1.00 38.56 ? 8   THR A CG2 1 
ATOM 57   N N   . LYS A 1 10 ? 12.328  -13.921 12.785  1.00 43.11 ? 9   LYS A N   1 
ATOM 58   C CA  . LYS A 1 10 ? 11.943  -14.098 11.390  1.00 49.04 ? 9   LYS A CA  1 
ATOM 59   C C   . LYS A 1 10 ? 11.464  -12.807 10.729  1.00 43.49 ? 9   LYS A C   1 
ATOM 60   O O   . LYS A 1 10 ? 11.893  -12.507 9.620   1.00 39.46 ? 9   LYS A O   1 
ATOM 61   C CB  . LYS A 1 10 ? 10.873  -15.179 11.261  1.00 45.52 ? 9   LYS A CB  1 
ATOM 62   C CG  . LYS A 1 10 ? 11.396  -16.576 11.560  1.00 45.22 ? 9   LYS A CG  1 
ATOM 63   C CD  . LYS A 1 10 ? 10.254  -17.573 11.702  1.00 48.55 ? 9   LYS A CD  1 
ATOM 64   C CE  . LYS A 1 10 ? 10.814  -18.938 12.054  1.00 50.64 ? 9   LYS A CE  1 
ATOM 65   N NZ  . LYS A 1 10 ? 12.141  -19.114 11.374  1.00 44.80 ? 9   LYS A NZ  1 
ATOM 66   N N   . GLY A 1 11 ? 10.598  -12.054 11.420  1.00 40.25 ? 10  GLY A N   1 
ATOM 67   C CA  . GLY A 1 11 ? 10.099  -10.780 10.934  1.00 42.64 ? 10  GLY A CA  1 
ATOM 68   C C   . GLY A 1 11 ? 11.217  -9.787  10.721  1.00 42.53 ? 10  GLY A C   1 
ATOM 69   O O   . GLY A 1 11 ? 11.360  -9.202  9.645   1.00 38.06 ? 10  GLY A O   1 
ATOM 70   N N   . ILE A 1 12 ? 12.040  -9.629  11.749  1.00 39.72 ? 11  ILE A N   1 
ATOM 71   C CA  . ILE A 1 12 ? 13.143  -8.683  11.706  1.00 40.39 ? 11  ILE A CA  1 
ATOM 72   C C   . ILE A 1 12 ? 14.132  -9.066  10.621  1.00 40.30 ? 11  ILE A C   1 
ATOM 73   O O   . ILE A 1 12 ? 14.710  -8.214  9.953   1.00 41.40 ? 11  ILE A O   1 
ATOM 74   C CB  . ILE A 1 12 ? 13.885  -8.616  13.064  1.00 40.49 ? 11  ILE A CB  1 
ATOM 75   C CG1 . ILE A 1 12 ? 13.056  -7.839  14.086  1.00 40.65 ? 11  ILE A CG1 1 
ATOM 76   C CG2 . ILE A 1 12 ? 15.263  -7.979  12.881  1.00 34.11 ? 11  ILE A CG2 1 
ATOM 77   C CD1 . ILE A 1 12 ? 13.585  -7.918  15.499  1.00 42.60 ? 11  ILE A CD1 1 
ATOM 78   N N   . GLU A 1 13 ? 14.341  -10.362 10.460  1.00 44.98 ? 12  GLU A N   1 
ATOM 79   C CA  . GLU A 1 13 ? 15.205  -10.848 9.396   1.00 49.67 ? 12  GLU A CA  1 
ATOM 80   C C   . GLU A 1 13 ? 14.628  -10.366 8.049   1.00 45.76 ? 12  GLU A C   1 
ATOM 81   O O   . GLU A 1 13 ? 15.305  -9.697  7.251   1.00 38.93 ? 12  GLU A O   1 
ATOM 82   C CB  . GLU A 1 13 ? 15.273  -12.375 9.461   1.00 51.58 ? 12  GLU A CB  1 
ATOM 83   C CG  . GLU A 1 13 ? 16.549  -12.987 8.925   1.00 66.12 ? 12  GLU A CG  1 
ATOM 84   C CD  . GLU A 1 13 ? 16.807  -14.386 9.484   1.00 77.33 ? 12  GLU A CD  1 
ATOM 85   O OE1 . GLU A 1 13 ? 15.896  -14.963 10.121  1.00 69.65 ? 12  GLU A OE1 1 
ATOM 86   O OE2 . GLU A 1 13 ? 17.928  -14.910 9.292   1.00 89.25 ? 12  GLU A OE2 1 
ATOM 87   N N   . LEU A 1 14 ? 13.360  -10.675 7.817   1.00 43.30 ? 13  LEU A N   1 
ATOM 88   C CA  . LEU A 1 14 ? 12.711  -10.277 6.564   1.00 39.45 ? 13  LEU A CA  1 
ATOM 89   C C   . LEU A 1 14 ? 12.694  -8.760  6.377   1.00 38.85 ? 13  LEU A C   1 
ATOM 90   O O   . LEU A 1 14 ? 12.904  -8.253  5.274   1.00 36.40 ? 13  LEU A O   1 
ATOM 91   C CB  . LEU A 1 14 ? 11.302  -10.863 6.483   1.00 38.01 ? 13  LEU A CB  1 
ATOM 92   C CG  . LEU A 1 14 ? 11.338  -12.379 6.338   1.00 33.52 ? 13  LEU A CG  1 
ATOM 93   C CD1 . LEU A 1 14 ? 10.048  -13.038 6.727   1.00 31.87 ? 13  LEU A CD1 1 
ATOM 94   C CD2 . LEU A 1 14 ? 11.761  -12.771 4.920   1.00 40.30 ? 13  LEU A CD2 1 
ATOM 95   N N   . VAL A 1 15 ? 12.479  -8.027  7.464   1.00 42.10 ? 14  VAL A N   1 
ATOM 96   C CA  . VAL A 1 15 ? 12.435  -6.574  7.360   1.00 44.58 ? 14  VAL A CA  1 
ATOM 97   C C   . VAL A 1 15 ? 13.814  -5.993  7.057   1.00 42.37 ? 14  VAL A C   1 
ATOM 98   O O   . VAL A 1 15 ? 13.917  -4.942  6.425   1.00 44.03 ? 14  VAL A O   1 
ATOM 99   C CB  . VAL A 1 15 ? 11.806  -5.914  8.617   1.00 37.43 ? 14  VAL A CB  1 
ATOM 100  C CG1 . VAL A 1 15 ? 11.905  -4.407  8.532   1.00 32.37 ? 14  VAL A CG1 1 
ATOM 101  C CG2 . VAL A 1 15 ? 10.356  -6.335  8.745   1.00 41.00 ? 14  VAL A CG2 1 
ATOM 102  N N   . GLN A 1 16 ? 14.870  -6.676  7.502   1.00 42.06 ? 15  GLN A N   1 
ATOM 103  C CA  . GLN A 1 16 ? 16.224  -6.204  7.230   1.00 44.09 ? 15  GLN A CA  1 
ATOM 104  C C   . GLN A 1 16 ? 16.533  -6.340  5.739   1.00 47.59 ? 15  GLN A C   1 
ATOM 105  O O   . GLN A 1 16 ? 17.049  -5.416  5.102   1.00 43.90 ? 15  GLN A O   1 
ATOM 106  C CB  . GLN A 1 16 ? 17.258  -6.965  8.061   1.00 46.79 ? 15  GLN A CB  1 
ATOM 107  C CG  . GLN A 1 16 ? 18.671  -6.450  7.874   1.00 44.27 ? 15  GLN A CG  1 
ATOM 108  C CD  . GLN A 1 16 ? 18.804  -4.981  8.195   1.00 47.89 ? 15  GLN A CD  1 
ATOM 109  O OE1 . GLN A 1 16 ? 18.983  -4.153  7.299   1.00 50.20 ? 15  GLN A OE1 1 
ATOM 110  N NE2 . GLN A 1 16 ? 18.728  -4.644  9.486   1.00 51.70 ? 15  GLN A NE2 1 
ATOM 111  N N   . LYS A 1 17 ? 16.213  -7.498  5.179   1.00 47.64 ? 16  LYS A N   1 
ATOM 112  C CA  . LYS A 1 17 ? 16.345  -7.670  3.734   1.00 51.81 ? 16  LYS A CA  1 
ATOM 113  C C   . LYS A 1 17 ? 15.550  -6.578  3.011   1.00 51.42 ? 16  LYS A C   1 
ATOM 114  O O   . LYS A 1 17 ? 16.057  -5.969  2.057   1.00 50.69 ? 16  LYS A O   1 
ATOM 115  C CB  . LYS A 1 17 ? 15.898  -9.068  3.278   1.00 41.46 ? 16  LYS A CB  1 
ATOM 116  N N   . ALA A 1 18 ? 14.324  -6.320  3.476   1.00 45.49 ? 17  ALA A N   1 
ATOM 117  C CA  . ALA A 1 18 ? 13.460  -5.312  2.835   1.00 46.24 ? 17  ALA A CA  1 
ATOM 118  C C   . ALA A 1 18 ? 14.142  -3.952  2.769   1.00 46.05 ? 17  ALA A C   1 
ATOM 119  O O   . ALA A 1 18 ? 14.062  -3.245  1.761   1.00 44.63 ? 17  ALA A O   1 
ATOM 120  C CB  . ALA A 1 18 ? 12.128  -5.192  3.571   1.00 40.14 ? 17  ALA A CB  1 
ATOM 121  N N   . ILE A 1 19 ? 14.820  -3.604  3.856   1.00 43.71 ? 18  ILE A N   1 
ATOM 122  C CA  . ILE A 1 19 ? 15.495  -2.327  3.969   1.00 46.12 ? 18  ILE A CA  1 
ATOM 123  C C   . ILE A 1 19 ? 16.710  -2.251  3.058   1.00 53.76 ? 18  ILE A C   1 
ATOM 124  O O   . ILE A 1 19 ? 16.939  -1.239  2.392   1.00 56.77 ? 18  ILE A O   1 
ATOM 125  C CB  . ILE A 1 19 ? 15.928  -2.076  5.419   1.00 47.50 ? 18  ILE A CB  1 
ATOM 126  C CG1 . ILE A 1 19 ? 14.692  -2.056  6.321   1.00 42.00 ? 18  ILE A CG1 1 
ATOM 127  C CG2 . ILE A 1 19 ? 16.709  -0.789  5.514   1.00 45.84 ? 18  ILE A CG2 1 
ATOM 128  C CD1 . ILE A 1 19 ? 14.925  -1.499  7.702   1.00 45.74 ? 18  ILE A CD1 1 
ATOM 129  N N   . ASP A 1 20 ? 17.490  -3.324  3.031   1.00 52.29 ? 19  ASP A N   1 
ATOM 130  C CA  . ASP A 1 20 ? 18.647  -3.391  2.145   1.00 55.09 ? 19  ASP A CA  1 
ATOM 131  C C   . ASP A 1 20 ? 18.209  -3.160  0.698   1.00 56.35 ? 19  ASP A C   1 
ATOM 132  O O   . ASP A 1 20 ? 18.763  -2.310  -0.004  1.00 57.18 ? 19  ASP A O   1 
ATOM 133  C CB  . ASP A 1 20 ? 19.372  -4.727  2.299   1.00 52.40 ? 19  ASP A CB  1 
ATOM 134  C CG  . ASP A 1 20 ? 20.054  -4.866  3.646   1.00 57.94 ? 19  ASP A CG  1 
ATOM 135  O OD1 . ASP A 1 20 ? 20.261  -3.821  4.314   1.00 60.51 ? 19  ASP A OD1 1 
ATOM 136  O OD2 . ASP A 1 20 ? 20.384  -6.018  4.023   1.00 63.98 ? 19  ASP A OD2 1 
ATOM 137  N N   . LEU A 1 21 ? 17.201  -3.912  0.269   1.00 52.40 ? 20  LEU A N   1 
ATOM 138  C CA  . LEU A 1 21 ? 16.567  -3.713  -1.029  1.00 47.37 ? 20  LEU A CA  1 
ATOM 139  C C   . LEU A 1 21 ? 16.022  -2.306  -1.218  1.00 51.18 ? 20  LEU A C   1 
ATOM 140  O O   . LEU A 1 21 ? 16.167  -1.718  -2.287  1.00 57.20 ? 20  LEU A O   1 
ATOM 141  C CB  . LEU A 1 21 ? 15.418  -4.690  -1.219  1.00 45.85 ? 20  LEU A CB  1 
ATOM 142  C CG  . LEU A 1 21 ? 15.772  -6.163  -1.393  1.00 53.12 ? 20  LEU A CG  1 
ATOM 143  C CD1 . LEU A 1 21 ? 14.500  -7.008  -1.542  1.00 52.21 ? 20  LEU A CD1 1 
ATOM 144  C CD2 . LEU A 1 21 ? 16.704  -6.360  -2.580  1.00 45.15 ? 20  LEU A CD2 1 
ATOM 145  N N   . ASP A 1 22 ? 15.364  -1.786  -0.192  1.00 50.33 ? 21  ASP A N   1 
ATOM 146  C CA  . ASP A 1 22 ? 14.801  -0.436  -0.240  1.00 54.68 ? 21  ASP A CA  1 
ATOM 147  C C   . ASP A 1 22 ? 15.929  0.575   -0.468  1.00 54.19 ? 21  ASP A C   1 
ATOM 148  O O   . ASP A 1 22 ? 15.885  1.380   -1.399  1.00 54.31 ? 21  ASP A O   1 
ATOM 149  C CB  . ASP A 1 22 ? 14.008  -0.160  1.056   1.00 49.31 ? 21  ASP A CB  1 
ATOM 150  C CG  . ASP A 1 22 ? 13.526  1.273   1.181   1.00 48.24 ? 21  ASP A CG  1 
ATOM 151  O OD1 . ASP A 1 22 ? 14.098  2.175   0.548   1.00 49.62 ? 21  ASP A OD1 1 
ATOM 152  O OD2 . ASP A 1 22 ? 12.574  1.501   1.955   1.00 50.89 ? 21  ASP A OD2 1 
ATOM 153  N N   . THR A 1 23 ? 16.949  0.514   0.376   1.00 56.66 ? 22  THR A N   1 
ATOM 154  C CA  . THR A 1 23 ? 18.120  1.369   0.210   1.00 58.59 ? 22  THR A CA  1 
ATOM 155  C C   . THR A 1 23 ? 18.728  1.227   -1.200  1.00 58.84 ? 22  THR A C   1 
ATOM 156  O O   . THR A 1 23 ? 19.161  2.215   -1.803  1.00 50.57 ? 22  THR A O   1 
ATOM 157  C CB  . THR A 1 23 ? 19.166  1.068   1.300   1.00 58.85 ? 22  THR A CB  1 
ATOM 158  O OG1 . THR A 1 23 ? 18.654  1.496   2.572   1.00 51.34 ? 22  THR A OG1 1 
ATOM 159  C CG2 . THR A 1 23 ? 20.477  1.791   1.005   1.00 57.38 ? 22  THR A CG2 1 
ATOM 160  N N   . ALA A 1 24 ? 18.727  -0.003  -1.718  1.00 58.98 ? 23  ALA A N   1 
ATOM 161  C CA  . ALA A 1 24 ? 19.261  -0.312  -3.046  1.00 58.74 ? 23  ALA A CA  1 
ATOM 162  C C   . ALA A 1 24 ? 18.250  -0.057  -4.176  1.00 60.38 ? 23  ALA A C   1 
ATOM 163  O O   . ALA A 1 24 ? 18.451  -0.498  -5.309  1.00 54.93 ? 23  ALA A O   1 
ATOM 164  C CB  . ALA A 1 24 ? 19.763  -1.754  -3.100  1.00 51.73 ? 23  ALA A CB  1 
ATOM 165  N N   . THR A 1 25 ? 17.166  0.640   -3.854  1.00 56.40 ? 24  THR A N   1 
ATOM 166  C CA  . THR A 1 25 ? 16.235  1.126   -4.864  1.00 53.21 ? 24  THR A CA  1 
ATOM 167  C C   . THR A 1 25 ? 15.558  0.017   -5.671  1.00 58.01 ? 24  THR A C   1 
ATOM 168  O O   . THR A 1 25 ? 15.074  0.261   -6.775  1.00 58.04 ? 24  THR A O   1 
ATOM 169  C CB  . THR A 1 25 ? 16.930  2.111   -5.824  1.00 54.03 ? 24  THR A CB  1 
ATOM 170  O OG1 . THR A 1 25 ? 17.726  3.034   -5.065  1.00 62.31 ? 24  THR A OG1 1 
ATOM 171  C CG2 . THR A 1 25 ? 15.906  2.895   -6.623  1.00 63.75 ? 24  THR A CG2 1 
ATOM 172  N N   . GLN A 1 26 ? 15.517  -1.199  -5.129  1.00 53.27 ? 25  GLN A N   1 
ATOM 173  C CA  . GLN A 1 26 ? 14.759  -2.279  -5.770  1.00 56.65 ? 25  GLN A CA  1 
ATOM 174  C C   . GLN A 1 26 ? 13.368  -2.362  -5.145  1.00 55.12 ? 25  GLN A C   1 
ATOM 175  O O   . GLN A 1 26 ? 12.968  -3.389  -4.579  1.00 57.55 ? 25  GLN A O   1 
ATOM 176  C CB  . GLN A 1 26 ? 15.485  -3.617  -5.633  1.00 57.89 ? 25  GLN A CB  1 
ATOM 177  C CG  . GLN A 1 26 ? 16.813  -3.688  -6.360  1.00 60.93 ? 25  GLN A CG  1 
ATOM 178  C CD  . GLN A 1 26 ? 17.112  -5.092  -6.866  1.00 66.56 ? 25  GLN A CD  1 
ATOM 179  O OE1 . GLN A 1 26 ? 17.905  -5.827  -6.270  1.00 63.69 ? 25  GLN A OE1 1 
ATOM 180  N NE2 . GLN A 1 26 ? 16.465  -5.477  -7.968  1.00 67.32 ? 25  GLN A NE2 1 
ATOM 181  N N   . TYR A 1 27 ? 12.635  -1.264  -5.261  1.00 52.25 ? 26  TYR A N   1 
ATOM 182  C CA  . TYR A 1 27 ? 11.410  -1.049  -4.505  1.00 48.14 ? 26  TYR A CA  1 
ATOM 183  C C   . TYR A 1 27 ? 10.366  -2.158  -4.619  1.00 49.92 ? 26  TYR A C   1 
ATOM 184  O O   . TYR A 1 27 ? 9.673   -2.470  -3.647  1.00 47.50 ? 26  TYR A O   1 
ATOM 185  C CB  . TYR A 1 27 ? 10.805  0.306   -4.888  1.00 48.05 ? 26  TYR A CB  1 
ATOM 186  C CG  . TYR A 1 27 ? 11.733  1.458   -4.553  1.00 54.15 ? 26  TYR A CG  1 
ATOM 187  C CD1 . TYR A 1 27 ? 12.419  1.484   -3.345  1.00 53.93 ? 26  TYR A CD1 1 
ATOM 188  C CD2 . TYR A 1 27 ? 11.927  2.515   -5.438  1.00 57.14 ? 26  TYR A CD2 1 
ATOM 189  C CE1 . TYR A 1 27 ? 13.263  2.526   -3.019  1.00 55.57 ? 26  TYR A CE1 1 
ATOM 190  C CE2 . TYR A 1 27 ? 12.773  3.570   -5.119  1.00 55.96 ? 26  TYR A CE2 1 
ATOM 191  C CZ  . TYR A 1 27 ? 13.435  3.566   -3.906  1.00 59.15 ? 26  TYR A CZ  1 
ATOM 192  O OH  . TYR A 1 27 ? 14.284  4.592   -3.567  1.00 63.97 ? 26  TYR A OH  1 
ATOM 193  N N   . GLU A 1 28 ? 10.241  -2.753  -5.792  1.00 47.61 ? 27  GLU A N   1 
ATOM 194  C CA  . GLU A 1 28 ? 9.239   -3.786  -5.964  1.00 41.20 ? 27  GLU A CA  1 
ATOM 195  C C   . GLU A 1 28 ? 9.580   -4.959  -5.050  1.00 47.61 ? 27  GLU A C   1 
ATOM 196  O O   . GLU A 1 28 ? 8.711   -5.521  -4.383  1.00 47.63 ? 27  GLU A O   1 
ATOM 197  C CB  . GLU A 1 28 ? 9.162   -4.221  -7.426  1.00 44.38 ? 27  GLU A CB  1 
ATOM 198  C CG  . GLU A 1 28 ? 7.750   -4.331  -7.965  1.00 48.34 ? 27  GLU A CG  1 
ATOM 199  N N   . GLU A 1 29 ? 10.855  -5.313  -4.990  1.00 46.71 ? 28  GLU A N   1 
ATOM 200  C CA  . GLU A 1 29 ? 11.263  -6.422  -4.141  1.00 46.22 ? 28  GLU A CA  1 
ATOM 201  C C   . GLU A 1 29 ? 11.225  -6.047  -2.640  1.00 45.92 ? 28  GLU A C   1 
ATOM 202  O O   . GLU A 1 29 ? 10.823  -6.856  -1.791  1.00 43.12 ? 28  GLU A O   1 
ATOM 203  C CB  . GLU A 1 29 ? 12.633  -6.946  -4.572  1.00 46.95 ? 28  GLU A CB  1 
ATOM 204  C CG  . GLU A 1 29 ? 12.662  -7.500  -5.995  1.00 48.85 ? 28  GLU A CG  1 
ATOM 205  N N   . ALA A 1 30 ? 11.628  -4.818  -2.320  1.00 49.33 ? 29  ALA A N   1 
ATOM 206  C CA  . ALA A 1 30 ? 11.545  -4.297  -0.949  1.00 40.38 ? 29  ALA A CA  1 
ATOM 207  C C   . ALA A 1 30 ? 10.111  -4.350  -0.438  1.00 44.51 ? 29  ALA A C   1 
ATOM 208  O O   . ALA A 1 30 ? 9.853   -4.721  0.721   1.00 41.97 ? 29  ALA A O   1 
ATOM 209  C CB  . ALA A 1 30 ? 12.046  -2.874  -0.898  1.00 36.16 ? 29  ALA A CB  1 
ATOM 210  N N   . TYR A 1 31 ? 9.181   -3.969  -1.308  1.00 39.02 ? 30  TYR A N   1 
ATOM 211  C CA  . TYR A 1 31 ? 7.781   -3.964  -0.948  1.00 40.17 ? 30  TYR A CA  1 
ATOM 212  C C   . TYR A 1 31 ? 7.338   -5.337  -0.444  1.00 39.20 ? 30  TYR A C   1 
ATOM 213  O O   . TYR A 1 31 ? 6.806   -5.455  0.666   1.00 39.50 ? 30  TYR A O   1 
ATOM 214  C CB  . TYR A 1 31 ? 6.909   -3.505  -2.127  1.00 42.96 ? 30  TYR A CB  1 
ATOM 215  C CG  . TYR A 1 31 ? 5.460   -3.401  -1.747  1.00 41.12 ? 30  TYR A CG  1 
ATOM 216  C CD1 . TYR A 1 31 ? 5.005   -2.320  -0.986  1.00 38.55 ? 30  TYR A CD1 1 
ATOM 217  C CD2 . TYR A 1 31 ? 4.544   -4.389  -2.112  1.00 34.22 ? 30  TYR A CD2 1 
ATOM 218  C CE1 . TYR A 1 31 ? 3.680   -2.217  -0.615  1.00 39.02 ? 30  TYR A CE1 1 
ATOM 219  C CE2 . TYR A 1 31 ? 3.194   -4.290  -1.737  1.00 31.61 ? 30  TYR A CE2 1 
ATOM 220  C CZ  . TYR A 1 31 ? 2.783   -3.209  -0.988  1.00 36.27 ? 30  TYR A CZ  1 
ATOM 221  O OH  . TYR A 1 31 ? 1.476   -3.089  -0.591  1.00 45.38 ? 30  TYR A OH  1 
ATOM 222  N N   . THR A 1 32 ? 7.560   -6.360  -1.267  1.00 37.18 ? 31  THR A N   1 
ATOM 223  C CA  . THR A 1 32 ? 7.233   -7.739  -0.921  1.00 38.57 ? 31  THR A CA  1 
ATOM 224  C C   . THR A 1 32 ? 7.928   -8.124  0.396   1.00 38.87 ? 31  THR A C   1 
ATOM 225  O O   . THR A 1 32 ? 7.315   -8.651  1.319   1.00 41.47 ? 31  THR A O   1 
ATOM 226  C CB  . THR A 1 32 ? 7.692   -8.684  -2.057  1.00 41.65 ? 31  THR A CB  1 
ATOM 227  O OG1 . THR A 1 32 ? 7.019   -8.323  -3.265  1.00 42.26 ? 31  THR A OG1 1 
ATOM 228  C CG2 . THR A 1 32 ? 7.410   -10.149 -1.731  1.00 35.23 ? 31  THR A CG2 1 
ATOM 229  N N   . ALA A 1 33 ? 9.211   -7.828  0.477   1.00 31.74 ? 32  ALA A N   1 
ATOM 230  C CA  . ALA A 1 33 ? 9.978   -8.144  1.660   1.00 40.17 ? 32  ALA A CA  1 
ATOM 231  C C   . ALA A 1 33 ? 9.367   -7.511  2.922   1.00 41.40 ? 32  ALA A C   1 
ATOM 232  O O   . ALA A 1 33 ? 9.166   -8.189  3.942   1.00 37.10 ? 32  ALA A O   1 
ATOM 233  C CB  . ALA A 1 33 ? 11.428  -7.705  1.463   1.00 41.68 ? 32  ALA A CB  1 
ATOM 234  N N   . TYR A 1 34 ? 9.069   -6.216  2.851   1.00 39.45 ? 33  TYR A N   1 
ATOM 235  C CA  . TYR A 1 34 ? 8.451   -5.525  3.981   1.00 37.50 ? 33  TYR A CA  1 
ATOM 236  C C   . TYR A 1 34 ? 7.195   -6.238  4.425   1.00 35.56 ? 33  TYR A C   1 
ATOM 237  O O   . TYR A 1 34 ? 6.975   -6.430  5.624   1.00 35.26 ? 33  TYR A O   1 
ATOM 238  C CB  . TYR A 1 34 ? 8.085   -4.088  3.632   1.00 39.19 ? 33  TYR A CB  1 
ATOM 239  C CG  . TYR A 1 34 ? 9.190   -3.070  3.778   1.00 35.89 ? 33  TYR A CG  1 
ATOM 240  C CD1 . TYR A 1 34 ? 9.875   -2.919  4.975   1.00 36.62 ? 33  TYR A CD1 1 
ATOM 241  C CD2 . TYR A 1 34 ? 9.517   -2.227  2.725   1.00 34.57 ? 33  TYR A CD2 1 
ATOM 242  C CE1 . TYR A 1 34 ? 10.886  -1.972  5.104   1.00 36.03 ? 33  TYR A CE1 1 
ATOM 243  C CE2 . TYR A 1 34 ? 10.495  -1.287  2.841   1.00 34.61 ? 33  TYR A CE2 1 
ATOM 244  C CZ  . TYR A 1 34 ? 11.194  -1.164  4.032   1.00 39.44 ? 33  TYR A CZ  1 
ATOM 245  O OH  . TYR A 1 34 ? 12.197  -0.222  4.132   1.00 44.89 ? 33  TYR A OH  1 
ATOM 246  N N   . TYR A 1 35 ? 6.364   -6.615  3.448   1.00 36.22 ? 34  TYR A N   1 
ATOM 247  C CA  . TYR A 1 35 ? 5.108   -7.283  3.742   1.00 33.63 ? 34  TYR A CA  1 
ATOM 248  C C   . TYR A 1 35 ? 5.269   -8.702  4.295   1.00 33.09 ? 34  TYR A C   1 
ATOM 249  O O   . TYR A 1 35 ? 4.448   -9.142  5.106   1.00 35.22 ? 34  TYR A O   1 
ATOM 250  C CB  . TYR A 1 35 ? 4.133   -7.209  2.548   1.00 37.09 ? 34  TYR A CB  1 
ATOM 251  C CG  . TYR A 1 35 ? 3.176   -6.052  2.713   1.00 37.84 ? 34  TYR A CG  1 
ATOM 252  C CD1 . TYR A 1 35 ? 2.039   -6.188  3.493   1.00 35.04 ? 34  TYR A CD1 1 
ATOM 253  C CD2 . TYR A 1 35 ? 3.443   -4.804  2.147   1.00 37.22 ? 34  TYR A CD2 1 
ATOM 254  C CE1 . TYR A 1 35 ? 1.185   -5.137  3.696   1.00 37.96 ? 34  TYR A CE1 1 
ATOM 255  C CE2 . TYR A 1 35 ? 2.586   -3.745  2.338   1.00 36.96 ? 34  TYR A CE2 1 
ATOM 256  C CZ  . TYR A 1 35 ? 1.455   -3.922  3.118   1.00 35.91 ? 34  TYR A CZ  1 
ATOM 257  O OH  . TYR A 1 35 ? 0.581   -2.895  3.316   1.00 35.37 ? 34  TYR A OH  1 
ATOM 258  N N   . ASN A 1 36 ? 6.318   -9.408  3.875   1.00 30.69 ? 35  ASN A N   1 
ATOM 259  C CA  . ASN A 1 36 ? 6.624   -10.686 4.506   1.00 33.01 ? 35  ASN A CA  1 
ATOM 260  C C   . ASN A 1 36 ? 6.928   -10.471 5.988   1.00 35.74 ? 35  ASN A C   1 
ATOM 261  O O   . ASN A 1 36 ? 6.362   -11.133 6.858   1.00 37.26 ? 35  ASN A O   1 
ATOM 262  C CB  . ASN A 1 36 ? 7.805   -11.385 3.822   1.00 40.15 ? 35  ASN A CB  1 
ATOM 263  C CG  . ASN A 1 36 ? 7.440   -11.962 2.471   1.00 39.14 ? 35  ASN A CG  1 
ATOM 264  O OD1 . ASN A 1 36 ? 6.301   -12.363 2.238   1.00 38.52 ? 35  ASN A OD1 1 
ATOM 265  N ND2 . ASN A 1 36 ? 8.418   -12.010 1.572   1.00 44.17 ? 35  ASN A ND2 1 
ATOM 266  N N   . GLY A 1 37 ? 7.815   -9.520  6.251   1.00 33.54 ? 36  GLY A N   1 
ATOM 267  C CA  . GLY A 1 37 ? 8.137   -9.085  7.601   1.00 33.69 ? 36  GLY A CA  1 
ATOM 268  C C   . GLY A 1 37 ? 6.934   -8.740  8.447   1.00 33.84 ? 36  GLY A C   1 
ATOM 269  O O   . GLY A 1 37 ? 6.881   -9.131  9.617   1.00 36.39 ? 36  GLY A O   1 
ATOM 270  N N   . LEU A 1 38 ? 5.966   -8.031  7.866   1.00 33.03 ? 37  LEU A N   1 
ATOM 271  C CA  . LEU A 1 38 ? 4.757   -7.624  8.597   1.00 34.87 ? 37  LEU A CA  1 
ATOM 272  C C   . LEU A 1 38 ? 3.900   -8.822  9.017   1.00 40.62 ? 37  LEU A C   1 
ATOM 273  O O   . LEU A 1 38 ? 3.238   -8.797  10.073  1.00 39.48 ? 37  LEU A O   1 
ATOM 274  C CB  . LEU A 1 38 ? 3.900   -6.639  7.787   1.00 37.22 ? 37  LEU A CB  1 
ATOM 275  C CG  . LEU A 1 38 ? 4.123   -5.119  7.828   1.00 39.07 ? 37  LEU A CG  1 
ATOM 276  C CD1 . LEU A 1 38 ? 4.851   -4.654  9.089   1.00 32.59 ? 37  LEU A CD1 1 
ATOM 277  C CD2 . LEU A 1 38 ? 4.871   -4.655  6.593   1.00 43.27 ? 37  LEU A CD2 1 
ATOM 278  N N   . ASP A 1 39 ? 3.901   -9.868  8.191   1.00 36.36 ? 38  ASP A N   1 
ATOM 279  C CA  . ASP A 1 39 ? 3.193   -11.090 8.558   1.00 32.30 ? 38  ASP A CA  1 
ATOM 280  C C   . ASP A 1 39 ? 3.747   -11.683 9.857   1.00 39.52 ? 38  ASP A C   1 
ATOM 281  O O   . ASP A 1 39 ? 3.006   -12.108 10.756  1.00 32.88 ? 38  ASP A O   1 
ATOM 282  C CB  . ASP A 1 39 ? 3.276   -12.118 7.443   1.00 44.54 ? 38  ASP A CB  1 
ATOM 283  C CG  . ASP A 1 39 ? 2.453   -11.730 6.239   1.00 39.78 ? 38  ASP A CG  1 
ATOM 284  O OD1 . ASP A 1 39 ? 1.568   -10.849 6.380   1.00 43.11 ? 38  ASP A OD1 1 
ATOM 285  O OD2 . ASP A 1 39 ? 2.720   -12.297 5.161   1.00 40.60 ? 38  ASP A OD2 1 
ATOM 286  N N   . TYR A 1 40 ? 5.065   -11.694 9.961   1.00 36.63 ? 39  TYR A N   1 
ATOM 287  C CA  . TYR A 1 40 ? 5.712   -12.200 11.159  1.00 37.00 ? 39  TYR A CA  1 
ATOM 288  C C   . TYR A 1 40 ? 5.460   -11.332 12.385  1.00 38.48 ? 39  TYR A C   1 
ATOM 289  O O   . TYR A 1 40 ? 5.086   -11.847 13.449  1.00 38.65 ? 39  TYR A O   1 
ATOM 290  C CB  . TYR A 1 40 ? 7.210   -12.313 10.935  1.00 40.72 ? 39  TYR A CB  1 
ATOM 291  C CD1 . TYR A 1 40 ? 6.975   -14.974 10.849  1.00 48.04 ? 39  TYR A CD1 1 
ATOM 292  C CD2 . TYR A 1 40 ? 7.783   -13.795 8.752   1.00 45.25 ? 39  TYR A CD2 1 
ATOM 293  C CE1 . TYR A 1 40 ? 7.085   -16.154 10.171  1.00 48.61 ? 39  TYR A CE1 1 
ATOM 294  C CE2 . TYR A 1 40 ? 7.866   -15.037 8.174   1.00 50.60 ? 39  TYR A CE2 1 
ATOM 295  C CZ  . TYR A 1 40 ? 7.518   -16.180 8.870   1.00 46.57 ? 39  TYR A CZ  1 
ATOM 296  O OH  . TYR A 1 40 ? 7.605   -17.391 8.241   1.00 49.46 ? 39  TYR A OH  1 
ATOM 297  N N   . LEU A 1 41 ? 5.676   -10.023 12.247  1.00 38.94 ? 40  LEU A N   1 
ATOM 298  C CA  . LEU A 1 41 ? 5.378   -9.102  13.343  1.00 37.17 ? 40  LEU A CA  1 
ATOM 299  C C   . LEU A 1 41 ? 3.944   -9.270  13.836  1.00 35.43 ? 40  LEU A C   1 
ATOM 300  O O   . LEU A 1 41 ? 3.687   -9.218  15.041  1.00 37.27 ? 40  LEU A O   1 
ATOM 301  C CB  . LEU A 1 41 ? 5.662   -7.653  12.964  1.00 30.51 ? 40  LEU A CB  1 
ATOM 302  C CG  . LEU A 1 41 ? 7.116   -7.193  13.146  1.00 43.31 ? 40  LEU A CG  1 
ATOM 303  C CD1 . LEU A 1 41 ? 8.057   -8.332  13.518  1.00 36.16 ? 40  LEU A CD1 1 
ATOM 304  C CD2 . LEU A 1 41 ? 7.616   -6.493  11.903  1.00 43.27 ? 40  LEU A CD2 1 
ATOM 305  N N   . MET A 1 42 ? 3.026   -9.515  12.908  1.00 36.86 ? 41  MET A N   1 
ATOM 306  C CA  . MET A 1 42 ? 1.622   -9.741  13.258  1.00 39.37 ? 41  MET A CA  1 
ATOM 307  C C   . MET A 1 42 ? 1.444   -11.008 14.100  1.00 42.57 ? 41  MET A C   1 
ATOM 308  O O   . MET A 1 42 ? 0.655   -11.041 15.047  1.00 43.63 ? 41  MET A O   1 
ATOM 309  C CB  . MET A 1 42 ? 0.762   -9.843  11.987  1.00 46.06 ? 41  MET A CB  1 
ATOM 310  C CG  . MET A 1 42 ? -0.735  -9.778  12.253  1.00 49.86 ? 41  MET A CG  1 
ATOM 311  S SD  . MET A 1 42 ? -1.320  -8.090  12.525  1.00 57.04 ? 41  MET A SD  1 
ATOM 312  C CE  . MET A 1 42 ? -1.442  -7.520  10.842  1.00 50.57 ? 41  MET A CE  1 
ATOM 313  N N   . LEU A 1 43 ? 2.166   -12.059 13.733  1.00 40.67 ? 42  LEU A N   1 
ATOM 314  C CA  . LEU A 1 43 ? 2.140   -13.305 14.487  1.00 40.88 ? 42  LEU A CA  1 
ATOM 315  C C   . LEU A 1 43 ? 2.784   -13.074 15.831  1.00 41.79 ? 42  LEU A C   1 
ATOM 316  O O   . LEU A 1 43 ? 2.317   -13.556 16.857  1.00 45.92 ? 42  LEU A O   1 
ATOM 317  C CB  . LEU A 1 43 ? 2.928   -14.394 13.760  1.00 43.42 ? 42  LEU A CB  1 
ATOM 318  C CG  . LEU A 1 43 ? 2.320   -14.961 12.488  1.00 45.03 ? 42  LEU A CG  1 
ATOM 319  C CD1 . LEU A 1 43 ? 3.326   -15.863 11.793  1.00 46.85 ? 42  LEU A CD1 1 
ATOM 320  C CD2 . LEU A 1 43 ? 1.028   -15.705 12.807  1.00 41.82 ? 42  LEU A CD2 1 
ATOM 321  N N   . ALA A 1 44 ? 3.893   -12.350 15.816  1.00 41.61 ? 43  ALA A N   1 
ATOM 322  C CA  . ALA A 1 44 ? 4.594   -12.046 17.050  1.00 40.33 ? 43  ALA A CA  1 
ATOM 323  C C   . ALA A 1 44 ? 3.649   -11.346 18.023  1.00 42.45 ? 43  ALA A C   1 
ATOM 324  O O   . ALA A 1 44 ? 3.560   -11.724 19.188  1.00 42.15 ? 43  ALA A O   1 
ATOM 325  C CB  . ALA A 1 44 ? 5.826   -11.202 16.776  1.00 43.52 ? 43  ALA A CB  1 
ATOM 326  N N   . LEU A 1 45 ? 2.913   -10.339 17.556  1.00 37.83 ? 44  LEU A N   1 
ATOM 327  C CA  . LEU A 1 45 ? 2.053   -9.626  18.492  1.00 43.76 ? 44  LEU A CA  1 
ATOM 328  C C   . LEU A 1 45 ? 0.797   -10.412 18.876  1.00 47.21 ? 44  LEU A C   1 
ATOM 329  O O   . LEU A 1 45 ? 0.136   -10.097 19.864  1.00 49.99 ? 44  LEU A O   1 
ATOM 330  C CB  . LEU A 1 45 ? 1.747   -8.199  18.033  1.00 44.25 ? 44  LEU A CB  1 
ATOM 331  C CG  . LEU A 1 45 ? 0.773   -7.945  16.891  1.00 47.52 ? 44  LEU A CG  1 
ATOM 332  C CD1 . LEU A 1 45 ? -0.662  -7.935  17.414  1.00 50.56 ? 44  LEU A CD1 1 
ATOM 333  C CD2 . LEU A 1 45 ? 1.128   -6.618  16.200  1.00 41.29 ? 44  LEU A CD2 1 
ATOM 334  N N   . LYS A 1 46 ? 0.497   -11.458 18.115  1.00 48.53 ? 45  LYS A N   1 
ATOM 335  C CA  . LYS A 1 46 ? -0.584  -12.371 18.475  1.00 46.21 ? 45  LYS A CA  1 
ATOM 336  C C   . LYS A 1 46 ? -0.167  -13.278 19.632  1.00 47.50 ? 45  LYS A C   1 
ATOM 337  O O   . LYS A 1 46 ? -0.949  -13.542 20.539  1.00 52.40 ? 45  LYS A O   1 
ATOM 338  C CB  . LYS A 1 46 ? -0.991  -13.216 17.269  1.00 48.54 ? 45  LYS A CB  1 
ATOM 339  C CG  . LYS A 1 46 ? -2.204  -14.101 17.508  1.00 57.33 ? 45  LYS A CG  1 
ATOM 340  N N   . TYR A 1 47 ? 1.075   -13.740 19.598  1.00 43.85 ? 46  TYR A N   1 
ATOM 341  C CA  . TYR A 1 47 ? 1.571   -14.683 20.586  1.00 47.83 ? 46  TYR A CA  1 
ATOM 342  C C   . TYR A 1 47 ? 2.177   -14.004 21.827  1.00 50.04 ? 46  TYR A C   1 
ATOM 343  O O   . TYR A 1 47 ? 2.573   -14.670 22.775  1.00 50.17 ? 46  TYR A O   1 
ATOM 344  C CB  . TYR A 1 47 ? 2.567   -15.657 19.941  1.00 51.95 ? 46  TYR A CB  1 
ATOM 345  C CG  . TYR A 1 47 ? 1.913   -16.726 19.095  1.00 52.94 ? 46  TYR A CG  1 
ATOM 346  N N   . GLU A 1 48 ? 2.240   -12.678 21.814  1.00 46.51 ? 47  GLU A N   1 
ATOM 347  C CA  . GLU A 1 48 ? 2.765   -11.913 22.942  1.00 43.03 ? 47  GLU A CA  1 
ATOM 348  C C   . GLU A 1 48 ? 1.632   -11.407 23.845  1.00 44.43 ? 47  GLU A C   1 
ATOM 349  O O   . GLU A 1 48 ? 0.580   -11.003 23.354  1.00 44.18 ? 47  GLU A O   1 
ATOM 350  C CB  . GLU A 1 48 ? 3.612   -10.745 22.437  1.00 39.07 ? 47  GLU A CB  1 
ATOM 351  C CG  . GLU A 1 48 ? 4.122   -9.804  23.525  1.00 41.30 ? 47  GLU A CG  1 
ATOM 352  C CD  . GLU A 1 48 ? 5.018   -10.503 24.524  1.00 41.27 ? 47  GLU A CD  1 
ATOM 353  O OE1 . GLU A 1 48 ? 5.969   -11.180 24.090  1.00 46.17 ? 47  GLU A OE1 1 
ATOM 354  O OE2 . GLU A 1 48 ? 4.757   -10.384 25.739  1.00 39.58 ? 47  GLU A OE2 1 
ATOM 355  N N   . LYS A 1 49 ? 1.850   -11.448 25.158  1.00 42.19 ? 48  LYS A N   1 
ATOM 356  C CA  . LYS A 1 49 ? 0.835   -11.107 26.149  1.00 36.92 ? 48  LYS A CA  1 
ATOM 357  C C   . LYS A 1 49 ? 1.171   -9.857  26.989  1.00 42.88 ? 48  LYS A C   1 
ATOM 358  O O   . LYS A 1 49 ? 0.277   -9.182  27.486  1.00 34.85 ? 48  LYS A O   1 
ATOM 359  C CB  . LYS A 1 49 ? 0.553   -12.301 27.070  1.00 45.36 ? 48  LYS A CB  1 
ATOM 360  C CG  . LYS A 1 49 ? -0.442  -13.318 26.521  1.00 53.82 ? 48  LYS A CG  1 
ATOM 361  C CD  . LYS A 1 49 ? -0.524  -14.537 27.433  1.00 61.09 ? 48  LYS A CD  1 
ATOM 362  C CE  . LYS A 1 49 ? -1.962  -15.008 27.618  1.00 65.60 ? 48  LYS A CE  1 
ATOM 363  N NZ  . LYS A 1 49 ? -2.602  -15.395 26.326  1.00 67.41 ? 48  LYS A NZ  1 
ATOM 364  N N   . ASN A 1 50 ? 2.057   -9.390  27.193  1.00 44.93 ? 49  ASN A N   1 
ATOM 365  C CA  . ASN A 1 50 ? 2.571   -8.152  27.780  1.00 44.40 ? 49  ASN A CA  1 
ATOM 366  C C   . ASN A 1 50 ? 2.311   -6.928  26.870  1.00 36.98 ? 49  ASN A C   1 
ATOM 367  O O   . ASN A 1 50 ? 2.803   -6.872  25.758  1.00 44.75 ? 49  ASN A O   1 
ATOM 368  C CB  . ASN A 1 50 ? 4.067   -8.280  28.078  1.00 37.28 ? 49  ASN A CB  1 
ATOM 369  C CG  . ASN A 1 50 ? 4.618   -7.078  28.819  1.00 43.08 ? 49  ASN A CG  1 
ATOM 370  O OD1 . ASN A 1 50 ? 4.026   -6.000  28.806  1.00 55.69 ? 49  ASN A OD1 1 
ATOM 371  N ND2 . ASN A 1 50 ? 5.762   -7.259  29.471  1.00 43.09 ? 49  ASN A ND2 1 
ATOM 372  N N   . PRO A 1 51 ? 1.535   -6.188  27.591  1.00 40.73 ? 50  PRO A N   1 
ATOM 373  C CA  . PRO A 1 51 ? 0.951   -5.098  26.785  1.00 42.89 ? 50  PRO A CA  1 
ATOM 374  C C   . PRO A 1 51 ? 1.963   -4.030  26.345  1.00 39.55 ? 50  PRO A C   1 
ATOM 375  O O   . PRO A 1 51 ? 1.814   -3.462  25.262  1.00 42.25 ? 50  PRO A O   1 
ATOM 376  C CB  . PRO A 1 51 ? -0.127  -4.502  27.706  1.00 41.06 ? 50  PRO A CB  1 
ATOM 377  C CG  . PRO A 1 51 ? 0.321   -4.826  29.097  1.00 39.17 ? 50  PRO A CG  1 
ATOM 378  C CD  . PRO A 1 51 ? 1.188   -6.086  29.021  1.00 39.98 ? 50  PRO A CD  1 
ATOM 379  N N   . LYS A 1 52 ? 2.982   -3.768  27.155  1.00 41.32 ? 51  LYS A N   1 
ATOM 380  C CA  . LYS A 1 52 ? 4.047   -2.853  26.735  1.00 41.71 ? 51  LYS A CA  1 
ATOM 381  C C   . LYS A 1 52 ? 4.877   -3.435  25.589  1.00 39.34 ? 51  LYS A C   1 
ATOM 382  O O   . LYS A 1 52 ? 5.223   -2.729  24.648  1.00 41.88 ? 51  LYS A O   1 
ATOM 383  C CB  . LYS A 1 52 ? 4.959   -2.495  27.898  1.00 46.93 ? 51  LYS A CB  1 
ATOM 384  C CG  . LYS A 1 52 ? 4.320   -1.635  28.981  1.00 54.59 ? 51  LYS A CG  1 
ATOM 385  C CD  . LYS A 1 52 ? 5.351   -1.256  30.053  1.00 38.68 ? 51  LYS A CD  1 
ATOM 386  C CE  . LYS A 1 52 ? 4.908   -0.026  30.826  1.00 46.73 ? 51  LYS A CE  1 
ATOM 387  N NZ  . LYS A 1 52 ? 5.735   0.161   32.059  1.00 57.88 ? 51  LYS A NZ  1 
ATOM 388  N N   . SER A 1 53 ? 5.176   -4.726  25.656  1.00 36.74 ? 52  SER A N   1 
ATOM 389  C CA  . SER A 1 53 ? 5.892   -5.378  24.566  1.00 37.90 ? 52  SER A CA  1 
ATOM 390  C C   . SER A 1 53 ? 5.050   -5.408  23.292  1.00 35.02 ? 52  SER A C   1 
ATOM 391  O O   . SER A 1 53 ? 5.543   -5.104  22.219  1.00 34.38 ? 52  SER A O   1 
ATOM 392  C CB  . SER A 1 53 ? 6.331   -6.794  24.955  1.00 36.89 ? 52  SER A CB  1 
ATOM 393  O OG  . SER A 1 53 ? 7.505   -6.763  25.722  1.00 43.96 ? 52  SER A OG  1 
ATOM 394  N N   . LYS A 1 54 ? 3.780   -5.777  23.423  1.00 37.75 ? 53  LYS A N   1 
ATOM 395  C CA  . LYS A 1 54 ? 2.847   -5.722  22.304  1.00 38.17 ? 53  LYS A CA  1 
ATOM 396  C C   . LYS A 1 54 ? 2.863   -4.328  21.692  1.00 38.53 ? 53  LYS A C   1 
ATOM 397  O O   . LYS A 1 54 ? 2.980   -4.188  20.485  1.00 37.47 ? 53  LYS A O   1 
ATOM 398  C CB  . LYS A 1 54 ? 1.439   -6.109  22.755  1.00 37.57 ? 53  LYS A CB  1 
ATOM 399  C CG  . LYS A 1 54 ? 1.241   -7.607  22.925  1.00 43.59 ? 53  LYS A CG  1 
ATOM 400  C CD  . LYS A 1 54 ? -0.073  -7.947  23.616  1.00 48.64 ? 53  LYS A CD  1 
ATOM 401  C CE  . LYS A 1 54 ? -1.284  -7.602  22.752  1.00 41.73 ? 53  LYS A CE  1 
ATOM 402  N NZ  . LYS A 1 54 ? -1.463  -8.514  21.598  1.00 38.30 ? 53  LYS A NZ  1 
ATOM 403  N N   . ASP A 1 55 ? 2.764   -3.298  22.532  1.00 41.24 ? 54  ASP A N   1 
ATOM 404  C CA  . ASP A 1 55 ? 2.780   -1.908  22.052  1.00 37.95 ? 54  ASP A CA  1 
ATOM 405  C C   . ASP A 1 55 ? 4.057   -1.570  21.272  1.00 35.26 ? 54  ASP A C   1 
ATOM 406  O O   . ASP A 1 55 ? 4.001   -0.882  20.265  1.00 36.42 ? 54  ASP A O   1 
ATOM 407  C CB  . ASP A 1 55 ? 2.594   -0.922  23.219  1.00 50.92 ? 54  ASP A CB  1 
ATOM 408  C CG  . ASP A 1 55 ? 1.142   -0.832  23.698  1.00 42.70 ? 54  ASP A CG  1 
ATOM 409  O OD1 . ASP A 1 55 ? 0.253   -1.129  22.886  1.00 45.19 ? 54  ASP A OD1 1 
ATOM 410  O OD2 . ASP A 1 55 ? 0.898   -0.480  24.884  1.00 51.24 ? 54  ASP A OD2 1 
ATOM 411  N N   . LEU A 1 56 ? 5.203   -2.053  21.749  1.00 36.18 ? 55  LEU A N   1 
ATOM 412  C CA  . LEU A 1 56 ? 6.472   -1.864  21.059  1.00 31.31 ? 55  LEU A CA  1 
ATOM 413  C C   . LEU A 1 56 ? 6.469   -2.475  19.665  1.00 34.14 ? 55  LEU A C   1 
ATOM 414  O O   . LEU A 1 56 ? 6.821   -1.807  18.697  1.00 33.31 ? 55  LEU A O   1 
ATOM 415  C CB  . LEU A 1 56 ? 7.611   -2.475  21.876  1.00 32.62 ? 55  LEU A CB  1 
ATOM 416  C CG  . LEU A 1 56 ? 7.931   -1.715  23.160  1.00 41.13 ? 55  LEU A CG  1 
ATOM 417  C CD1 . LEU A 1 56 ? 9.110   -2.321  23.892  1.00 40.00 ? 55  LEU A CD1 1 
ATOM 418  C CD2 . LEU A 1 56 ? 8.199   -0.252  22.839  1.00 40.97 ? 55  LEU A CD2 1 
ATOM 419  N N   . ILE A 1 57 ? 6.077   -3.748  19.569  1.00 35.66 ? 56  ILE A N   1 
ATOM 420  C CA  . ILE A 1 57 ? 6.046   -4.446  18.286  1.00 34.00 ? 56  ILE A CA  1 
ATOM 421  C C   . ILE A 1 57 ? 5.087   -3.733  17.352  1.00 33.55 ? 56  ILE A C   1 
ATOM 422  O O   . ILE A 1 57 ? 5.347   -3.550  16.171  1.00 32.29 ? 56  ILE A O   1 
ATOM 423  C CB  . ILE A 1 57 ? 5.605   -5.910  18.453  1.00 39.18 ? 56  ILE A CB  1 
ATOM 424  C CG1 . ILE A 1 57 ? 6.590   -6.670  19.352  1.00 35.39 ? 56  ILE A CG1 1 
ATOM 425  C CG2 . ILE A 1 57 ? 5.489   -6.599  17.085  1.00 38.22 ? 56  ILE A CG2 1 
ATOM 426  C CD1 . ILE A 1 57 ? 6.110   -8.046  19.778  1.00 37.85 ? 56  ILE A CD1 1 
ATOM 427  N N   . ARG A 1 58 ? 3.972   -3.311  17.920  1.00 35.46 ? 57  ARG A N   1 
ATOM 428  C CA  . ARG A 1 58 ? 2.937   -2.610  17.187  1.00 34.12 ? 57  ARG A CA  1 
ATOM 429  C C   . ARG A 1 58 ? 3.487   -1.320  16.576  1.00 33.03 ? 57  ARG A C   1 
ATOM 430  O O   . ARG A 1 58 ? 3.308   -1.069  15.388  1.00 31.10 ? 57  ARG A O   1 
ATOM 431  C CB  . ARG A 1 58 ? 1.778   -2.334  18.137  1.00 38.02 ? 57  ARG A CB  1 
ATOM 432  C CG  . ARG A 1 58 ? 0.470   -1.991  17.489  1.00 46.71 ? 57  ARG A CG  1 
ATOM 433  C CD  . ARG A 1 58 ? -0.624  -1.874  18.545  1.00 52.90 ? 57  ARG A CD  1 
ATOM 434  N NE  . ARG A 1 58 ? -1.232  -3.165  18.859  1.00 48.26 ? 57  ARG A NE  1 
ATOM 435  C CZ  . ARG A 1 58 ? -1.428  -3.629  20.088  1.00 52.06 ? 57  ARG A CZ  1 
ATOM 436  N NH1 . ARG A 1 58 ? -1.052  -2.917  21.149  1.00 47.94 ? 57  ARG A NH1 1 
ATOM 437  N NH2 . ARG A 1 58 ? -2.003  -4.813  20.255  1.00 50.83 ? 57  ARG A NH2 1 
ATOM 438  N N   . ALA A 1 59 ? 4.189   -0.520  17.375  1.00 31.85 ? 58  ALA A N   1 
ATOM 439  C CA  . ALA A 1 59 ? 4.795   0.712   16.871  1.00 31.02 ? 58  ALA A CA  1 
ATOM 440  C C   . ALA A 1 59 ? 5.751   0.460   15.682  1.00 35.26 ? 58  ALA A C   1 
ATOM 441  O O   . ALA A 1 59 ? 5.711   1.193   14.690  1.00 31.33 ? 58  ALA A O   1 
ATOM 442  C CB  . ALA A 1 59 ? 5.531   1.445   18.001  1.00 26.72 ? 58  ALA A CB  1 
ATOM 443  N N   . LYS A 1 60 ? 6.613   -0.563  15.783  1.00 34.79 ? 59  LYS A N   1 
ATOM 444  C CA  . LYS A 1 60 ? 7.510   -0.914  14.672  1.00 34.67 ? 59  LYS A CA  1 
ATOM 445  C C   . LYS A 1 60 ? 6.741   -1.428  13.449  1.00 31.25 ? 59  LYS A C   1 
ATOM 446  O O   . LYS A 1 60 ? 7.068   -1.104  12.307  1.00 35.39 ? 59  LYS A O   1 
ATOM 447  C CB  . LYS A 1 60 ? 8.571   -1.944  15.103  1.00 32.90 ? 59  LYS A CB  1 
ATOM 448  C CG  . LYS A 1 60 ? 9.483   -1.490  16.235  1.00 35.32 ? 59  LYS A CG  1 
ATOM 449  C CD  . LYS A 1 60 ? 10.072  -0.106  15.989  1.00 40.85 ? 59  LYS A CD  1 
ATOM 450  C CE  . LYS A 1 60 ? 11.052  -0.107  14.839  1.00 42.49 ? 59  LYS A CE  1 
ATOM 451  N NZ  . LYS A 1 60 ? 11.626  1.255   14.617  1.00 52.19 ? 59  LYS A NZ  1 
ATOM 452  N N   . PHE A 1 61 ? 5.722   -2.242  13.688  1.00 30.16 ? 60  PHE A N   1 
ATOM 453  C CA  . PHE A 1 61 ? 4.856   -2.697  12.608  1.00 32.60 ? 60  PHE A CA  1 
ATOM 454  C C   . PHE A 1 61 ? 4.345   -1.481  11.805  1.00 34.67 ? 60  PHE A C   1 
ATOM 455  O O   . PHE A 1 61 ? 4.428   -1.460  10.586  1.00 31.77 ? 60  PHE A O   1 
ATOM 456  C CB  . PHE A 1 61 ? 3.701   -3.548  13.168  1.00 27.85 ? 60  PHE A CB  1 
ATOM 457  C CG  . PHE A 1 61 ? 2.645   -3.899  12.163  1.00 33.33 ? 60  PHE A CG  1 
ATOM 458  C CD1 . PHE A 1 61 ? 1.665   -2.979  11.806  1.00 33.51 ? 60  PHE A CD1 1 
ATOM 459  C CD2 . PHE A 1 61 ? 2.610   -5.156  11.585  1.00 36.01 ? 60  PHE A CD2 1 
ATOM 460  C CE1 . PHE A 1 61 ? 0.674   -3.293  10.871  1.00 39.27 ? 60  PHE A CE1 1 
ATOM 461  C CE2 . PHE A 1 61 ? 1.615   -5.484  10.636  1.00 36.24 ? 60  PHE A CE2 1 
ATOM 462  C CZ  . PHE A 1 61 ? 0.651   -4.552  10.283  1.00 38.50 ? 60  PHE A CZ  1 
ATOM 463  N N   . THR A 1 62 ? 3.832   -0.468  12.498  1.00 37.39 ? 61  THR A N   1 
ATOM 464  C CA  . THR A 1 62 ? 3.292   0.723   11.844  1.00 30.23 ? 61  THR A CA  1 
ATOM 465  C C   . THR A 1 62 ? 4.353   1.438   10.993  1.00 34.63 ? 61  THR A C   1 
ATOM 466  O O   . THR A 1 62 ? 4.089   1.859   9.865   1.00 35.80 ? 61  THR A O   1 
ATOM 467  C CB  . THR A 1 62 ? 2.716   1.714   12.882  1.00 30.85 ? 61  THR A CB  1 
ATOM 468  O OG1 . THR A 1 62 ? 1.648   1.096   13.605  1.00 34.54 ? 61  THR A OG1 1 
ATOM 469  C CG2 . THR A 1 62 ? 2.190   2.953   12.208  1.00 24.76 ? 61  THR A CG2 1 
ATOM 470  N N   . GLU A 1 63 ? 5.557   1.564   11.536  1.00 29.71 ? 62  GLU A N   1 
ATOM 471  C CA  . GLU A 1 63 ? 6.633   2.229   10.812  1.00 35.98 ? 62  GLU A CA  1 
ATOM 472  C C   . GLU A 1 63 ? 7.020   1.484   9.519   1.00 37.53 ? 62  GLU A C   1 
ATOM 473  O O   . GLU A 1 63 ? 7.423   2.096   8.531   1.00 39.67 ? 62  GLU A O   1 
ATOM 474  C CB  . GLU A 1 63 ? 7.861   2.384   11.718  1.00 37.07 ? 62  GLU A CB  1 
ATOM 475  C CG  . GLU A 1 63 ? 9.065   2.939   10.993  1.00 42.50 ? 62  GLU A CG  1 
ATOM 476  C CD  . GLU A 1 63 ? 10.346  2.874   11.813  1.00 53.72 ? 62  GLU A CD  1 
ATOM 477  O OE1 . GLU A 1 63 ? 10.289  3.117   13.045  1.00 57.42 ? 62  GLU A OE1 1 
ATOM 478  O OE2 . GLU A 1 63 ? 11.410  2.584   11.213  1.00 50.10 ? 62  GLU A OE2 1 
ATOM 479  N N   . TYR A 1 64 ? 6.925   0.162   9.523   1.00 34.52 ? 63  TYR A N   1 
ATOM 480  C CA  . TYR A 1 64 ? 7.293   -0.581  8.328   1.00 33.95 ? 63  TYR A CA  1 
ATOM 481  C C   . TYR A 1 64 ? 6.120   -0.620  7.356   1.00 33.64 ? 63  TYR A C   1 
ATOM 482  O O   . TYR A 1 64 ? 6.330   -0.660  6.164   1.00 35.28 ? 63  TYR A O   1 
ATOM 483  C CB  . TYR A 1 64 ? 7.771   -2.009  8.636   1.00 34.81 ? 63  TYR A CB  1 
ATOM 484  C CG  . TYR A 1 64 ? 8.910   -2.109  9.626   1.00 40.59 ? 63  TYR A CG  1 
ATOM 485  C CD1 . TYR A 1 64 ? 10.024  -1.279  9.528   1.00 36.69 ? 63  TYR A CD1 1 
ATOM 486  C CD2 . TYR A 1 64 ? 8.881   -3.054  10.651  1.00 39.40 ? 63  TYR A CD2 1 
ATOM 487  C CE1 . TYR A 1 64 ? 11.063  -1.374  10.437  1.00 41.68 ? 63  TYR A CE1 1 
ATOM 488  C CE2 . TYR A 1 64 ? 9.911   -3.153  11.558  1.00 36.79 ? 63  TYR A CE2 1 
ATOM 489  C CZ  . TYR A 1 64 ? 11.002  -2.312  11.448  1.00 37.30 ? 63  TYR A CZ  1 
ATOM 490  O OH  . TYR A 1 64 ? 12.030  -2.413  12.360  1.00 40.81 ? 63  TYR A OH  1 
ATOM 491  N N   . LEU A 1 65 ? 4.898   -0.632  7.874   1.00 25.70 ? 64  LEU A N   1 
ATOM 492  C CA  . LEU A 1 65 ? 3.718   -0.496  7.033   1.00 34.90 ? 64  LEU A CA  1 
ATOM 493  C C   . LEU A 1 65 ? 3.758   0.842   6.280   1.00 35.08 ? 64  LEU A C   1 
ATOM 494  O O   . LEU A 1 65 ? 3.527   0.866   5.080   1.00 41.16 ? 64  LEU A O   1 
ATOM 495  C CB  . LEU A 1 65 ? 2.427   -0.628  7.853   1.00 30.42 ? 64  LEU A CB  1 
ATOM 496  C CG  . LEU A 1 65 ? 1.094   -0.479  7.111   1.00 32.99 ? 64  LEU A CG  1 
ATOM 497  C CD1 . LEU A 1 65 ? 0.774   -1.695  6.232   1.00 32.92 ? 64  LEU A CD1 1 
ATOM 498  C CD2 . LEU A 1 65 ? -0.037  -0.250  8.088   1.00 32.58 ? 64  LEU A CD2 1 
ATOM 499  N N   . ASN A 1 66 ? 4.077   1.944   6.969   1.00 33.92 ? 65  ASN A N   1 
ATOM 500  C CA  . ASN A 1 66 ? 4.117   3.252   6.299   1.00 39.18 ? 65  ASN A CA  1 
ATOM 501  C C   . ASN A 1 66 ? 5.219   3.340   5.264   1.00 37.77 ? 65  ASN A C   1 
ATOM 502  O O   . ASN A 1 66 ? 5.028   3.923   4.186   1.00 36.04 ? 65  ASN A O   1 
ATOM 503  C CB  . ASN A 1 66 ? 4.224   4.411   7.291   1.00 34.93 ? 65  ASN A CB  1 
ATOM 504  C CG  . ASN A 1 66 ? 3.001   4.536   8.161   1.00 38.19 ? 65  ASN A CG  1 
ATOM 505  O OD1 . ASN A 1 66 ? 3.081   4.983   9.303   1.00 39.90 ? 65  ASN A OD1 1 
ATOM 506  N ND2 . ASN A 1 66 ? 1.853   4.124   7.630   1.00 37.86 ? 65  ASN A ND2 1 
ATOM 507  N N   . ARG A 1 67 ? 6.367   2.748   5.584   1.00 34.07 ? 66  ARG A N   1 
ATOM 508  C CA  . ARG A 1 67 ? 7.460   2.715   4.632   1.00 37.67 ? 66  ARG A CA  1 
ATOM 509  C C   . ARG A 1 67 ? 7.037   1.957   3.388   1.00 36.76 ? 66  ARG A C   1 
ATOM 510  O O   . ARG A 1 67 ? 7.228   2.431   2.264   1.00 40.10 ? 66  ARG A O   1 
ATOM 511  C CB  . ARG A 1 67 ? 8.702   2.057   5.204   1.00 36.53 ? 66  ARG A CB  1 
ATOM 512  C CG  . ARG A 1 67 ? 9.842   2.125   4.221   1.00 39.56 ? 66  ARG A CG  1 
ATOM 513  C CD  . ARG A 1 67 ? 10.010  3.557   3.699   1.00 39.74 ? 66  ARG A CD  1 
ATOM 514  N NE  . ARG A 1 67 ? 11.171  3.692   2.829   1.00 47.98 ? 66  ARG A NE  1 
ATOM 515  C CZ  . ARG A 1 67 ? 11.552  4.826   2.250   1.00 51.23 ? 66  ARG A CZ  1 
ATOM 516  N NH1 . ARG A 1 67 ? 10.865  5.942   2.445   1.00 49.69 ? 66  ARG A NH1 1 
ATOM 517  N NH2 . ARG A 1 67 ? 12.626  4.843   1.473   1.00 62.36 ? 66  ARG A NH2 1 
ATOM 518  N N   . ALA A 1 68 ? 6.463   0.778   3.590   1.00 32.77 ? 67  ALA A N   1 
ATOM 519  C CA  . ALA A 1 68 ? 5.946   0.010   2.470   1.00 32.50 ? 67  ALA A CA  1 
ATOM 520  C C   . ALA A 1 68 ? 4.998   0.853   1.577   1.00 41.67 ? 67  ALA A C   1 
ATOM 521  O O   . ALA A 1 68 ? 5.146   0.895   0.357   1.00 42.05 ? 67  ALA A O   1 
ATOM 522  C CB  . ALA A 1 68 ? 5.252   -1.222  2.969   1.00 33.28 ? 67  ALA A CB  1 
ATOM 523  N N   . GLU A 1 69 ? 4.035   1.543   2.171   1.00 36.18 ? 68  GLU A N   1 
ATOM 524  C CA  . GLU A 1 69 ? 3.076   2.272   1.347   1.00 43.46 ? 68  GLU A CA  1 
ATOM 525  C C   . GLU A 1 69 ? 3.665   3.475   0.599   1.00 40.65 ? 68  GLU A C   1 
ATOM 526  O O   . GLU A 1 69 ? 3.282   3.764   -0.547  1.00 39.55 ? 68  GLU A O   1 
ATOM 527  C CB  . GLU A 1 69 ? 1.799   2.597   2.127   1.00 40.90 ? 68  GLU A CB  1 
ATOM 528  C CG  . GLU A 1 69 ? 0.905   1.336   2.288   1.00 49.32 ? 68  GLU A CG  1 
ATOM 529  C CD  . GLU A 1 69 ? 0.607   0.648   0.940   1.00 48.19 ? 68  GLU A CD  1 
ATOM 530  O OE1 . GLU A 1 69 ? 0.408   1.388   -0.050  1.00 49.52 ? 68  GLU A OE1 1 
ATOM 531  O OE2 . GLU A 1 69 ? 0.577   -0.613  0.860   1.00 40.29 ? 68  GLU A OE2 1 
ATOM 532  N N   . GLN A 1 70 ? 4.616   4.144   1.237   1.00 39.54 ? 69  GLN A N   1 
ATOM 533  C CA  . GLN A 1 70 ? 5.443   5.147   0.574   1.00 39.22 ? 69  GLN A CA  1 
ATOM 534  C C   . GLN A 1 70 ? 6.039   4.593   -0.718  1.00 44.27 ? 69  GLN A C   1 
ATOM 535  O O   . GLN A 1 70 ? 5.884   5.184   -1.776  1.00 47.77 ? 69  GLN A O   1 
ATOM 536  C CB  . GLN A 1 70 ? 6.606   5.535   1.486   1.00 40.98 ? 69  GLN A CB  1 
ATOM 537  C CG  . GLN A 1 70 ? 6.326   6.583   2.526   1.00 39.84 ? 69  GLN A CG  1 
ATOM 538  C CD  . GLN A 1 70 ? 7.610   7.298   2.926   1.00 55.45 ? 69  GLN A CD  1 
ATOM 539  O OE1 . GLN A 1 70 ? 8.323   6.890   3.865   1.00 47.15 ? 69  GLN A OE1 1 
ATOM 540  N NE2 . GLN A 1 70 ? 7.940   8.346   2.179   1.00 54.77 ? 69  GLN A NE2 1 
ATOM 541  N N   . LEU A 1 71 ? 6.738   3.459   -0.613  1.00 43.52 ? 70  LEU A N   1 
ATOM 542  C CA  . LEU A 1 71 ? 7.379   2.822   -1.766  1.00 42.07 ? 70  LEU A CA  1 
ATOM 543  C C   . LEU A 1 71 ? 6.361   2.407   -2.825  1.00 46.74 ? 70  LEU A C   1 
ATOM 544  O O   . LEU A 1 71 ? 6.650   2.396   -4.023  1.00 46.52 ? 70  LEU A O   1 
ATOM 545  C CB  . LEU A 1 71 ? 8.180   1.591   -1.320  1.00 41.30 ? 70  LEU A CB  1 
ATOM 546  C CG  . LEU A 1 71 ? 9.688   1.692   -1.044  1.00 46.85 ? 70  LEU A CG  1 
ATOM 547  C CD1 . LEU A 1 71 ? 10.053  2.961   -0.325  1.00 44.11 ? 70  LEU A CD1 1 
ATOM 548  C CD2 . LEU A 1 71 ? 10.177  0.477   -0.261  1.00 44.82 ? 70  LEU A CD2 1 
ATOM 549  N N   . LYS A 1 72 ? 5.170   2.046   -2.374  1.00 42.69 ? 71  LYS A N   1 
ATOM 550  C CA  . LYS A 1 72 ? 4.136   1.595   -3.290  1.00 44.31 ? 71  LYS A CA  1 
ATOM 551  C C   . LYS A 1 72 ? 3.576   2.774   -4.075  1.00 44.45 ? 71  LYS A C   1 
ATOM 552  O O   . LYS A 1 72 ? 3.295   2.646   -5.267  1.00 37.53 ? 71  LYS A O   1 
ATOM 553  C CB  . LYS A 1 72 ? 3.019   0.870   -2.545  1.00 38.73 ? 71  LYS A CB  1 
ATOM 554  C CG  . LYS A 1 72 ? 1.942   0.286   -3.456  1.00 41.78 ? 71  LYS A CG  1 
ATOM 555  C CD  . LYS A 1 72 ? 2.358   -1.057  -4.021  1.00 37.74 ? 71  LYS A CD  1 
ATOM 556  C CE  . LYS A 1 72 ? 1.194   -1.744  -4.729  1.00 45.58 ? 71  LYS A CE  1 
ATOM 557  N NZ  . LYS A 1 72 ? 0.126   -2.146  -3.763  1.00 51.55 ? 71  LYS A NZ  1 
ATOM 558  N N   . LYS A 1 73 ? 3.424   3.916   -3.406  1.00 43.80 ? 72  LYS A N   1 
ATOM 559  C CA  . LYS A 1 73 ? 2.928   5.123   -4.071  1.00 49.16 ? 72  LYS A CA  1 
ATOM 560  C C   . LYS A 1 73 ? 3.955   5.600   -5.105  1.00 48.43 ? 72  LYS A C   1 
ATOM 561  O O   . LYS A 1 73 ? 3.637   5.766   -6.288  1.00 46.06 ? 72  LYS A O   1 
ATOM 562  C CB  . LYS A 1 73 ? 2.587   6.235   -3.058  1.00 47.87 ? 72  LYS A CB  1 
ATOM 563  C CG  . LYS A 1 73 ? 1.214   6.085   -2.374  1.00 47.48 ? 72  LYS A CG  1 
ATOM 564  C CD  . LYS A 1 73 ? 1.128   6.892   -1.056  1.00 50.42 ? 72  LYS A CD  1 
ATOM 565  C CE  . LYS A 1 73 ? -0.252  6.756   -0.352  1.00 52.01 ? 72  LYS A CE  1 
ATOM 566  N NZ  . LYS A 1 73 ? -0.246  5.989   0.962   1.00 45.59 ? 72  LYS A NZ  1 
ATOM 567  N N   . HIS A 1 74 ? 5.183   5.809   -4.641  1.00 49.33 ? 73  HIS A N   1 
ATOM 568  C CA  . HIS A 1 74 ? 6.304   6.174   -5.499  1.00 55.94 ? 73  HIS A CA  1 
ATOM 569  C C   . HIS A 1 74 ? 6.326   5.294   -6.743  1.00 54.05 ? 73  HIS A C   1 
ATOM 570  O O   . HIS A 1 74 ? 6.490   5.770   -7.861  1.00 55.51 ? 73  HIS A O   1 
ATOM 571  C CB  . HIS A 1 74 ? 7.606   5.990   -4.707  1.00 55.91 ? 73  HIS A CB  1 
ATOM 572  C CG  . HIS A 1 74 ? 8.848   6.360   -5.456  1.00 64.30 ? 73  HIS A CG  1 
ATOM 573  N ND1 . HIS A 1 74 ? 9.431   5.533   -6.395  1.00 63.11 ? 73  HIS A ND1 1 
ATOM 574  C CD2 . HIS A 1 74 ? 9.649   7.451   -5.370  1.00 67.52 ? 73  HIS A CD2 1 
ATOM 575  C CE1 . HIS A 1 74 ? 10.521  6.105   -6.868  1.00 63.00 ? 73  HIS A CE1 1 
ATOM 576  N NE2 . HIS A 1 74 ? 10.678  7.271   -6.265  1.00 67.92 ? 73  HIS A NE2 1 
ATOM 577  N N   . LEU A 1 75 ? 6.131   4.003   -6.523  1.00 51.87 ? 74  LEU A N   1 
ATOM 578  C CA  . LEU A 1 75 ? 6.291   2.988   -7.547  1.00 45.97 ? 74  LEU A CA  1 
ATOM 579  C C   . LEU A 1 75 ? 5.189   3.032   -8.626  1.00 57.17 ? 74  LEU A C   1 
ATOM 580  O O   . LEU A 1 75 ? 5.470   2.835   -9.811  1.00 54.29 ? 74  LEU A O   1 
ATOM 581  C CB  . LEU A 1 75 ? 6.308   1.633   -6.853  1.00 50.88 ? 74  LEU A CB  1 
ATOM 582  C CG  . LEU A 1 75 ? 7.061   0.434   -7.409  1.00 51.70 ? 74  LEU A CG  1 
ATOM 583  C CD1 . LEU A 1 75 ? 8.515   0.757   -7.717  1.00 49.54 ? 74  LEU A CD1 1 
ATOM 584  C CD2 . LEU A 1 75 ? 6.962   -0.652  -6.380  1.00 37.56 ? 74  LEU A CD2 1 
ATOM 585  N N   . GLU A 1 76 ? 3.941   3.275   -8.220  1.00 51.78 ? 75  GLU A N   1 
ATOM 586  C CA  . GLU A 1 76 ? 2.856   3.502   -9.177  1.00 53.41 ? 75  GLU A CA  1 
ATOM 587  C C   . GLU A 1 76 ? 3.054   4.877   -9.820  1.00 52.75 ? 75  GLU A C   1 
ATOM 588  O O   . GLU A 1 76 ? 3.175   4.988   -11.031 1.00 54.08 ? 75  GLU A O   1 
ATOM 589  C CB  . GLU A 1 76 ? 1.478   3.430   -8.501  1.00 47.72 ? 75  GLU A CB  1 
ATOM 590  C CG  . GLU A 1 76 ? 1.149   2.108   -7.817  1.00 47.76 ? 75  GLU A CG  1 
ATOM 591  C CD  . GLU A 1 76 ? 0.490   1.090   -8.751  1.00 47.90 ? 75  GLU A CD  1 
ATOM 592  O OE1 . GLU A 1 76 ? 0.055   1.467   -9.862  1.00 51.70 ? 75  GLU A OE1 1 
ATOM 593  O OE2 . GLU A 1 76 ? 0.390   -0.095  -8.364  1.00 48.41 ? 75  GLU A OE2 1 
ATOM 594  N N   . SER A 1 77 ? 3.114   5.915   -8.992  1.00 50.98 ? 76  SER A N   1 
ATOM 595  C CA  . SER A 1 77 ? 3.352   7.275   -9.468  1.00 53.25 ? 76  SER A CA  1 
ATOM 596  C C   . SER A 1 77 ? 4.539   7.377   -10.429 1.00 59.23 ? 76  SER A C   1 
ATOM 597  O O   . SER A 1 77 ? 4.570   8.250   -11.292 1.00 59.95 ? 76  SER A O   1 
ATOM 598  C CB  . SER A 1 77 ? 3.554   8.232   -8.284  1.00 53.17 ? 76  SER A CB  1 
ATOM 599  O OG  . SER A 1 77 ? 2.329   8.520   -7.628  1.00 58.01 ? 76  SER A OG  1 
ATOM 600  N N   . GLU A 1 78 ? 5.518   6.492   -10.267 1.00 66.58 ? 77  GLU A N   1 
ATOM 601  C CA  . GLU A 1 78 ? 6.719   6.493   -11.101 1.00 65.21 ? 77  GLU A CA  1 
ATOM 602  C C   . GLU A 1 78 ? 6.352   6.398   -12.577 1.00 64.31 ? 77  GLU A C   1 
ATOM 603  O O   . GLU A 1 78 ? 6.473   7.375   -13.320 1.00 66.64 ? 77  GLU A O   1 
ATOM 604  C CB  . GLU A 1 78 ? 7.637   5.319   -10.720 1.00 69.00 ? 77  GLU A CB  1 
ATOM 605  C CG  . GLU A 1 78 ? 9.116   5.485   -11.103 1.00 66.97 ? 77  GLU A CG  1 
ATOM 606  C CD  . GLU A 1 78 ? 9.834   6.585   -10.305 1.00 71.88 ? 77  GLU A CD  1 
ATOM 607  O OE1 . GLU A 1 78 ? 9.179   7.293   -9.505  1.00 74.21 ? 77  GLU A OE1 1 
ATOM 608  O OE2 . GLU A 1 78 ? 11.064  6.741   -10.483 1.00 72.63 ? 77  GLU A OE2 1 
ATOM 609  N N   . GLU A 1 79 ? 5.908   5.216   -12.995 1.00 62.49 ? 78  GLU A N   1 
ATOM 610  C CA  . GLU A 1 79 ? 5.530   5.002   -14.386 1.00 64.58 ? 78  GLU A CA  1 
ATOM 611  C C   . GLU A 1 79 ? 4.440   5.981   -14.812 1.00 69.84 ? 78  GLU A C   1 
ATOM 612  O O   . GLU A 1 79 ? 4.486   6.544   -15.907 1.00 73.17 ? 78  GLU A O   1 
ATOM 613  C CB  . GLU A 1 79 ? 5.079   3.556   -14.615 1.00 65.90 ? 78  GLU A CB  1 
ATOM 614  C CG  . GLU A 1 79 ? 4.331   2.942   -13.452 1.00 55.70 ? 78  GLU A CG  1 
ATOM 615  N N   . ALA A 1 80 ? 3.460   6.183   -13.939 1.00 66.85 ? 79  ALA A N   1 
ATOM 616  C CA  . ALA A 1 80 ? 2.389   7.138   -14.195 1.00 64.20 ? 79  ALA A CA  1 
ATOM 617  C C   . ALA A 1 80 ? 2.941   8.516   -14.617 1.00 66.90 ? 79  ALA A C   1 
ATOM 618  O O   . ALA A 1 80 ? 2.316   9.232   -15.403 1.00 63.09 ? 79  ALA A O   1 
ATOM 619  C CB  . ALA A 1 80 ? 1.496   7.253   -12.968 1.00 55.47 ? 79  ALA A CB  1 
ATOM 620  N N   . ASN A 1 81 ? 4.106   8.884   -14.087 1.00 70.10 ? 80  ASN A N   1 
ATOM 621  C CA  . ASN A 1 81 ? 4.812   10.083  -14.534 1.00 67.89 ? 80  ASN A CA  1 
ATOM 622  C C   . ASN A 1 81 ? 5.527   9.829   -15.861 1.00 68.85 ? 80  ASN A C   1 
ATOM 623  O O   . ASN A 1 81 ? 5.645   10.726  -16.697 1.00 74.67 ? 80  ASN A O   1 
ATOM 624  C CB  . ASN A 1 81 ? 5.819   10.555  -13.480 1.00 71.39 ? 80  ASN A CB  1 
ATOM 625  C CG  . ASN A 1 81 ? 5.166   10.887  -12.144 1.00 69.01 ? 80  ASN A CG  1 
ATOM 626  O OD1 . ASN A 1 81 ? 4.023   11.341  -12.087 1.00 62.09 ? 80  ASN A OD1 1 
ATOM 627  N ND2 . ASN A 1 81 ? 5.902   10.668  -11.057 1.00 69.89 ? 80  ASN A ND2 1 
ATOM 628  N N   . ALA A 1 82 ? 6.012   8.603   -16.042 1.00 66.39 ? 81  ALA A N   1 
ATOM 629  C CA  . ALA A 1 82 ? 6.574   8.174   -17.319 1.00 67.66 ? 81  ALA A CA  1 
ATOM 630  C C   . ALA A 1 82 ? 5.442   7.615   -18.173 1.00 70.80 ? 81  ALA A C   1 
ATOM 631  O O   . ALA A 1 82 ? 4.528   8.353   -18.552 1.00 79.41 ? 81  ALA A O   1 
ATOM 632  C CB  . ALA A 1 82 ? 7.666   7.134   -17.111 1.00 55.08 ? 81  ALA A CB  1 
ATOM 633  N N   . ALA A 1 83 ? 5.486   6.316   -18.460 1.00 69.69 ? 82  ALA A N   1 
ATOM 634  C CA  . ALA A 1 83 ? 4.432   5.662   -19.243 1.00 72.69 ? 82  ALA A CA  1 
ATOM 635  C C   . ALA A 1 83 ? 3.984   6.499   -20.444 1.00 66.03 ? 82  ALA A C   1 
ATOM 636  O O   . ALA A 1 83 ? 3.085   7.333   -20.330 1.00 60.85 ? 82  ALA A O   1 
ATOM 637  C CB  . ALA A 1 83 ? 3.232   5.324   -18.357 1.00 65.07 ? 82  ALA A CB  1 
ATOM 638  N N   . GLU B 2 2  ? -2.049  -23.398 23.665  1.00 63.78 ? 182 GLU C N   1 
ATOM 639  C CA  . GLU B 2 2  ? -1.708  -22.123 24.295  1.00 74.69 ? 182 GLU C CA  1 
ATOM 640  C C   . GLU B 2 2  ? -0.201  -21.956 24.516  1.00 76.50 ? 182 GLU C C   1 
ATOM 641  O O   . GLU B 2 2  ? 0.330   -22.355 25.558  1.00 73.59 ? 182 GLU C O   1 
ATOM 642  C CB  . GLU B 2 2  ? -2.451  -21.967 25.626  1.00 71.84 ? 182 GLU C CB  1 
ATOM 643  N N   . ASN B 2 3  ? 0.476   -21.359 23.534  1.00 77.10 ? 183 ASN C N   1 
ATOM 644  C CA  . ASN B 2 3  ? 1.916   -21.083 23.623  1.00 78.48 ? 183 ASN C CA  1 
ATOM 645  C C   . ASN B 2 3  ? 2.274   -19.602 23.532  1.00 75.39 ? 183 ASN C C   1 
ATOM 646  O O   . ASN B 2 3  ? 2.994   -19.170 22.616  1.00 70.55 ? 183 ASN C O   1 
ATOM 647  C CB  . ASN B 2 3  ? 2.693   -21.856 22.557  1.00 81.05 ? 183 ASN C CB  1 
ATOM 648  C CG  . ASN B 2 3  ? 3.385   -23.078 23.123  1.00 81.69 ? 183 ASN C CG  1 
ATOM 649  O OD1 . ASN B 2 3  ? 4.479   -23.444 22.685  1.00 83.45 ? 183 ASN C OD1 1 
ATOM 650  N ND2 . ASN B 2 3  ? 2.755   -23.710 24.110  1.00 72.94 ? 183 ASN C ND2 1 
ATOM 651  N N   . TYR B 2 4  ? 1.785   -18.831 24.495  1.00 66.56 ? 184 TYR C N   1 
ATOM 652  C CA  . TYR B 2 4  ? 2.026   -17.403 24.499  1.00 61.94 ? 184 TYR C CA  1 
ATOM 653  C C   . TYR B 2 4  ? 3.271   -17.053 25.301  1.00 62.44 ? 184 TYR C C   1 
ATOM 654  O O   . TYR B 2 4  ? 3.724   -17.820 26.161  1.00 56.84 ? 184 TYR C O   1 
ATOM 655  C CB  . TYR B 2 4  ? 0.826   -16.657 25.080  1.00 66.43 ? 184 TYR C CB  1 
ATOM 656  C CG  . TYR B 2 4  ? -0.506  -17.282 24.753  1.00 70.01 ? 184 TYR C CG  1 
ATOM 657  C CD1 . TYR B 2 4  ? -1.152  -17.008 23.549  1.00 65.81 ? 184 TYR C CD1 1 
ATOM 658  C CD2 . TYR B 2 4  ? -1.131  -18.138 25.657  1.00 69.99 ? 184 TYR C CD2 1 
ATOM 659  C CE1 . TYR B 2 4  ? -2.382  -17.585 23.246  1.00 66.37 ? 184 TYR C CE1 1 
ATOM 660  C CE2 . TYR B 2 4  ? -2.357  -18.716 25.369  1.00 72.70 ? 184 TYR C CE2 1 
ATOM 661  C CZ  . TYR B 2 4  ? -2.978  -18.438 24.161  1.00 72.52 ? 184 TYR C CZ  1 
ATOM 662  O OH  . TYR B 2 4  ? -4.199  -19.011 23.882  1.00 71.82 ? 184 TYR C OH  1 
ATOM 663  N N   . SER B 2 5  ? 3.816   -15.879 25.015  1.00 56.61 ? 185 SER C N   1 
ATOM 664  C CA  . SER B 2 5  ? 4.914   -15.342 25.786  1.00 51.83 ? 185 SER C CA  1 
ATOM 665  C C   . SER B 2 5  ? 4.398   -14.190 26.647  1.00 52.45 ? 185 SER C C   1 
ATOM 666  O O   . SER B 2 5  ? 3.342   -13.613 26.355  1.00 45.31 ? 185 SER C O   1 
ATOM 667  C CB  . SER B 2 5  ? 6.016   -14.858 24.844  1.00 54.44 ? 185 SER C CB  1 
ATOM 668  O OG  . SER B 2 5  ? 6.487   -15.917 24.019  1.00 55.07 ? 185 SER C OG  1 
ATOM 669  N N   . ASN B 2 6  ? 5.104   -13.912 27.739  1.00 44.90 ? 186 ASN C N   1 
ATOM 670  C CA  . ASN B 2 6  ? 4.989   -12.639 28.457  1.00 48.55 ? 186 ASN C CA  1 
ATOM 671  C C   . ASN B 2 6  ? 6.395   -12.095 28.459  1.00 52.56 ? 186 ASN C C   1 
ATOM 672  O O   . ASN B 2 6  ? 7.233   -12.543 29.254  1.00 49.59 ? 186 ASN C O   1 
ATOM 673  C CB  . ASN B 2 6  ? 4.511   -12.811 29.910  1.00 45.97 ? 186 ASN C CB  1 
ATOM 674  C CG  . ASN B 2 6  ? 3.083   -13.349 30.010  1.00 55.90 ? 186 ASN C CG  1 
ATOM 675  O OD1 . ASN B 2 6  ? 2.151   -12.614 30.358  1.00 46.25 ? 186 ASN C OD1 1 
ATOM 676  N ND2 . ASN B 2 6  ? 2.908   -14.647 29.711  1.00 57.43 ? 186 ASN C ND2 1 
ATOM 677  N N   . THR B 2 7  ? 6.691   -11.183 27.538  1.00 45.60 ? 187 THR C N   1 
ATOM 678  C CA  . THR B 2 7  ? 8.081   -10.801 27.357  1.00 40.62 ? 187 THR C CA  1 
ATOM 679  C C   . THR B 2 7  ? 8.359   -9.473  28.011  1.00 44.63 ? 187 THR C C   1 
ATOM 680  O O   . THR B 2 7  ? 7.574   -8.542  27.902  1.00 45.76 ? 187 THR C O   1 
ATOM 681  C CB  . THR B 2 7  ? 8.502   -10.780 25.893  1.00 45.48 ? 187 THR C CB  1 
ATOM 682  O OG1 . THR B 2 7  ? 8.237   -12.063 25.312  1.00 40.70 ? 187 THR C OG1 1 
ATOM 683  C CG2 . THR B 2 7  ? 9.997   -10.453 25.779  1.00 36.65 ? 187 THR C CG2 1 
ATOM 684  N N   . ASP B 2 8  ? 9.465   -9.402  28.732  1.00 47.90 ? 188 ASP C N   1 
ATOM 685  C CA  . ASP B 2 8  ? 9.814   -8.165  29.387  1.00 49.57 ? 188 ASP C CA  1 
ATOM 686  C C   . ASP B 2 8  ? 10.326  -7.248  28.310  1.00 47.64 ? 188 ASP C C   1 
ATOM 687  O O   . ASP B 2 8  ? 11.343  -7.536  27.687  1.00 49.88 ? 188 ASP C O   1 
ATOM 688  C CB  . ASP B 2 8  ? 10.875  -8.385  30.466  1.00 51.67 ? 188 ASP C CB  1 
ATOM 689  C CG  . ASP B 2 8  ? 11.102  -7.147  31.308  1.00 57.28 ? 188 ASP C CG  1 
ATOM 690  O OD1 . ASP B 2 8  ? 11.802  -6.221  30.824  1.00 55.89 ? 188 ASP C OD1 1 
ATOM 691  O OD2 . ASP B 2 8  ? 10.562  -7.101  32.440  1.00 64.18 ? 188 ASP C OD2 1 
ATOM 692  N N   . PRO B 2 9  ? 9.617   -6.140  28.090  1.00 41.08 ? 189 PRO C N   1 
ATOM 693  C CA  . PRO B 2 9  ? 9.926   -5.194  27.027  1.00 41.46 ? 189 PRO C CA  1 
ATOM 694  C C   . PRO B 2 9  ? 11.349  -4.648  27.129  1.00 39.52 ? 189 PRO C C   1 
ATOM 695  O O   . PRO B 2 9  ? 11.987  -4.410  26.112  1.00 38.30 ? 189 PRO C O   1 
ATOM 696  C CB  . PRO B 2 9  ? 8.896   -4.073  27.242  1.00 37.08 ? 189 PRO C CB  1 
ATOM 697  C CG  . PRO B 2 9  ? 8.477   -4.181  28.650  1.00 32.76 ? 189 PRO C CG  1 
ATOM 698  C CD  . PRO B 2 9  ? 8.572   -5.640  28.998  1.00 42.92 ? 189 PRO C CD  1 
ATOM 699  N N   . GLU B 2 10 ? 11.840  -4.421  28.339  1.00 49.09 ? 190 GLU C N   1 
ATOM 700  C CA  . GLU B 2 10 ? 13.205  -3.946  28.474  1.00 45.55 ? 190 GLU C CA  1 
ATOM 701  C C   . GLU B 2 10 ? 14.067  -4.957  27.736  1.00 44.40 ? 190 GLU C C   1 
ATOM 702  O O   . GLU B 2 10 ? 14.967  -4.591  26.997  1.00 50.35 ? 190 GLU C O   1 
ATOM 703  C CB  . GLU B 2 10 ? 13.609  -3.852  29.947  1.00 54.41 ? 190 GLU C CB  1 
ATOM 704  C CG  . GLU B 2 10 ? 14.361  -2.574  30.335  1.00 61.36 ? 190 GLU C CG  1 
ATOM 705  C CD  . GLU B 2 10 ? 13.431  -1.438  30.745  1.00 66.64 ? 190 GLU C CD  1 
ATOM 706  O OE1 . GLU B 2 10 ? 12.463  -1.174  29.996  1.00 62.29 ? 190 GLU C OE1 1 
ATOM 707  O OE2 . GLU B 2 10 ? 13.670  -0.811  31.813  1.00 72.71 ? 190 GLU C OE2 1 
ATOM 708  N N   . GLU B 2 11 ? 13.729  -6.233  27.896  1.00 39.84 ? 191 GLU C N   1 
ATOM 709  C CA  . GLU B 2 11 ? 14.524  -7.316  27.345  1.00 49.21 ? 191 GLU C CA  1 
ATOM 710  C C   . GLU B 2 11 ? 14.204  -7.565  25.877  1.00 50.18 ? 191 GLU C C   1 
ATOM 711  O O   . GLU B 2 11 ? 15.096  -7.911  25.086  1.00 48.23 ? 191 GLU C O   1 
ATOM 712  C CB  . GLU B 2 11 ? 14.329  -8.598  28.162  1.00 53.37 ? 191 GLU C CB  1 
ATOM 713  C CG  . GLU B 2 11 ? 15.588  -9.433  28.266  1.00 61.23 ? 191 GLU C CG  1 
ATOM 714  C CD  . GLU B 2 11 ? 15.322  -10.899 28.025  1.00 62.00 ? 191 GLU C CD  1 
ATOM 715  O OE1 . GLU B 2 11 ? 14.141  -11.297 28.077  1.00 60.69 ? 191 GLU C OE1 1 
ATOM 716  O OE2 . GLU B 2 11 ? 16.292  -11.650 27.788  1.00 63.89 ? 191 GLU C OE2 1 
ATOM 717  N N   . LEU B 2 12 ? 12.933  -7.393  25.515  1.00 45.08 ? 192 LEU C N   1 
ATOM 718  C CA  . LEU B 2 12 ? 12.549  -7.437  24.116  1.00 39.88 ? 192 LEU C CA  1 
ATOM 719  C C   . LEU B 2 12 ? 13.459  -6.484  23.373  1.00 41.68 ? 192 LEU C C   1 
ATOM 720  O O   . LEU B 2 12 ? 14.041  -6.851  22.370  1.00 38.82 ? 192 LEU C O   1 
ATOM 721  C CB  . LEU B 2 12 ? 11.082  -7.042  23.914  1.00 46.14 ? 192 LEU C CB  1 
ATOM 722  C CG  . LEU B 2 12 ? 10.667  -7.075  22.428  1.00 49.68 ? 192 LEU C CG  1 
ATOM 723  C CD1 . LEU B 2 12 ? 9.331   -7.745  22.222  1.00 43.20 ? 192 LEU C CD1 1 
ATOM 724  C CD2 . LEU B 2 12 ? 10.687  -5.685  21.790  1.00 43.49 ? 192 LEU C CD2 1 
ATOM 725  N N   . LEU B 2 13 ? 13.586  -5.261  23.882  1.00 43.63 ? 193 LEU C N   1 
ATOM 726  C CA  . LEU B 2 13 ? 14.413  -4.238  23.242  1.00 44.00 ? 193 LEU C CA  1 
ATOM 727  C C   . LEU B 2 13 ? 15.920  -4.591  23.273  1.00 48.66 ? 193 LEU C C   1 
ATOM 728  O O   . LEU B 2 13 ? 16.732  -4.012  22.540  1.00 48.78 ? 193 LEU C O   1 
ATOM 729  C CB  . LEU B 2 13 ? 14.123  -2.853  23.848  1.00 39.99 ? 193 LEU C CB  1 
ATOM 730  C CG  . LEU B 2 13 ? 13.298  -1.834  23.023  1.00 46.99 ? 193 LEU C CG  1 
ATOM 731  C CD1 . LEU B 2 13 ? 12.133  -2.481  22.286  1.00 42.81 ? 193 LEU C CD1 1 
ATOM 732  C CD2 . LEU B 2 13 ? 12.784  -0.621  23.849  1.00 42.79 ? 193 LEU C CD2 1 
ATOM 733  N N   . ARG B 2 14 ? 16.287  -5.555  24.109  1.00 45.12 ? 194 ARG C N   1 
ATOM 734  C CA  . ARG B 2 14 ? 17.646  -6.075  24.097  1.00 54.14 ? 194 ARG C CA  1 
ATOM 735  C C   . ARG B 2 14 ? 17.784  -7.219  23.087  1.00 48.59 ? 194 ARG C C   1 
ATOM 736  O O   . ARG B 2 14 ? 18.545  -7.103  22.130  1.00 55.95 ? 194 ARG C O   1 
ATOM 737  C CB  . ARG B 2 14 ? 18.100  -6.516  25.504  1.00 61.03 ? 194 ARG C CB  1 
ATOM 738  C CG  . ARG B 2 14 ? 18.375  -5.355  26.468  1.00 58.90 ? 194 ARG C CG  1 
ATOM 739  C CD  . ARG B 2 14 ? 19.095  -5.811  27.756  1.00 64.80 ? 194 ARG C CD  1 
ATOM 740  N NE  . ARG B 2 14 ? 18.166  -6.062  28.857  1.00 62.53 ? 194 ARG C NE  1 
ATOM 741  C CZ  . ARG B 2 14 ? 17.840  -7.271  29.305  1.00 60.23 ? 194 ARG C CZ  1 
ATOM 742  N NH1 . ARG B 2 14 ? 18.378  -8.361  28.761  1.00 58.92 ? 194 ARG C NH1 1 
ATOM 743  N NH2 . ARG B 2 14 ? 16.980  -7.387  30.310  1.00 64.17 ? 194 ARG C NH2 1 
ATOM 744  N N   . LYS B 2 15 ? 17.043  -8.308  23.307  1.00 49.68 ? 195 LYS C N   1 
ATOM 745  C CA  . LYS B 2 15 ? 17.096  -9.516  22.463  1.00 47.38 ? 195 LYS C CA  1 
ATOM 746  C C   . LYS B 2 15 ? 16.564  -9.358  21.014  1.00 55.54 ? 195 LYS C C   1 
ATOM 747  O O   . LYS B 2 15 ? 16.501  -10.349 20.260  1.00 52.70 ? 195 LYS C O   1 
ATOM 748  C CB  . LYS B 2 15 ? 16.347  -10.667 23.155  1.00 43.64 ? 195 LYS C CB  1 
ATOM 749  C CG  . LYS B 2 15 ? 16.986  -11.159 24.483  1.00 60.99 ? 195 LYS C CG  1 
ATOM 750  C CD  . LYS B 2 15 ? 18.000  -12.299 24.277  1.00 64.48 ? 195 LYS C CD  1 
ATOM 751  C CE  . LYS B 2 15 ? 18.706  -12.717 25.580  1.00 60.20 ? 195 LYS C CE  1 
ATOM 752  N NZ  . LYS B 2 15 ? 17.871  -13.582 26.485  1.00 65.06 ? 195 LYS C NZ  1 
ATOM 753  N N   . HIS B 2 16 ? 16.181  -8.134  20.632  1.00 48.99 ? 196 HIS C N   1 
ATOM 754  C CA  . HIS B 2 16 ? 15.570  -7.871  19.316  1.00 45.54 ? 196 HIS C CA  1 
ATOM 755  C C   . HIS B 2 16 ? 15.583  -6.391  19.013  1.00 44.24 ? 196 HIS C C   1 
ATOM 756  O O   . HIS B 2 16 ? 14.817  -5.627  19.596  1.00 50.12 ? 196 HIS C O   1 
ATOM 757  C CB  . HIS B 2 16 ? 14.125  -8.357  19.260  1.00 37.79 ? 196 HIS C CB  1 
ATOM 758  C CG  . HIS B 2 16 ? 13.979  -9.845  19.300  1.00 44.19 ? 196 HIS C CG  1 
ATOM 759  N ND1 . HIS B 2 16 ? 13.677  -10.531 20.458  1.00 49.26 ? 196 HIS C ND1 1 
ATOM 760  C CD2 . HIS B 2 16 ? 14.086  -10.779 18.325  1.00 42.83 ? 196 HIS C CD2 1 
ATOM 761  C CE1 . HIS B 2 16 ? 13.592  -11.824 20.190  1.00 55.07 ? 196 HIS C CE1 1 
ATOM 762  N NE2 . HIS B 2 16 ? 13.836  -12.002 18.903  1.00 45.88 ? 196 HIS C NE2 1 
ATOM 763  N N   . VAL B 2 17 ? 16.455  -5.985  18.100  1.00 43.56 ? 197 VAL C N   1 
ATOM 764  C CA  . VAL B 2 17 ? 16.661  -4.568  17.844  1.00 40.73 ? 197 VAL C CA  1 
ATOM 765  C C   . VAL B 2 17 ? 16.088  -4.239  16.471  1.00 50.80 ? 197 VAL C C   1 
ATOM 766  O O   . VAL B 2 17 ? 16.523  -4.771  15.442  1.00 44.58 ? 197 VAL C O   1 
ATOM 767  C CB  . VAL B 2 17 ? 18.165  -4.162  17.942  1.00 52.66 ? 197 VAL C CB  1 
ATOM 768  C CG1 . VAL B 2 17 ? 18.363  -2.703  17.560  1.00 46.69 ? 197 VAL C CG1 1 
ATOM 769  C CG2 . VAL B 2 17 ? 18.704  -4.407  19.356  1.00 46.79 ? 197 VAL C CG2 1 
ATOM 770  N N   . PHE B 2 18 ? 15.090  -3.364  16.473  1.00 48.56 ? 198 PHE C N   1 
ATOM 771  C CA  . PHE B 2 18 ? 14.344  -3.071  15.276  1.00 41.56 ? 198 PHE C CA  1 
ATOM 772  C C   . PHE B 2 18 ? 15.086  -2.113  14.366  1.00 45.94 ? 198 PHE C C   1 
ATOM 773  O O   . PHE B 2 18 ? 15.352  -0.967  14.743  1.00 44.25 ? 198 PHE C O   1 
ATOM 774  C CB  . PHE B 2 18 ? 12.958  -2.550  15.646  1.00 44.76 ? 198 PHE C CB  1 
ATOM 775  C CG  . PHE B 2 18 ? 12.096  -3.577  16.330  1.00 40.94 ? 198 PHE C CG  1 
ATOM 776  C CD1 . PHE B 2 18 ? 12.131  -3.726  17.709  1.00 47.16 ? 198 PHE C CD1 1 
ATOM 777  C CD2 . PHE B 2 18 ? 11.281  -4.411  15.595  1.00 35.43 ? 198 PHE C CD2 1 
ATOM 778  C CE1 . PHE B 2 18 ? 11.352  -4.679  18.336  1.00 44.69 ? 198 PHE C CE1 1 
ATOM 779  C CE2 . PHE B 2 18 ? 10.496  -5.361  16.212  1.00 40.67 ? 198 PHE C CE2 1 
ATOM 780  C CZ  . PHE B 2 18 ? 10.531  -5.501  17.585  1.00 45.07 ? 198 PHE C CZ  1 
ATOM 781  N N   . PRO B 2 19 ? 15.420  -2.585  13.151  1.00 39.69 ? 199 PRO C N   1 
ATOM 782  C CA  . PRO B 2 19 ? 16.103  -1.713  12.197  1.00 43.16 ? 199 PRO C CA  1 
ATOM 783  C C   . PRO B 2 19 ? 15.131  -0.614  11.788  1.00 47.33 ? 199 PRO C C   1 
ATOM 784  O O   . PRO B 2 19 ? 13.915  -0.795  11.911  1.00 44.78 ? 199 PRO C O   1 
ATOM 785  C CB  . PRO B 2 19 ? 16.421  -2.647  11.021  1.00 42.29 ? 199 PRO C CB  1 
ATOM 786  C CG  . PRO B 2 19 ? 15.430  -3.757  11.126  1.00 37.61 ? 199 PRO C CG  1 
ATOM 787  C CD  . PRO B 2 19 ? 14.963  -3.849  12.545  1.00 38.29 ? 199 PRO C CD  1 
ATOM 788  N N   . SER B 2 20 ? 15.657  0.520   11.347  1.00 50.08 ? 200 SER C N   1 
ATOM 789  C CA  . SER B 2 20 ? 14.822  1.654   10.992  1.00 52.18 ? 200 SER C CA  1 
ATOM 790  C C   . SER B 2 20 ? 14.706  1.808   9.473   1.00 54.17 ? 200 SER C C   1 
ATOM 791  O O   . SER B 2 20 ? 15.523  1.286   8.711   1.00 54.41 ? 200 SER C O   1 
ATOM 792  C CB  . SER B 2 20 ? 15.381  2.926   11.625  1.00 61.56 ? 200 SER C CB  1 
ATOM 793  O OG  . SER B 2 20 ? 16.795  2.944   11.525  1.00 65.46 ? 200 SER C OG  1 
ATOM 794  N N   . VAL B 2 21 ? 13.680  2.517   9.028   1.00 49.86 ? 201 VAL C N   1 
ATOM 795  C CA  . VAL B 2 21 ? 13.499  2.709   7.602   1.00 55.18 ? 201 VAL C CA  1 
ATOM 796  C C   . VAL B 2 21 ? 14.326  3.902   7.120   1.00 59.88 ? 201 VAL C C   1 
ATOM 797  O O   . VAL B 2 21 ? 14.662  4.788   7.916   1.00 61.20 ? 201 VAL C O   1 
ATOM 798  C CB  . VAL B 2 21 ? 12.013  2.916   7.254   1.00 50.26 ? 201 VAL C CB  1 
ATOM 799  C CG1 . VAL B 2 21 ? 11.205  1.716   7.717   1.00 45.73 ? 201 VAL C CG1 1 
ATOM 800  C CG2 . VAL B 2 21 ? 11.496  4.203   7.897   1.00 43.58 ? 201 VAL C CG2 1 
ATOM 801  N N   . PRO B 2 22 ? 14.673  3.912   5.820   1.00 60.56 ? 202 PRO C N   1 
ATOM 802  C CA  . PRO B 2 22 ? 15.354  5.029   5.159   1.00 53.08 ? 202 PRO C CA  1 
ATOM 803  C C   . PRO B 2 22 ? 14.544  6.313   5.200   1.00 58.82 ? 202 PRO C C   1 
ATOM 804  O O   . PRO B 2 22 ? 13.328  6.256   5.371   1.00 61.60 ? 202 PRO C O   1 
ATOM 805  C CB  . PRO B 2 22 ? 15.481  4.541   3.718   1.00 51.77 ? 202 PRO C CB  1 
ATOM 806  C CG  . PRO B 2 22 ? 15.556  3.076   3.838   1.00 49.97 ? 202 PRO C CG  1 
ATOM 807  C CD  . PRO B 2 22 ? 14.666  2.703   4.979   1.00 52.27 ? 202 PRO C CD  1 
ATOM 808  N N   . LYS B 2 23 ? 15.208  7.457   5.048   1.00 65.13 ? 203 LYS C N   1 
ATOM 809  C CA  . LYS B 2 23 ? 14.506  8.744   4.963   1.00 74.69 ? 203 LYS C CA  1 
ATOM 810  C C   . LYS B 2 23 ? 14.115  9.108   3.519   1.00 74.51 ? 203 LYS C C   1 
ATOM 811  O O   . LYS B 2 23 ? 13.286  9.996   3.280   1.00 66.44 ? 203 LYS C O   1 
ATOM 812  C CB  . LYS B 2 23 ? 15.330  9.873   5.602   1.00 67.82 ? 203 LYS C CB  1 
ATOM 813  C CG  . LYS B 2 23 ? 14.643  11.244  5.530   1.00 66.00 ? 203 LYS C CG  1 
ATOM 814  C CD  . LYS B 2 23 ? 15.256  12.248  6.494   1.00 64.96 ? 203 LYS C CD  1 
ATOM 815  C CE  . LYS B 2 23 ? 16.728  12.454  6.211   1.00 63.19 ? 203 LYS C CE  1 
ATOM 816  N NZ  . LYS B 2 23 ? 17.257  13.644  6.923   1.00 61.80 ? 203 LYS C NZ  1 
ATOM 817  O OXT . LYS B 2 23 ? 14.608  8.521   2.548   1.00 71.26 ? 203 LYS C OXT 1 
ATOM 818  N N   . GLY C 1 5  ? -9.326  6.375   -24.741 1.00 55.12 ? 4   GLY B N   1 
ATOM 819  C CA  . GLY C 1 5  ? -10.682 6.615   -24.288 1.00 50.82 ? 4   GLY B CA  1 
ATOM 820  C C   . GLY C 1 5  ? -11.316 5.327   -23.803 1.00 56.45 ? 4   GLY B C   1 
ATOM 821  O O   . GLY C 1 5  ? -12.065 5.321   -22.830 1.00 56.70 ? 4   GLY B O   1 
ATOM 822  N N   . ASP C 1 6  ? -11.001 4.224   -24.476 1.00 60.46 ? 5   ASP B N   1 
ATOM 823  C CA  . ASP C 1 6  ? -11.560 2.921   -24.117 1.00 63.45 ? 5   ASP B CA  1 
ATOM 824  C C   . ASP C 1 6  ? -10.975 2.364   -22.822 1.00 52.77 ? 5   ASP B C   1 
ATOM 825  O O   . ASP C 1 6  ? -11.696 1.781   -22.019 1.00 54.76 ? 5   ASP B O   1 
ATOM 826  C CB  . ASP C 1 6  ? -11.376 1.917   -25.255 1.00 71.32 ? 5   ASP B CB  1 
ATOM 827  C CG  . ASP C 1 6  ? -11.913 0.541   -24.907 1.00 75.55 ? 5   ASP B CG  1 
ATOM 828  O OD1 . ASP C 1 6  ? -13.142 0.422   -24.674 1.00 65.91 ? 5   ASP B OD1 1 
ATOM 829  O OD2 . ASP C 1 6  ? -11.102 -0.419  -24.863 1.00 80.63 ? 5   ASP B OD2 1 
ATOM 830  N N   . PHE C 1 7  ? -9.675  2.537   -22.624 1.00 51.01 ? 6   PHE B N   1 
ATOM 831  C CA  . PHE C 1 7  ? -9.040  2.149   -21.359 1.00 49.64 ? 6   PHE B CA  1 
ATOM 832  C C   . PHE C 1 7  ? -9.633  2.980   -20.227 1.00 50.01 ? 6   PHE B C   1 
ATOM 833  O O   . PHE C 1 7  ? -9.997  2.461   -19.162 1.00 49.89 ? 6   PHE B O   1 
ATOM 834  C CB  . PHE C 1 7  ? -7.535  2.399   -21.409 1.00 53.96 ? 6   PHE B CB  1 
ATOM 835  C CG  . PHE C 1 7  ? -6.778  1.412   -22.245 1.00 55.61 ? 6   PHE B CG  1 
ATOM 836  C CD1 . PHE C 1 7  ? -7.039  0.050   -22.143 1.00 55.32 ? 6   PHE B CD1 1 
ATOM 837  C CD2 . PHE C 1 7  ? -5.781  1.839   -23.114 1.00 56.04 ? 6   PHE B CD2 1 
ATOM 838  C CE1 . PHE C 1 7  ? -6.330  -0.873  -22.912 1.00 53.71 ? 6   PHE B CE1 1 
ATOM 839  C CE2 . PHE C 1 7  ? -5.065  0.928   -23.880 1.00 58.49 ? 6   PHE B CE2 1 
ATOM 840  C CZ  . PHE C 1 7  ? -5.337  -0.434  -23.776 1.00 51.07 ? 6   PHE B CZ  1 
ATOM 841  N N   . LEU C 1 8  ? -9.707  4.281   -20.483 1.00 49.25 ? 7   LEU B N   1 
ATOM 842  C CA  . LEU C 1 8  ? -10.288 5.254   -19.574 1.00 44.88 ? 7   LEU B CA  1 
ATOM 843  C C   . LEU C 1 8  ? -11.660 4.804   -19.121 1.00 48.78 ? 7   LEU B C   1 
ATOM 844  O O   . LEU C 1 8  ? -11.983 4.853   -17.927 1.00 44.69 ? 7   LEU B O   1 
ATOM 845  C CB  . LEU C 1 8  ? -10.426 6.581   -20.315 1.00 51.85 ? 7   LEU B CB  1 
ATOM 846  C CG  . LEU C 1 8  ? -10.242 7.862   -19.522 1.00 49.76 ? 7   LEU B CG  1 
ATOM 847  C CD1 . LEU C 1 8  ? -9.287  7.633   -18.372 1.00 42.71 ? 7   LEU B CD1 1 
ATOM 848  C CD2 . LEU C 1 8  ? -9.746  8.969   -20.456 1.00 45.45 ? 7   LEU B CD2 1 
ATOM 849  N N   . THR C 1 9  ? -12.476 4.382   -20.081 1.00 50.27 ? 8   THR B N   1 
ATOM 850  C CA  . THR C 1 9  ? -13.813 3.908   -19.759 1.00 54.57 ? 8   THR B CA  1 
ATOM 851  C C   . THR C 1 9  ? -13.718 2.719   -18.803 1.00 49.93 ? 8   THR B C   1 
ATOM 852  O O   . THR C 1 9  ? -14.411 2.668   -17.783 1.00 53.12 ? 8   THR B O   1 
ATOM 853  C CB  . THR C 1 9  ? -14.589 3.486   -21.016 1.00 50.35 ? 8   THR B CB  1 
ATOM 854  O OG1 . THR C 1 9  ? -14.756 4.623   -21.878 1.00 53.82 ? 8   THR B OG1 1 
ATOM 855  C CG2 . THR C 1 9  ? -15.952 2.921   -20.620 1.00 48.98 ? 8   THR B CG2 1 
ATOM 856  N N   . LYS C 1 10 ? -12.842 1.773   -19.129 1.00 48.94 ? 9   LYS B N   1 
ATOM 857  C CA  . LYS C 1 10 ? -12.698 0.568   -18.324 1.00 52.70 ? 9   LYS B CA  1 
ATOM 858  C C   . LYS C 1 10 ? -12.217 0.951   -16.931 1.00 46.54 ? 9   LYS B C   1 
ATOM 859  O O   . LYS C 1 10 ? -12.770 0.516   -15.925 1.00 46.90 ? 9   LYS B O   1 
ATOM 860  C CB  . LYS C 1 10 ? -11.717 -0.398  -18.988 1.00 50.39 ? 9   LYS B CB  1 
ATOM 861  C CG  . LYS C 1 10 ? -12.068 -0.747  -20.432 1.00 48.07 ? 9   LYS B CG  1 
ATOM 862  C CD  . LYS C 1 10 ? -13.084 -1.879  -20.490 1.00 52.08 ? 9   LYS B CD  1 
ATOM 863  C CE  . LYS C 1 10 ? -13.380 -2.309  -21.931 1.00 56.26 ? 9   LYS B CE  1 
ATOM 864  N NZ  . LYS C 1 10 ? -12.147 -2.491  -22.776 1.00 55.08 ? 9   LYS B NZ  1 
ATOM 865  N N   . GLY C 1 11 ? -11.197 1.794   -16.880 1.00 41.81 ? 10  GLY B N   1 
ATOM 866  C CA  . GLY C 1 11 ? -10.671 2.269   -15.615 1.00 40.43 ? 10  GLY B CA  1 
ATOM 867  C C   . GLY C 1 11 ? -11.740 2.898   -14.744 1.00 43.15 ? 10  GLY B C   1 
ATOM 868  O O   . GLY C 1 11 ? -11.956 2.499   -13.603 1.00 43.94 ? 10  GLY B O   1 
ATOM 869  N N   . ILE C 1 12 ? -12.435 3.874   -15.307 1.00 48.63 ? 11  ILE B N   1 
ATOM 870  C CA  . ILE C 1 12 ? -13.509 4.560   -14.613 1.00 44.07 ? 11  ILE B CA  1 
ATOM 871  C C   . ILE C 1 12 ? -14.596 3.594   -14.164 1.00 43.80 ? 11  ILE B C   1 
ATOM 872  O O   . ILE C 1 12 ? -15.106 3.691   -13.047 1.00 41.96 ? 11  ILE B O   1 
ATOM 873  C CB  . ILE C 1 12 ? -14.123 5.658   -15.515 1.00 40.41 ? 11  ILE B CB  1 
ATOM 874  C CG1 . ILE C 1 12 ? -13.141 6.835   -15.637 1.00 40.82 ? 11  ILE B CG1 1 
ATOM 875  C CG2 . ILE C 1 12 ? -15.502 6.081   -14.973 1.00 43.39 ? 11  ILE B CG2 1 
ATOM 876  C CD1 . ILE C 1 12 ? -13.550 7.920   -16.630 1.00 47.51 ? 11  ILE B CD1 1 
ATOM 877  N N   . GLU C 1 13 ? -14.962 2.670   -15.041 1.00 41.09 ? 12  GLU B N   1 
ATOM 878  C CA  . GLU C 1 13 ? -15.940 1.655   -14.687 1.00 45.79 ? 12  GLU B CA  1 
ATOM 879  C C   . GLU C 1 13 ? -15.441 0.926   -13.434 1.00 48.42 ? 12  GLU B C   1 
ATOM 880  O O   . GLU C 1 13 ? -16.140 0.829   -12.426 1.00 46.89 ? 12  GLU B O   1 
ATOM 881  C CB  . GLU C 1 13 ? -16.123 0.680   -15.854 1.00 54.18 ? 12  GLU B CB  1 
ATOM 882  C CG  . GLU C 1 13 ? -17.493 0.021   -15.943 1.00 62.84 ? 12  GLU B CG  1 
ATOM 883  C CD  . GLU C 1 13 ? -17.795 -0.505  -17.339 1.00 59.57 ? 12  GLU B CD  1 
ATOM 884  N N   . LEU C 1 14 ? -14.209 0.438   -13.479 1.00 46.62 ? 13  LEU B N   1 
ATOM 885  C CA  . LEU C 1 14 ? -13.665 -0.295  -12.334 1.00 43.99 ? 13  LEU B CA  1 
ATOM 886  C C   . LEU C 1 14 ? -13.565 0.574   -11.084 1.00 44.79 ? 13  LEU B C   1 
ATOM 887  O O   . LEU C 1 14 ? -13.892 0.134   -9.980  1.00 42.41 ? 13  LEU B O   1 
ATOM 888  C CB  . LEU C 1 14 ? -12.328 -0.928  -12.695 1.00 43.42 ? 13  LEU B CB  1 
ATOM 889  C CG  . LEU C 1 14 ? -12.501 -2.051  -13.724 1.00 40.62 ? 13  LEU B CG  1 
ATOM 890  C CD1 . LEU C 1 14 ? -11.185 -2.340  -14.399 1.00 43.81 ? 13  LEU B CD1 1 
ATOM 891  C CD2 . LEU C 1 14 ? -13.070 -3.305  -13.058 1.00 41.79 ? 13  LEU B CD2 1 
ATOM 892  N N   . VAL C 1 15 ? -13.150 1.819   -11.260 1.00 38.21 ? 14  VAL B N   1 
ATOM 893  C CA  . VAL C 1 15 ? -13.043 2.721   -10.130 1.00 41.65 ? 14  VAL B CA  1 
ATOM 894  C C   . VAL C 1 15 ? -14.405 3.078   -9.524  1.00 47.80 ? 14  VAL B C   1 
ATOM 895  O O   . VAL C 1 15 ? -14.505 3.338   -8.326  1.00 46.61 ? 14  VAL B O   1 
ATOM 896  C CB  . VAL C 1 15 ? -12.248 3.999   -10.489 1.00 46.60 ? 14  VAL B CB  1 
ATOM 897  C CG1 . VAL C 1 15 ? -12.234 4.976   -9.310  1.00 41.78 ? 14  VAL B CG1 1 
ATOM 898  C CG2 . VAL C 1 15 ? -10.834 3.637   -10.892 1.00 36.96 ? 14  VAL B CG2 1 
ATOM 899  N N   . GLN C 1 16 ? -15.455 3.074   -10.339 1.00 50.91 ? 15  GLN B N   1 
ATOM 900  C CA  . GLN C 1 16 ? -16.800 3.323   -9.824  1.00 45.95 ? 15  GLN B CA  1 
ATOM 901  C C   . GLN C 1 16 ? -17.227 2.178   -8.916  1.00 48.25 ? 15  GLN B C   1 
ATOM 902  O O   . GLN C 1 16 ? -17.731 2.407   -7.814  1.00 51.53 ? 15  GLN B O   1 
ATOM 903  C CB  . GLN C 1 16 ? -17.815 3.517   -10.963 1.00 51.88 ? 15  GLN B CB  1 
ATOM 904  C CG  . GLN C 1 16 ? -19.221 3.917   -10.482 1.00 55.00 ? 15  GLN B CG  1 
ATOM 905  C CD  . GLN C 1 16 ? -19.212 5.164   -9.604  1.00 60.00 ? 15  GLN B CD  1 
ATOM 906  O OE1 . GLN C 1 16 ? -19.350 5.085   -8.374  1.00 60.73 ? 15  GLN B OE1 1 
ATOM 907  N NE2 . GLN C 1 16 ? -19.040 6.326   -10.230 1.00 49.38 ? 15  GLN B NE2 1 
ATOM 908  N N   . LYS C 1 17 ? -17.014 0.946   -9.365  1.00 45.18 ? 16  LYS B N   1 
ATOM 909  C CA  . LYS C 1 17 ? -17.318 -0.198  -8.523  1.00 45.51 ? 16  LYS B CA  1 
ATOM 910  C C   . LYS C 1 17 ? -16.534 -0.083  -7.225  1.00 50.59 ? 16  LYS B C   1 
ATOM 911  O O   . LYS C 1 17 ? -17.082 -0.325  -6.147  1.00 54.29 ? 16  LYS B O   1 
ATOM 912  C CB  . LYS C 1 17 ? -17.004 -1.516  -9.240  1.00 45.37 ? 16  LYS B CB  1 
ATOM 913  N N   . ALA C 1 18 ? -15.261 0.312   -7.325  1.00 48.16 ? 17  ALA B N   1 
ATOM 914  C CA  . ALA C 1 18 ? -14.388 0.402   -6.154  1.00 44.51 ? 17  ALA B CA  1 
ATOM 915  C C   . ALA C 1 18 ? -14.964 1.336   -5.106  1.00 48.13 ? 17  ALA B C   1 
ATOM 916  O O   . ALA C 1 18 ? -14.906 1.069   -3.895  1.00 45.04 ? 17  ALA B O   1 
ATOM 917  C CB  . ALA C 1 18 ? -12.999 0.868   -6.558  1.00 44.27 ? 17  ALA B CB  1 
ATOM 918  N N   . ILE C 1 19 ? -15.501 2.447   -5.589  1.00 45.76 ? 18  ILE B N   1 
ATOM 919  C CA  . ILE C 1 19 ? -16.085 3.476   -4.745  1.00 47.75 ? 18  ILE B CA  1 
ATOM 920  C C   . ILE C 1 19 ? -17.386 3.013   -4.093  1.00 51.82 ? 18  ILE B C   1 
ATOM 921  O O   . ILE C 1 19 ? -17.609 3.253   -2.907  1.00 51.82 ? 18  ILE B O   1 
ATOM 922  C CB  . ILE C 1 19 ? -16.360 4.744   -5.567  1.00 47.76 ? 18  ILE B CB  1 
ATOM 923  C CG1 . ILE C 1 19 ? -15.044 5.253   -6.153  1.00 45.40 ? 18  ILE B CG1 1 
ATOM 924  C CG2 . ILE C 1 19 ? -17.072 5.803   -4.711  1.00 44.24 ? 18  ILE B CG2 1 
ATOM 925  C CD1 . ILE C 1 19 ? -15.084 6.683   -6.652  1.00 46.15 ? 18  ILE B CD1 1 
ATOM 926  N N   . ASP C 1 20 ? -18.248 2.364   -4.870  1.00 49.45 ? 19  ASP B N   1 
ATOM 927  C CA  . ASP C 1 20 ? -19.477 1.796   -4.327  1.00 49.99 ? 19  ASP B CA  1 
ATOM 928  C C   . ASP C 1 20 ? -19.154 0.833   -3.188  1.00 52.92 ? 19  ASP B C   1 
ATOM 929  O O   . ASP C 1 20 ? -19.741 0.935   -2.110  1.00 55.98 ? 19  ASP B O   1 
ATOM 930  C CB  . ASP C 1 20 ? -20.286 1.086   -5.414  1.00 50.89 ? 19  ASP B CB  1 
ATOM 931  C CG  . ASP C 1 20 ? -20.848 2.053   -6.459  1.00 59.76 ? 19  ASP B CG  1 
ATOM 932  O OD1 . ASP C 1 20 ? -20.935 3.272   -6.178  1.00 58.64 ? 19  ASP B OD1 1 
ATOM 933  O OD2 . ASP C 1 20 ? -21.206 1.590   -7.566  1.00 56.74 ? 19  ASP B OD2 1 
ATOM 934  N N   . LEU C 1 21 ? -18.223 -0.093  -3.434  1.00 45.94 ? 20  LEU B N   1 
ATOM 935  C CA  . LEU C 1 21 ? -17.703 -0.989  -2.390  1.00 51.60 ? 20  LEU B CA  1 
ATOM 936  C C   . LEU C 1 21 ? -17.094 -0.230  -1.208  1.00 48.16 ? 20  LEU B C   1 
ATOM 937  O O   . LEU C 1 21 ? -17.310 -0.590  -0.055  1.00 48.30 ? 20  LEU B O   1 
ATOM 938  C CB  . LEU C 1 21 ? -16.642 -1.935  -2.967  1.00 50.83 ? 20  LEU B CB  1 
ATOM 939  C CG  . LEU C 1 21 ? -17.084 -3.015  -3.949  1.00 53.17 ? 20  LEU B CG  1 
ATOM 940  C CD1 . LEU C 1 21 ? -15.880 -3.836  -4.447  1.00 49.14 ? 20  LEU B CD1 1 
ATOM 941  C CD2 . LEU C 1 21 ? -18.137 -3.915  -3.303  1.00 56.47 ? 20  LEU B CD2 1 
ATOM 942  N N   . ASP C 1 22 ? -16.312 0.803   -1.510  1.00 49.83 ? 21  ASP B N   1 
ATOM 943  C CA  . ASP C 1 22 ? -15.631 1.599   -0.491  1.00 48.95 ? 21  ASP B CA  1 
ATOM 944  C C   . ASP C 1 22 ? -16.675 2.253   0.410   1.00 52.12 ? 21  ASP B C   1 
ATOM 945  O O   . ASP C 1 22 ? -16.635 2.118   1.633   1.00 53.78 ? 21  ASP B O   1 
ATOM 946  C CB  . ASP C 1 22 ? -14.721 2.642   -1.163  1.00 50.28 ? 21  ASP B CB  1 
ATOM 947  C CG  . ASP C 1 22 ? -14.068 3.605   -0.170  1.00 49.20 ? 21  ASP B CG  1 
ATOM 948  O OD1 . ASP C 1 22 ? -14.606 3.810   0.928   1.00 51.41 ? 21  ASP B OD1 1 
ATOM 949  O OD2 . ASP C 1 22 ? -13.022 4.197   -0.506  1.00 45.20 ? 21  ASP B OD2 1 
ATOM 950  N N   . THR C 1 23 ? -17.621 2.945   -0.207  1.00 57.35 ? 22  THR B N   1 
ATOM 951  C CA  . THR C 1 23 ? -18.760 3.507   0.507   1.00 56.36 ? 22  THR B CA  1 
ATOM 952  C C   . THR C 1 23 ? -19.507 2.451   1.339   1.00 56.16 ? 22  THR B C   1 
ATOM 953  O O   . THR C 1 23 ? -19.948 2.733   2.457   1.00 53.31 ? 22  THR B O   1 
ATOM 954  C CB  . THR C 1 23 ? -19.724 4.207   -0.474  1.00 56.46 ? 22  THR B CB  1 
ATOM 955  O OG1 . THR C 1 23 ? -19.086 5.377   -0.997  1.00 59.99 ? 22  THR B OG1 1 
ATOM 956  C CG2 . THR C 1 23 ? -21.014 4.619   0.226   1.00 56.85 ? 22  THR B CG2 1 
ATOM 957  N N   . ALA C 1 24 ? -19.618 1.239   0.794   1.00 50.87 ? 23  ALA B N   1 
ATOM 958  C CA  . ALA C 1 24 ? -20.297 0.124   1.463   1.00 54.06 ? 23  ALA B CA  1 
ATOM 959  C C   . ALA C 1 24 ? -19.380 -0.638  2.420   1.00 55.81 ? 23  ALA B C   1 
ATOM 960  O O   . ALA C 1 24 ? -19.699 -1.749  2.844   1.00 57.65 ? 23  ALA B O   1 
ATOM 961  C CB  . ALA C 1 24 ? -20.902 -0.844  0.430   1.00 52.79 ? 23  ALA B CB  1 
ATOM 962  N N   . THR C 1 25 ? -18.230 -0.048  2.732   1.00 61.26 ? 24  THR B N   1 
ATOM 963  C CA  . THR C 1 25 ? -17.344 -0.575  3.769   1.00 58.68 ? 24  THR B CA  1 
ATOM 964  C C   . THR C 1 25 ? -16.822 -1.990  3.500   1.00 51.91 ? 24  THR B C   1 
ATOM 965  O O   . THR C 1 25 ? -16.421 -2.688  4.423   1.00 56.59 ? 24  THR B O   1 
ATOM 966  C CB  . THR C 1 25 ? -18.042 -0.533  5.144   1.00 59.02 ? 24  THR B CB  1 
ATOM 967  O OG1 . THR C 1 25 ? -18.701 0.732   5.300   1.00 59.40 ? 24  THR B OG1 1 
ATOM 968  C CG2 . THR C 1 25 ? -17.033 -0.713  6.264   1.00 63.61 ? 24  THR B CG2 1 
ATOM 969  N N   . GLN C 1 26 ? -16.825 -2.410  2.238   1.00 51.81 ? 25  GLN B N   1 
ATOM 970  C CA  . GLN C 1 26 ? -16.214 -3.689  1.877   1.00 55.41 ? 25  GLN B CA  1 
ATOM 971  C C   . GLN C 1 26 ? -14.793 -3.452  1.394   1.00 53.35 ? 25  GLN B C   1 
ATOM 972  O O   . GLN C 1 26 ? -14.439 -3.790  0.264   1.00 54.68 ? 25  GLN B O   1 
ATOM 973  C CB  . GLN C 1 26 ? -17.025 -4.404  0.802   1.00 53.72 ? 25  GLN B CB  1 
ATOM 974  C CG  . GLN C 1 26 ? -18.403 -4.843  1.262   1.00 59.29 ? 25  GLN B CG  1 
ATOM 975  C CD  . GLN C 1 26 ? -18.849 -6.117  0.578   1.00 72.30 ? 25  GLN B CD  1 
ATOM 976  O OE1 . GLN C 1 26 ? -19.612 -6.081  -0.392  1.00 79.58 ? 25  GLN B OE1 1 
ATOM 977  N NE2 . GLN C 1 26 ? -18.363 -7.257  1.073   1.00 79.23 ? 25  GLN B NE2 1 
ATOM 978  N N   . TYR C 1 27 ? -13.987 -2.884  2.286   1.00 53.31 ? 26  TYR B N   1 
ATOM 979  C CA  . TYR C 1 27 ? -12.679 -2.333  1.958   1.00 47.21 ? 26  TYR B CA  1 
ATOM 980  C C   . TYR C 1 27 ? -11.727 -3.284  1.252   1.00 43.83 ? 26  TYR B C   1 
ATOM 981  O O   . TYR C 1 27 ? -10.913 -2.857  0.432   1.00 49.26 ? 26  TYR B O   1 
ATOM 982  C CB  . TYR C 1 27 ? -12.028 -1.765  3.220   1.00 44.90 ? 26  TYR B CB  1 
ATOM 983  C CG  . TYR C 1 27 ? -12.824 -0.642  3.834   1.00 51.15 ? 26  TYR B CG  1 
ATOM 984  C CD1 . TYR C 1 27 ? -13.391 0.344   3.033   1.00 52.50 ? 26  TYR B CD1 1 
ATOM 985  C CD2 . TYR C 1 27 ? -13.008 -0.557  5.203   1.00 52.17 ? 26  TYR B CD2 1 
ATOM 986  C CE1 . TYR C 1 27 ? -14.123 1.375   3.576   1.00 52.70 ? 26  TYR B CE1 1 
ATOM 987  C CE2 . TYR C 1 27 ? -13.740 0.478   5.761   1.00 55.61 ? 26  TYR B CE2 1 
ATOM 988  C CZ  . TYR C 1 27 ? -14.293 1.442   4.944   1.00 60.30 ? 26  TYR B CZ  1 
ATOM 989  O OH  . TYR C 1 27 ? -15.023 2.475   5.495   1.00 64.31 ? 26  TYR B OH  1 
ATOM 990  N N   . GLU C 1 28 ? -11.813 -4.569  1.559   1.00 49.38 ? 27  GLU B N   1 
ATOM 991  C CA  . GLU C 1 28 ? -10.887 -5.510  0.950   1.00 48.70 ? 27  GLU B CA  1 
ATOM 992  C C   . GLU C 1 28 ? -11.193 -5.587  -0.539  1.00 50.06 ? 27  GLU B C   1 
ATOM 993  O O   . GLU C 1 28 ? -10.293 -5.591  -1.390  1.00 49.14 ? 27  GLU B O   1 
ATOM 994  C CB  . GLU C 1 28 ? -10.993 -6.884  1.610   1.00 42.62 ? 27  GLU B CB  1 
ATOM 995  C CG  . GLU C 1 28 ? -9.628  -7.509  1.927   1.00 55.00 ? 27  GLU B CG  1 
ATOM 996  N N   . GLU C 1 29 ? -12.480 -5.624  -0.857  1.00 45.64 ? 28  GLU B N   1 
ATOM 997  C CA  . GLU C 1 29 ? -12.873 -5.725  -2.238  1.00 48.79 ? 28  GLU B CA  1 
ATOM 998  C C   . GLU C 1 29 ? -12.663 -4.375  -2.957  1.00 50.36 ? 28  GLU B C   1 
ATOM 999  O O   . GLU C 1 29 ? -12.217 -4.354  -4.117  1.00 43.98 ? 28  GLU B O   1 
ATOM 1000 C CB  . GLU C 1 29 ? -14.319 -6.230  -2.342  1.00 54.10 ? 28  GLU B CB  1 
ATOM 1001 N N   . ALA C 1 30 ? -12.968 -3.260  -2.274  1.00 40.31 ? 29  ALA B N   1 
ATOM 1002 C CA  . ALA C 1 30 ? -12.732 -1.934  -2.854  1.00 42.82 ? 29  ALA B CA  1 
ATOM 1003 C C   . ALA C 1 30 ? -11.260 -1.791  -3.245  1.00 44.02 ? 29  ALA B C   1 
ATOM 1004 O O   . ALA C 1 30 ? -10.921 -1.268  -4.308  1.00 40.75 ? 29  ALA B O   1 
ATOM 1005 C CB  . ALA C 1 30 ? -13.142 -0.822  -1.887  1.00 39.21 ? 29  ALA B CB  1 
ATOM 1006 N N   . TYR C 1 31 ? -10.388 -2.267  -2.368  1.00 38.36 ? 30  TYR B N   1 
ATOM 1007 C CA  . TYR C 1 31 ? -8.967  -2.132  -2.596  1.00 43.67 ? 30  TYR B CA  1 
ATOM 1008 C C   . TYR C 1 31 ? -8.574  -2.738  -3.945  1.00 40.88 ? 30  TYR B C   1 
ATOM 1009 O O   . TYR C 1 31 ? -7.951  -2.085  -4.785  1.00 38.88 ? 30  TYR B O   1 
ATOM 1010 C CB  . TYR C 1 31 ? -8.174  -2.784  -1.453  1.00 36.89 ? 30  TYR B CB  1 
ATOM 1011 C CG  . TYR C 1 31 ? -6.695  -2.594  -1.641  1.00 37.66 ? 30  TYR B CG  1 
ATOM 1012 C CD1 . TYR C 1 31 ? -6.097  -1.375  -1.337  1.00 36.54 ? 30  TYR B CD1 1 
ATOM 1013 C CD2 . TYR C 1 31 ? -5.899  -3.615  -2.159  1.00 32.89 ? 30  TYR B CD2 1 
ATOM 1014 C CE1 . TYR C 1 31 ? -4.747  -1.176  -1.527  1.00 38.16 ? 30  TYR B CE1 1 
ATOM 1015 C CE2 . TYR C 1 31 ? -4.530  -3.426  -2.358  1.00 35.20 ? 30  TYR B CE2 1 
ATOM 1016 C CZ  . TYR C 1 31 ? -3.964  -2.202  -2.031  1.00 39.41 ? 30  TYR B CZ  1 
ATOM 1017 O OH  . TYR C 1 31 ? -2.619  -1.985  -2.216  1.00 42.98 ? 30  TYR B OH  1 
ATOM 1018 N N   . THR C 1 32 ? -8.939  -4.000  -4.132  1.00 42.18 ? 31  THR B N   1 
ATOM 1019 C CA  . THR C 1 32 ? -8.719  -4.719  -5.385  1.00 41.38 ? 31  THR B CA  1 
ATOM 1020 C C   . THR C 1 32 ? -9.317  -3.968  -6.568  1.00 40.75 ? 31  THR B C   1 
ATOM 1021 O O   . THR C 1 32 ? -8.660  -3.747  -7.588  1.00 40.83 ? 31  THR B O   1 
ATOM 1022 C CB  . THR C 1 32 ? -9.359  -6.130  -5.296  1.00 40.87 ? 31  THR B CB  1 
ATOM 1023 O OG1 . THR C 1 32 ? -8.790  -6.826  -4.181  1.00 54.68 ? 31  THR B OG1 1 
ATOM 1024 C CG2 . THR C 1 32 ? -9.122  -6.945  -6.567  1.00 34.11 ? 31  THR B CG2 1 
ATOM 1025 N N   . ALA C 1 33 ? -10.573 -3.570  -6.423  1.00 41.28 ? 32  ALA B N   1 
ATOM 1026 C CA  . ALA C 1 33 ? -11.252 -2.804  -7.459  1.00 41.12 ? 32  ALA B CA  1 
ATOM 1027 C C   . ALA C 1 33 ? -10.481 -1.535  -7.841  1.00 39.36 ? 32  ALA B C   1 
ATOM 1028 O O   . ALA C 1 33 ? -10.231 -1.298  -9.020  1.00 36.86 ? 32  ALA B O   1 
ATOM 1029 C CB  . ALA C 1 33 ? -12.673 -2.473  -7.021  1.00 44.09 ? 32  ALA B CB  1 
ATOM 1030 N N   . TYR C 1 34 ? -10.096 -0.740  -6.841  1.00 41.72 ? 33  TYR B N   1 
ATOM 1031 C CA  . TYR C 1 34 ? -9.315  0.479   -7.081  1.00 44.83 ? 33  TYR B CA  1 
ATOM 1032 C C   . TYR C 1 34 ? -8.083  0.167   -7.920  1.00 37.97 ? 33  TYR B C   1 
ATOM 1033 O O   . TYR C 1 34 ? -7.794  0.851   -8.899  1.00 38.64 ? 33  TYR B O   1 
ATOM 1034 C CB  . TYR C 1 34 ? -8.874  1.124   -5.761  1.00 38.91 ? 33  TYR B CB  1 
ATOM 1035 C CG  . TYR C 1 34 ? -9.897  2.053   -5.131  1.00 39.55 ? 33  TYR B CG  1 
ATOM 1036 C CD1 . TYR C 1 34 ? -10.450 3.126   -5.841  1.00 39.96 ? 33  TYR B CD1 1 
ATOM 1037 C CD2 . TYR C 1 34 ? -10.275 1.887   -3.806  1.00 44.62 ? 33  TYR B CD2 1 
ATOM 1038 C CE1 . TYR C 1 34 ? -11.374 3.986   -5.231  1.00 39.28 ? 33  TYR B CE1 1 
ATOM 1039 C CE2 . TYR C 1 34 ? -11.190 2.736   -3.198  1.00 44.07 ? 33  TYR B CE2 1 
ATOM 1040 C CZ  . TYR C 1 34 ? -11.737 3.774   -3.912  1.00 41.01 ? 33  TYR B CZ  1 
ATOM 1041 O OH  . TYR C 1 34 ? -12.640 4.591   -3.271  1.00 45.05 ? 33  TYR B OH  1 
ATOM 1042 N N   . TYR C 1 35 ? -7.356  -0.878  -7.524  1.00 42.44 ? 34  TYR B N   1 
ATOM 1043 C CA  . TYR C 1 35 ? -6.128  -1.276  -8.216  1.00 37.95 ? 34  TYR B CA  1 
ATOM 1044 C C   . TYR C 1 35 ? -6.341  -1.816  -9.635  1.00 37.37 ? 34  TYR B C   1 
ATOM 1045 O O   . TYR C 1 35 ? -5.515  -1.587  -10.517 1.00 35.71 ? 34  TYR B O   1 
ATOM 1046 C CB  . TYR C 1 35 ? -5.257  -2.203  -7.336  1.00 39.79 ? 34  TYR B CB  1 
ATOM 1047 C CG  . TYR C 1 35 ? -4.217  -1.392  -6.587  1.00 34.59 ? 34  TYR B CG  1 
ATOM 1048 C CD1 . TYR C 1 35 ? -3.039  -1.027  -7.213  1.00 31.87 ? 34  TYR B CD1 1 
ATOM 1049 C CD2 . TYR C 1 35 ? -4.450  -0.921  -5.298  1.00 35.29 ? 34  TYR B CD2 1 
ATOM 1050 C CE1 . TYR C 1 35 ? -2.100  -0.255  -6.579  1.00 38.17 ? 34  TYR B CE1 1 
ATOM 1051 C CE2 . TYR C 1 35 ? -3.508  -0.152  -4.648  1.00 34.12 ? 34  TYR B CE2 1 
ATOM 1052 C CZ  . TYR C 1 35 ? -2.332  0.178   -5.301  1.00 38.21 ? 34  TYR B CZ  1 
ATOM 1053 O OH  . TYR C 1 35 ? -1.369  0.956   -4.711  1.00 43.06 ? 34  TYR B OH  1 
ATOM 1054 N N   . ASN C 1 36 ? -7.450  -2.508  -9.878  1.00 42.14 ? 35  ASN B N   1 
ATOM 1055 C CA  . ASN C 1 36 ? -7.815  -2.832  -11.264 1.00 37.86 ? 35  ASN B CA  1 
ATOM 1056 C C   . ASN C 1 36 ? -7.979  -1.541  -12.080 1.00 40.12 ? 35  ASN B C   1 
ATOM 1057 O O   . ASN C 1 36 ? -7.413  -1.392  -13.174 1.00 39.46 ? 35  ASN B O   1 
ATOM 1058 C CB  . ASN C 1 36 ? -9.095  -3.663  -11.321 1.00 35.11 ? 35  ASN B CB  1 
ATOM 1059 C CG  . ASN C 1 36 ? -8.917  -5.070  -10.781 1.00 39.58 ? 35  ASN B CG  1 
ATOM 1060 O OD1 . ASN C 1 36 ? -7.852  -5.673  -10.916 1.00 40.58 ? 35  ASN B OD1 1 
ATOM 1061 N ND2 . ASN C 1 36 ? -9.977  -5.611  -10.181 1.00 41.14 ? 35  ASN B ND2 1 
ATOM 1062 N N   . GLY C 1 37 ? -8.747  -0.601  -11.528 1.00 42.05 ? 36  GLY B N   1 
ATOM 1063 C CA  . GLY C 1 37 ? -8.954  0.707   -12.145 1.00 39.87 ? 36  GLY B CA  1 
ATOM 1064 C C   . GLY C 1 37 ? -7.657  1.435   -12.447 1.00 36.00 ? 36  GLY B C   1 
ATOM 1065 O O   . GLY C 1 37 ? -7.536  2.027   -13.500 1.00 35.23 ? 36  GLY B O   1 
ATOM 1066 N N   . LEU C 1 38 ? -6.687  1.378   -11.527 1.00 38.32 ? 37  LEU B N   1 
ATOM 1067 C CA  . LEU C 1 38 ? -5.390  2.052   -11.716 1.00 34.32 ? 37  LEU B CA  1 
ATOM 1068 C C   . LEU C 1 38 ? -4.577  1.458   -12.861 1.00 38.02 ? 37  LEU B C   1 
ATOM 1069 O O   . LEU C 1 38 ? -3.823  2.166   -13.538 1.00 40.16 ? 37  LEU B O   1 
ATOM 1070 C CB  . LEU C 1 38 ? -4.552  2.011   -10.427 1.00 31.65 ? 37  LEU B CB  1 
ATOM 1071 C CG  . LEU C 1 38 ? -4.681  3.096   -9.343  1.00 38.84 ? 37  LEU B CG  1 
ATOM 1072 C CD1 . LEU C 1 38 ? -5.195  4.447   -9.897  1.00 35.83 ? 37  LEU B CD1 1 
ATOM 1073 C CD2 . LEU C 1 38 ? -5.527  2.634   -8.173  1.00 36.91 ? 37  LEU B CD2 1 
ATOM 1074 N N   . ASP C 1 39 ? -4.719  0.154   -13.074 1.00 42.43 ? 38  ASP B N   1 
ATOM 1075 C CA  . ASP C 1 39 ? -4.049  -0.499  -14.195 1.00 37.13 ? 38  ASP B CA  1 
ATOM 1076 C C   . ASP C 1 39 ? -4.516  0.083   -15.500 1.00 40.54 ? 38  ASP B C   1 
ATOM 1077 O O   . ASP C 1 39 ? -3.709  0.356   -16.392 1.00 44.90 ? 38  ASP B O   1 
ATOM 1078 C CB  . ASP C 1 39 ? -4.309  -2.001  -14.184 1.00 43.51 ? 38  ASP B CB  1 
ATOM 1079 C CG  . ASP C 1 39 ? -3.584  -2.714  -13.044 1.00 52.29 ? 38  ASP B CG  1 
ATOM 1080 O OD1 . ASP C 1 39 ? -2.663  -2.105  -12.434 1.00 44.22 ? 38  ASP B OD1 1 
ATOM 1081 O OD2 . ASP C 1 39 ? -3.949  -3.877  -12.745 1.00 50.62 ? 38  ASP B OD2 1 
ATOM 1082 N N   . TYR C 1 40 ? -5.825  0.283   -15.605 1.00 38.44 ? 39  TYR B N   1 
ATOM 1083 C CA  . TYR C 1 40 ? -6.396  0.904   -16.792 1.00 38.72 ? 39  TYR B CA  1 
ATOM 1084 C C   . TYR C 1 40 ? -5.969  2.354   -16.981 1.00 42.83 ? 39  TYR B C   1 
ATOM 1085 O O   . TYR C 1 40 ? -5.481  2.725   -18.057 1.00 44.88 ? 39  TYR B O   1 
ATOM 1086 C CB  . TYR C 1 40 ? -7.911  0.741   -16.791 1.00 38.75 ? 39  TYR B CB  1 
ATOM 1087 C CG  . TYR C 1 40 ? -8.270  -0.628  -17.306 1.00 43.75 ? 39  TYR B CG  1 
ATOM 1088 C CD1 . TYR C 1 40 ? -7.979  -0.986  -18.620 1.00 46.92 ? 39  TYR B CD1 1 
ATOM 1089 C CD2 . TYR C 1 40 ? -8.849  -1.582  -16.476 1.00 47.44 ? 39  TYR B CD2 1 
ATOM 1090 C CE1 . TYR C 1 40 ? -8.287  -2.244  -19.104 1.00 48.28 ? 39  TYR B CE1 1 
ATOM 1091 C CE2 . TYR C 1 40 ? -9.153  -2.845  -16.953 1.00 50.19 ? 39  TYR B CE2 1 
ATOM 1092 C CZ  . TYR C 1 40 ? -8.878  -3.166  -18.271 1.00 51.47 ? 39  TYR B CZ  1 
ATOM 1093 O OH  . TYR C 1 40 ? -9.174  -4.423  -18.755 1.00 48.52 ? 39  TYR B OH  1 
ATOM 1094 N N   . LEU C 1 41 ? -6.124  3.176   -15.943 1.00 41.46 ? 40  LEU B N   1 
ATOM 1095 C CA  . LEU C 1 41 ? -5.714  4.583   -16.050 1.00 33.62 ? 40  LEU B CA  1 
ATOM 1096 C C   . LEU C 1 41 ? -4.260  4.667   -16.470 1.00 42.49 ? 40  LEU B C   1 
ATOM 1097 O O   . LEU C 1 41 ? -3.899  5.545   -17.249 1.00 46.86 ? 40  LEU B O   1 
ATOM 1098 C CB  . LEU C 1 41 ? -5.942  5.327   -14.743 1.00 34.05 ? 40  LEU B CB  1 
ATOM 1099 C CG  . LEU C 1 41 ? -7.322  5.940   -14.504 1.00 37.64 ? 40  LEU B CG  1 
ATOM 1100 C CD1 . LEU C 1 41 ? -8.326  5.618   -15.630 1.00 38.04 ? 40  LEU B CD1 1 
ATOM 1101 C CD2 . LEU C 1 41 ? -7.857  5.514   -13.148 1.00 39.08 ? 40  LEU B CD2 1 
ATOM 1102 N N   . MET C 1 42 ? -3.428  3.754   -15.958 1.00 38.44 ? 41  MET B N   1 
ATOM 1103 C CA  . MET C 1 42 ? -2.032  3.677   -16.378 1.00 44.68 ? 41  MET B CA  1 
ATOM 1104 C C   . MET C 1 42 ? -1.867  3.412   -17.879 1.00 43.93 ? 41  MET B C   1 
ATOM 1105 O O   . MET C 1 42 ? -0.985  3.979   -18.528 1.00 50.46 ? 41  MET B O   1 
ATOM 1106 C CB  . MET C 1 42 ? -1.291  2.586   -15.586 1.00 41.57 ? 41  MET B CB  1 
ATOM 1107 C CG  . MET C 1 42 ? 0.200   2.649   -15.740 1.00 38.07 ? 41  MET B CG  1 
ATOM 1108 S SD  . MET C 1 42 ? 0.879   3.964   -14.706 1.00 63.75 ? 41  MET B SD  1 
ATOM 1109 C CE  . MET C 1 42 ? 1.007   3.069   -13.144 1.00 51.45 ? 41  MET B CE  1 
ATOM 1110 N N   . LEU C 1 43 ? -2.697  2.522   -18.413 1.00 44.41 ? 42  LEU B N   1 
ATOM 1111 C CA  . LEU C 1 43 ? -2.693  2.209   -19.838 1.00 50.08 ? 42  LEU B CA  1 
ATOM 1112 C C   . LEU C 1 43 ? -3.192  3.405   -20.595 1.00 52.29 ? 42  LEU B C   1 
ATOM 1113 O O   . LEU C 1 43 ? -2.657  3.758   -21.646 1.00 56.81 ? 42  LEU B O   1 
ATOM 1114 C CB  . LEU C 1 43 ? -3.629  1.029   -20.134 1.00 48.15 ? 42  LEU B CB  1 
ATOM 1115 C CG  . LEU C 1 43 ? -3.137  -0.342  -19.661 1.00 47.92 ? 42  LEU B CG  1 
ATOM 1116 C CD1 . LEU C 1 43 ? -4.233  -1.385  -19.835 1.00 49.63 ? 42  LEU B CD1 1 
ATOM 1117 C CD2 . LEU C 1 43 ? -1.897  -0.718  -20.422 1.00 39.16 ? 42  LEU B CD2 1 
ATOM 1118 N N   . ALA C 1 44 ? -4.240  4.019   -20.054 1.00 49.61 ? 43  ALA B N   1 
ATOM 1119 C CA  . ALA C 1 44 ? -4.806  5.203   -20.664 1.00 49.63 ? 43  ALA B CA  1 
ATOM 1120 C C   . ALA C 1 44 ? -3.742  6.269   -20.839 1.00 51.42 ? 43  ALA B C   1 
ATOM 1121 O O   . ALA C 1 44 ? -3.624  6.856   -21.916 1.00 57.15 ? 43  ALA B O   1 
ATOM 1122 C CB  . ALA C 1 44 ? -5.987  5.733   -19.846 1.00 44.83 ? 43  ALA B CB  1 
ATOM 1123 N N   . LEU C 1 45 ? -2.956  6.521   -19.803 1.00 44.11 ? 44  LEU B N   1 
ATOM 1124 C CA  . LEU C 1 45 ? -2.009  7.621   -19.908 1.00 54.09 ? 44  LEU B CA  1 
ATOM 1125 C C   . LEU C 1 45 ? -0.792  7.238   -20.744 1.00 60.07 ? 44  LEU B C   1 
ATOM 1126 O O   . LEU C 1 45 ? -0.011  8.102   -21.158 1.00 63.23 ? 44  LEU B O   1 
ATOM 1127 C CB  . LEU C 1 45 ? -1.641  8.211   -18.536 1.00 51.55 ? 44  LEU B CB  1 
ATOM 1128 C CG  . LEU C 1 45 ? -0.724  7.474   -17.566 1.00 60.00 ? 44  LEU B CG  1 
ATOM 1129 C CD1 . LEU C 1 45 ? 0.743   7.709   -17.919 1.00 63.87 ? 44  LEU B CD1 1 
ATOM 1130 C CD2 . LEU C 1 45 ? -1.005  7.935   -16.131 1.00 58.80 ? 44  LEU B CD2 1 
ATOM 1131 N N   . LYS C 1 46 ? -0.651  5.945   -21.017 1.00 58.05 ? 45  LYS B N   1 
ATOM 1132 C CA  . LYS C 1 46 ? 0.413   5.468   -21.889 1.00 59.75 ? 45  LYS B CA  1 
ATOM 1133 C C   . LYS C 1 46 ? 0.037   5.764   -23.331 1.00 60.16 ? 45  LYS B C   1 
ATOM 1134 O O   . LYS C 1 46 ? 0.862   6.222   -24.126 1.00 67.64 ? 45  LYS B O   1 
ATOM 1135 C CB  . LYS C 1 46 ? 0.643   3.967   -21.700 1.00 55.78 ? 45  LYS B CB  1 
ATOM 1136 C CG  . LYS C 1 46 ? 1.819   3.411   -22.486 1.00 59.98 ? 45  LYS B CG  1 
ATOM 1137 C CD  . LYS C 1 46 ? 1.669   1.911   -22.687 1.00 65.40 ? 45  LYS B CD  1 
ATOM 1138 C CE  . LYS C 1 46 ? 2.721   1.352   -23.643 1.00 73.24 ? 45  LYS B CE  1 
ATOM 1139 N NZ  . LYS C 1 46 ? 4.102   1.372   -23.076 1.00 66.52 ? 45  LYS B NZ  1 
ATOM 1140 N N   . TYR C 1 47 ? -1.224  5.514   -23.655 1.00 58.27 ? 46  TYR B N   1 
ATOM 1141 C CA  . TYR C 1 47 ? -1.721  5.660   -25.016 1.00 61.39 ? 46  TYR B CA  1 
ATOM 1142 C C   . TYR C 1 47 ? -2.184  7.079   -25.353 1.00 62.99 ? 46  TYR B C   1 
ATOM 1143 O O   . TYR C 1 47 ? -2.604  7.347   -26.487 1.00 60.61 ? 46  TYR B O   1 
ATOM 1144 C CB  . TYR C 1 47 ? -2.840  4.647   -25.276 1.00 59.51 ? 46  TYR B CB  1 
ATOM 1145 C CG  . TYR C 1 47 ? -2.321  3.246   -25.508 1.00 64.95 ? 46  TYR B CG  1 
ATOM 1146 C CD1 . TYR C 1 47 ? -1.444  2.656   -24.610 1.00 62.94 ? 46  TYR B CD1 1 
ATOM 1147 C CD2 . TYR C 1 47 ? -2.697  2.516   -26.629 1.00 67.73 ? 46  TYR B CD2 1 
ATOM 1148 C CE1 . TYR C 1 47 ? -0.951  1.383   -24.814 1.00 62.73 ? 46  TYR B CE1 1 
ATOM 1149 C CE2 . TYR C 1 47 ? -2.206  1.231   -26.844 1.00 70.70 ? 46  TYR B CE2 1 
ATOM 1150 C CZ  . TYR C 1 47 ? -1.330  0.670   -25.928 1.00 66.21 ? 46  TYR B CZ  1 
ATOM 1151 O OH  . TYR C 1 47 ? -0.830  -0.610  -26.115 1.00 60.58 ? 46  TYR B OH  1 
ATOM 1152 N N   . GLU C 1 48 ? -2.104  7.982   -24.374 1.00 59.01 ? 47  GLU B N   1 
ATOM 1153 C CA  . GLU C 1 48 ? -2.479  9.376   -24.588 1.00 60.47 ? 47  GLU B CA  1 
ATOM 1154 C C   . GLU C 1 48 ? -1.243  10.236  -24.843 1.00 58.63 ? 47  GLU B C   1 
ATOM 1155 O O   . GLU C 1 48 ? -0.213  10.065  -24.183 1.00 59.58 ? 47  GLU B O   1 
ATOM 1156 C CB  . GLU C 1 48 ? -3.283  9.906   -23.394 1.00 59.83 ? 47  GLU B CB  1 
ATOM 1157 C CG  . GLU C 1 48 ? -3.609  11.400  -23.463 1.00 52.41 ? 47  GLU B CG  1 
ATOM 1158 C CD  . GLU C 1 48 ? -4.483  11.752  -24.656 1.00 58.76 ? 47  GLU B CD  1 
ATOM 1159 O OE1 . GLU C 1 48 ? -5.536  11.104  -24.837 1.00 59.87 ? 47  GLU B OE1 1 
ATOM 1160 O OE2 . GLU C 1 48 ? -4.118  12.675  -25.418 1.00 59.33 ? 47  GLU B OE2 1 
ATOM 1161 N N   . LYS C 1 49 ? -1.352  11.157  -25.803 1.00 59.73 ? 48  LYS B N   1 
ATOM 1162 C CA  . LYS C 1 49 ? -0.218  12.010  -26.193 1.00 66.47 ? 48  LYS B CA  1 
ATOM 1163 C C   . LYS C 1 49 ? -0.412  13.480  -25.831 1.00 63.89 ? 48  LYS B C   1 
ATOM 1164 O O   . LYS C 1 49 ? 0.561   14.219  -25.600 1.00 68.52 ? 48  LYS B O   1 
ATOM 1165 C CB  . LYS C 1 49 ? 0.049   11.892  -27.698 1.00 66.15 ? 48  LYS B CB  1 
ATOM 1166 N N   . ASN C 1 50 ? -1.666  13.911  -25.815 1.00 61.06 ? 49  ASN B N   1 
ATOM 1167 C CA  . ASN C 1 50 ? -1.941  15.262  -25.379 1.00 64.92 ? 49  ASN B CA  1 
ATOM 1168 C C   . ASN C 1 50 ? -1.417  15.382  -23.981 1.00 61.57 ? 49  ASN B C   1 
ATOM 1169 O O   . ASN C 1 50 ? -1.917  14.721  -23.074 1.00 60.40 ? 49  ASN B O   1 
ATOM 1170 C CB  . ASN C 1 50 ? -3.430  15.558  -25.382 1.00 63.24 ? 49  ASN B CB  1 
ATOM 1171 C CG  . ASN C 1 50 ? -3.728  16.982  -24.981 1.00 64.59 ? 49  ASN B CG  1 
ATOM 1172 O OD1 . ASN C 1 50 ? -3.083  17.545  -24.085 1.00 55.57 ? 49  ASN B OD1 1 
ATOM 1173 N ND2 . ASN C 1 50 ? -4.702  17.583  -25.654 1.00 66.15 ? 49  ASN B ND2 1 
ATOM 1174 N N   . PRO C 1 51 ? -0.396  16.217  -23.794 1.00 62.39 ? 50  PRO B N   1 
ATOM 1175 C CA  . PRO C 1 51 ? 0.153   16.331  -22.444 1.00 61.68 ? 50  PRO B CA  1 
ATOM 1176 C C   . PRO C 1 51 ? -0.940  16.681  -21.438 1.00 59.39 ? 50  PRO B C   1 
ATOM 1177 O O   . PRO C 1 51 ? -1.226  15.862  -20.567 1.00 62.05 ? 50  PRO B O   1 
ATOM 1178 C CB  . PRO C 1 51 ? 1.185   17.458  -22.572 1.00 65.01 ? 50  PRO B CB  1 
ATOM 1179 C CG  . PRO C 1 51 ? 0.806   18.199  -23.825 1.00 60.88 ? 50  PRO B CG  1 
ATOM 1180 C CD  . PRO C 1 51 ? 0.209   17.174  -24.735 1.00 62.72 ? 50  PRO B CD  1 
ATOM 1181 N N   . LYS C 1 52 ? -1.543  17.861  -21.559 1.00 63.26 ? 51  LYS B N   1 
ATOM 1182 C CA  . LYS C 1 52 ? -2.528  18.331  -20.581 1.00 61.50 ? 51  LYS B CA  1 
ATOM 1183 C C   . LYS C 1 52 ? -3.543  17.262  -20.167 1.00 55.53 ? 51  LYS B C   1 
ATOM 1184 O O   . LYS C 1 52 ? -3.868  17.153  -18.985 1.00 53.30 ? 51  LYS B O   1 
ATOM 1185 C CB  . LYS C 1 52 ? -3.238  19.590  -21.076 1.00 58.50 ? 51  LYS B CB  1 
ATOM 1186 C CG  . LYS C 1 52 ? -2.376  20.840  -21.001 1.00 61.67 ? 51  LYS B CG  1 
ATOM 1187 N N   . SER C 1 53 ? -4.031  16.481  -21.134 1.00 55.97 ? 52  SER B N   1 
ATOM 1188 C CA  . SER C 1 53 ? -4.930  15.363  -20.849 1.00 58.36 ? 52  SER B CA  1 
ATOM 1189 C C   . SER C 1 53 ? -4.223  14.308  -19.989 1.00 54.94 ? 52  SER B C   1 
ATOM 1190 O O   . SER C 1 53 ? -4.784  13.794  -19.011 1.00 49.30 ? 52  SER B O   1 
ATOM 1191 C CB  . SER C 1 53 ? -5.463  14.731  -22.142 1.00 55.68 ? 52  SER B CB  1 
ATOM 1192 O OG  . SER C 1 53 ? -6.536  15.498  -22.664 1.00 57.62 ? 52  SER B OG  1 
ATOM 1193 N N   . LYS C 1 54 ? -2.988  13.987  -20.356 1.00 54.68 ? 53  LYS B N   1 
ATOM 1194 C CA  . LYS C 1 54 ? -2.171  13.086  -19.556 1.00 57.11 ? 53  LYS B CA  1 
ATOM 1195 C C   . LYS C 1 54 ? -2.107  13.596  -18.117 1.00 54.40 ? 53  LYS B C   1 
ATOM 1196 O O   . LYS C 1 54 ? -2.279  12.828  -17.167 1.00 49.51 ? 53  LYS B O   1 
ATOM 1197 C CB  . LYS C 1 54 ? -0.765  12.958  -20.146 1.00 55.99 ? 53  LYS B CB  1 
ATOM 1198 C CG  . LYS C 1 54 ? -0.690  12.099  -21.404 1.00 59.63 ? 53  LYS B CG  1 
ATOM 1199 C CD  . LYS C 1 54 ? 0.678   12.233  -22.089 1.00 61.91 ? 53  LYS B CD  1 
ATOM 1200 C CE  . LYS C 1 54 ? 1.808   11.719  -21.201 1.00 57.22 ? 53  LYS B CE  1 
ATOM 1201 N NZ  . LYS C 1 54 ? 1.800   10.233  -21.140 1.00 59.17 ? 53  LYS B NZ  1 
ATOM 1202 N N   . ASP C 1 55 ? -1.870  14.897  -17.957 1.00 55.08 ? 54  ASP B N   1 
ATOM 1203 C CA  . ASP C 1 55 ? -1.843  15.504  -16.627 1.00 51.29 ? 54  ASP B CA  1 
ATOM 1204 C C   . ASP C 1 55 ? -3.152  15.311  -15.855 1.00 50.71 ? 54  ASP B C   1 
ATOM 1205 O O   . ASP C 1 55 ? -3.138  15.046  -14.647 1.00 50.78 ? 54  ASP B O   1 
ATOM 1206 C CB  . ASP C 1 55 ? -1.499  16.989  -16.724 1.00 53.58 ? 54  ASP B CB  1 
ATOM 1207 C CG  . ASP C 1 55 ? -0.011  17.228  -16.964 1.00 62.76 ? 54  ASP B CG  1 
ATOM 1208 O OD1 . ASP C 1 55 ? 0.801   16.317  -16.656 1.00 60.58 ? 54  ASP B OD1 1 
ATOM 1209 O OD2 . ASP C 1 55 ? 0.339   18.330  -17.449 1.00 62.76 ? 54  ASP B OD2 1 
ATOM 1210 N N   . LEU C 1 56 ? -4.275  15.447  -16.554 1.00 46.58 ? 55  LEU B N   1 
ATOM 1211 C CA  . LEU C 1 56 ? -5.588  15.211  -15.963 1.00 45.95 ? 55  LEU B CA  1 
ATOM 1212 C C   . LEU C 1 56 ? -5.763  13.785  -15.457 1.00 47.17 ? 55  LEU B C   1 
ATOM 1213 O O   . LEU C 1 56 ? -6.174  13.569  -14.321 1.00 45.99 ? 55  LEU B O   1 
ATOM 1214 C CB  . LEU C 1 56 ? -6.692  15.506  -16.975 1.00 42.83 ? 55  LEU B CB  1 
ATOM 1215 C CG  . LEU C 1 56 ? -6.818  16.996  -17.273 1.00 57.69 ? 55  LEU B CG  1 
ATOM 1216 C CD1 . LEU C 1 56 ? -8.008  17.257  -18.173 1.00 54.24 ? 55  LEU B CD1 1 
ATOM 1217 C CD2 . LEU C 1 56 ? -6.920  17.782  -15.951 1.00 53.04 ? 55  LEU B CD2 1 
ATOM 1218 N N   . ILE C 1 57 ? -5.481  12.815  -16.322 1.00 51.98 ? 56  ILE B N   1 
ATOM 1219 C CA  . ILE C 1 57 ? -5.628  11.412  -15.964 1.00 46.37 ? 56  ILE B CA  1 
ATOM 1220 C C   . ILE C 1 57 ? -4.709  11.117  -14.803 1.00 45.68 ? 56  ILE B C   1 
ATOM 1221 O O   . ILE C 1 57 ? -5.087  10.401  -13.874 1.00 43.12 ? 56  ILE B O   1 
ATOM 1222 C CB  . ILE C 1 57 ? -5.272  10.487  -17.138 1.00 49.73 ? 56  ILE B CB  1 
ATOM 1223 C CG1 . ILE C 1 57 ? -6.220  10.734  -18.315 1.00 45.24 ? 56  ILE B CG1 1 
ATOM 1224 C CG2 . ILE C 1 57 ? -5.303  9.008   -16.707 1.00 40.22 ? 56  ILE B CG2 1 
ATOM 1225 C CD1 . ILE C 1 57 ? -5.773  10.054  -19.611 1.00 50.68 ? 56  ILE B CD1 1 
ATOM 1226 N N   . ARG C 1 58 ? -3.510  11.695  -14.860 1.00 44.36 ? 57  ARG B N   1 
ATOM 1227 C CA  . ARG C 1 58 ? -2.496  11.494  -13.840 1.00 44.52 ? 57  ARG B CA  1 
ATOM 1228 C C   . ARG C 1 58 ? -3.024  11.952  -12.474 1.00 46.08 ? 57  ARG B C   1 
ATOM 1229 O O   . ARG C 1 58 ? -2.948  11.221  -11.487 1.00 42.28 ? 57  ARG B O   1 
ATOM 1230 C CB  . ARG C 1 58 ? -1.240  12.270  -14.239 1.00 50.77 ? 57  ARG B CB  1 
ATOM 1231 C CG  . ARG C 1 58 ? 0.042   11.875  -13.541 1.00 53.51 ? 57  ARG B CG  1 
ATOM 1232 C CD  . ARG C 1 58 ? 1.234   12.595  -14.179 1.00 61.46 ? 57  ARG B CD  1 
ATOM 1233 N NE  . ARG C 1 58 ? 1.761   11.885  -15.347 1.00 69.67 ? 57  ARG B NE  1 
ATOM 1234 C CZ  . ARG C 1 58 ? 2.042   12.450  -16.520 1.00 62.57 ? 57  ARG B CZ  1 
ATOM 1235 N NH1 . ARG C 1 58 ? 1.848   13.750  -16.699 1.00 53.18 ? 57  ARG B NH1 1 
ATOM 1236 N NH2 . ARG C 1 58 ? 2.520   11.708  -17.513 1.00 62.37 ? 57  ARG B NH2 1 
ATOM 1237 N N   . ALA C 1 59 ? -3.576  13.161  -12.426 1.00 42.23 ? 58  ALA B N   1 
ATOM 1238 C CA  . ALA C 1 59 ? -4.135  13.700  -11.189 1.00 36.95 ? 58  ALA B CA  1 
ATOM 1239 C C   . ALA C 1 59 ? -5.251  12.820  -10.600 1.00 42.95 ? 58  ALA B C   1 
ATOM 1240 O O   . ALA C 1 59 ? -5.313  12.626  -9.393  1.00 46.34 ? 58  ALA B O   1 
ATOM 1241 C CB  . ALA C 1 59 ? -4.636  15.141  -11.400 1.00 46.89 ? 58  ALA B CB  1 
ATOM 1242 N N   . LYS C 1 60 ? -6.137  12.288  -11.437 1.00 43.25 ? 59  LYS B N   1 
ATOM 1243 C CA  . LYS C 1 60 ? -7.134  11.339  -10.932 1.00 46.57 ? 59  LYS B CA  1 
ATOM 1244 C C   . LYS C 1 60 ? -6.501  10.003  -10.457 1.00 43.44 ? 59  LYS B C   1 
ATOM 1245 O O   . LYS C 1 60 ? -6.865  9.458   -9.418  1.00 43.75 ? 59  LYS B O   1 
ATOM 1246 C CB  . LYS C 1 60 ? -8.218  11.081  -11.971 1.00 38.76 ? 59  LYS B CB  1 
ATOM 1247 C CG  . LYS C 1 60 ? -8.948  12.325  -12.430 1.00 41.10 ? 59  LYS B CG  1 
ATOM 1248 C CD  . LYS C 1 60 ? -9.484  13.161  -11.263 1.00 45.34 ? 59  LYS B CD  1 
ATOM 1249 C CE  . LYS C 1 60 ? -10.541 12.402  -10.449 1.00 55.89 ? 59  LYS B CE  1 
ATOM 1250 N NZ  . LYS C 1 60 ? -11.087 13.183  -9.291  1.00 53.52 ? 59  LYS B NZ  1 
ATOM 1251 N N   . PHE C 1 61 ? -5.559  9.485   -11.233 1.00 41.85 ? 60  PHE B N   1 
ATOM 1252 C CA  . PHE C 1 61 ? -4.803  8.313   -10.833 1.00 40.54 ? 60  PHE B CA  1 
ATOM 1253 C C   . PHE C 1 61 ? -4.303  8.496   -9.399  1.00 40.29 ? 60  PHE B C   1 
ATOM 1254 O O   . PHE C 1 61 ? -4.519  7.629   -8.563  1.00 38.18 ? 60  PHE B O   1 
ATOM 1255 C CB  . PHE C 1 61 ? -3.643  8.060   -11.815 1.00 37.06 ? 60  PHE B CB  1 
ATOM 1256 C CG  . PHE C 1 61 ? -2.688  6.955   -11.381 1.00 40.05 ? 60  PHE B CG  1 
ATOM 1257 C CD1 . PHE C 1 61 ? -1.706  7.202   -10.438 1.00 36.74 ? 60  PHE B CD1 1 
ATOM 1258 C CD2 . PHE C 1 61 ? -2.778  5.680   -11.930 1.00 40.25 ? 60  PHE B CD2 1 
ATOM 1259 C CE1 . PHE C 1 61 ? -0.819  6.191   -10.042 1.00 43.62 ? 60  PHE B CE1 1 
ATOM 1260 C CE2 . PHE C 1 61 ? -1.905  4.663   -11.543 1.00 41.09 ? 60  PHE B CE2 1 
ATOM 1261 C CZ  . PHE C 1 61 ? -0.923  4.921   -10.598 1.00 40.10 ? 60  PHE B CZ  1 
ATOM 1262 N N   . THR C 1 62 ? -3.680  9.644   -9.117  1.00 40.85 ? 61  THR B N   1 
ATOM 1263 C CA  . THR C 1 62 ? -3.124  9.939   -7.792  1.00 40.36 ? 61  THR B CA  1 
ATOM 1264 C C   . THR C 1 62 ? -4.197  9.907   -6.694  1.00 39.07 ? 61  THR B C   1 
ATOM 1265 O O   . THR C 1 62 ? -3.969  9.394   -5.601  1.00 40.60 ? 61  THR B O   1 
ATOM 1266 C CB  . THR C 1 62 ? -2.371  11.292  -7.777  1.00 34.59 ? 61  THR B CB  1 
ATOM 1267 O OG1 . THR C 1 62 ? -1.283  11.257  -8.706  1.00 38.46 ? 61  THR B OG1 1 
ATOM 1268 C CG2 . THR C 1 62 ? -1.803  11.588  -6.400  1.00 40.42 ? 61  THR B CG2 1 
ATOM 1269 N N   . GLU C 1 63 ? -5.379  10.425  -7.009  1.00 41.69 ? 62  GLU B N   1 
ATOM 1270 C CA  . GLU C 1 63 ? -6.490  10.495  -6.053  1.00 37.79 ? 62  GLU B CA  1 
ATOM 1271 C C   . GLU C 1 63 ? -7.083  9.117   -5.739  1.00 37.67 ? 62  GLU B C   1 
ATOM 1272 O O   . GLU C 1 63 ? -7.472  8.839   -4.604  1.00 35.39 ? 62  GLU B O   1 
ATOM 1273 C CB  . GLU C 1 63 ? -7.588  11.442  -6.568  1.00 36.82 ? 62  GLU B CB  1 
ATOM 1274 C CG  . GLU C 1 63 ? -9.013  11.000  -6.209  1.00 37.46 ? 62  GLU B CG  1 
ATOM 1275 C CD  . GLU C 1 63 ? -10.036 12.123  -6.294  1.00 53.97 ? 62  GLU B CD  1 
ATOM 1276 O OE1 . GLU C 1 63 ? -11.257 11.834  -6.195  1.00 58.17 ? 62  GLU B OE1 1 
ATOM 1277 O OE2 . GLU C 1 63 ? -9.619  13.294  -6.456  1.00 54.61 ? 62  GLU B OE2 1 
ATOM 1278 N N   . TYR C 1 64 ? -7.180  8.260   -6.749  1.00 40.84 ? 63  TYR B N   1 
ATOM 1279 C CA  . TYR C 1 64 ? -7.593  6.884   -6.491  1.00 42.02 ? 63  TYR B CA  1 
ATOM 1280 C C   . TYR C 1 64 ? -6.489  6.076   -5.814  1.00 34.97 ? 63  TYR B C   1 
ATOM 1281 O O   . TYR C 1 64 ? -6.760  5.293   -4.916  1.00 32.55 ? 63  TYR B O   1 
ATOM 1282 C CB  . TYR C 1 64 ? -8.037  6.194   -7.759  1.00 37.20 ? 63  TYR B CB  1 
ATOM 1283 C CG  . TYR C 1 64 ? -9.051  6.987   -8.500  1.00 36.89 ? 63  TYR B CG  1 
ATOM 1284 C CD1 . TYR C 1 64 ? -10.120 7.578   -7.826  1.00 38.62 ? 63  TYR B CD1 1 
ATOM 1285 C CD2 . TYR C 1 64 ? -8.942  7.170   -9.876  1.00 37.77 ? 63  TYR B CD2 1 
ATOM 1286 C CE1 . TYR C 1 64 ? -11.070 8.326   -8.505  1.00 38.80 ? 63  TYR B CE1 1 
ATOM 1287 C CE2 . TYR C 1 64 ? -9.889  7.917   -10.572 1.00 41.52 ? 63  TYR B CE2 1 
ATOM 1288 C CZ  . TYR C 1 64 ? -10.951 8.484   -9.882  1.00 41.44 ? 63  TYR B CZ  1 
ATOM 1289 O OH  . TYR C 1 64 ? -11.878 9.218   -10.568 1.00 39.86 ? 63  TYR B OH  1 
ATOM 1290 N N   . LEU C 1 65 ? -5.255  6.297   -6.243  1.00 36.37 ? 64  LEU B N   1 
ATOM 1291 C CA  . LEU C 1 65 ? -4.088  5.709   -5.596  1.00 37.26 ? 64  LEU B CA  1 
ATOM 1292 C C   . LEU C 1 65 ? -4.156  5.960   -4.086  1.00 40.52 ? 64  LEU B C   1 
ATOM 1293 O O   . LEU C 1 65 ? -4.377  5.042   -3.310  1.00 35.09 ? 64  LEU B O   1 
ATOM 1294 C CB  . LEU C 1 65 ? -2.806  6.301   -6.176  1.00 32.09 ? 64  LEU B CB  1 
ATOM 1295 C CG  . LEU C 1 65 ? -1.550  5.581   -5.693  1.00 35.25 ? 64  LEU B CG  1 
ATOM 1296 C CD1 . LEU C 1 65 ? -1.507  4.180   -6.264  1.00 33.35 ? 64  LEU B CD1 1 
ATOM 1297 C CD2 . LEU C 1 65 ? -0.265  6.354   -6.032  1.00 37.85 ? 64  LEU B CD2 1 
ATOM 1298 N N   . ASN C 1 66 ? -4.007  7.224   -3.694  1.00 40.23 ? 65  ASN B N   1 
ATOM 1299 C CA  . ASN C 1 66 ? -4.093  7.634   -2.297  1.00 38.83 ? 65  ASN B CA  1 
ATOM 1300 C C   . ASN C 1 66 ? -5.220  6.979   -1.517  1.00 34.52 ? 65  ASN B C   1 
ATOM 1301 O O   . ASN C 1 66 ? -5.009  6.510   -0.417  1.00 39.05 ? 65  ASN B O   1 
ATOM 1302 C CB  . ASN C 1 66 ? -4.198  9.165   -2.186  1.00 33.12 ? 65  ASN B CB  1 
ATOM 1303 C CG  . ASN C 1 66 ? -2.917  9.858   -2.606  1.00 38.43 ? 65  ASN B CG  1 
ATOM 1304 O OD1 . ASN C 1 66 ? -2.907  11.050  -2.907  1.00 43.18 ? 65  ASN B OD1 1 
ATOM 1305 N ND2 . ASN C 1 66 ? -1.819  9.109   -2.614  1.00 44.14 ? 65  ASN B ND2 1 
ATOM 1306 N N   . ARG C 1 67 ? -6.426  6.989   -2.067  1.00 38.16 ? 66  ARG B N   1 
ATOM 1307 C CA  . ARG C 1 67 ? -7.565  6.412   -1.375  1.00 36.51 ? 66  ARG B CA  1 
ATOM 1308 C C   . ARG C 1 67 ? -7.382  4.917   -1.155  1.00 34.82 ? 66  ARG B C   1 
ATOM 1309 O O   . ARG C 1 67 ? -7.830  4.384   -0.140  1.00 37.17 ? 66  ARG B O   1 
ATOM 1310 C CB  . ARG C 1 67 ? -8.858  6.657   -2.163  1.00 38.57 ? 66  ARG B CB  1 
ATOM 1311 C CG  . ARG C 1 67 ? -10.114 6.065   -1.521  1.00 31.55 ? 66  ARG B CG  1 
ATOM 1312 C CD  . ARG C 1 67 ? -10.398 6.708   -0.173  1.00 31.14 ? 66  ARG B CD  1 
ATOM 1313 N NE  . ARG C 1 67 ? -11.541 6.093   0.488   1.00 32.35 ? 66  ARG B NE  1 
ATOM 1314 C CZ  . ARG C 1 67 ? -11.940 6.384   1.722   1.00 39.98 ? 66  ARG B CZ  1 
ATOM 1315 N NH1 . ARG C 1 67 ? -11.265 7.273   2.458   1.00 35.21 ? 66  ARG B NH1 1 
ATOM 1316 N NH2 . ARG C 1 67 ? -13.011 5.779   2.223   1.00 36.48 ? 66  ARG B NH2 1 
ATOM 1317 N N   . ALA C 1 68 ? -6.746  4.240   -2.107  1.00 30.33 ? 67  ALA B N   1 
ATOM 1318 C CA  . ALA C 1 68 ? -6.561  2.793   -2.015  1.00 32.48 ? 67  ALA B CA  1 
ATOM 1319 C C   . ALA C 1 68 ? -5.596  2.471   -0.872  1.00 41.61 ? 67  ALA B C   1 
ATOM 1320 O O   . ALA C 1 68 ? -5.797  1.514   -0.106  1.00 37.15 ? 67  ALA B O   1 
ATOM 1321 C CB  . ALA C 1 68 ? -6.030  2.233   -3.322  1.00 29.68 ? 67  ALA B CB  1 
ATOM 1322 N N   . GLU C 1 69 ? -4.539  3.279   -0.777  1.00 41.75 ? 68  GLU B N   1 
ATOM 1323 C CA  . GLU C 1 69 ? -3.601  3.195   0.320   1.00 38.39 ? 68  GLU B CA  1 
ATOM 1324 C C   . GLU C 1 69 ? -4.212  3.481   1.681   1.00 38.59 ? 68  GLU B C   1 
ATOM 1325 O O   . GLU C 1 69 ? -3.894  2.784   2.657   1.00 40.89 ? 68  GLU B O   1 
ATOM 1326 C CB  . GLU C 1 69 ? -2.398  4.076   0.069   1.00 44.41 ? 68  GLU B CB  1 
ATOM 1327 C CG  . GLU C 1 69 ? -1.251  3.282   -0.519  1.00 51.28 ? 68  GLU B CG  1 
ATOM 1328 C CD  . GLU C 1 69 ? -1.715  2.266   -1.563  1.00 53.96 ? 68  GLU B CD  1 
ATOM 1329 O OE1 . GLU C 1 69 ? -1.561  1.029   -1.323  1.00 44.08 ? 68  GLU B OE1 1 
ATOM 1330 O OE2 . GLU C 1 69 ? -2.230  2.710   -2.624  1.00 42.90 ? 68  GLU B OE2 1 
ATOM 1331 N N   . GLN C 1 70 ? -5.087  4.482   1.756   1.00 29.87 ? 69  GLN B N   1 
ATOM 1332 C CA  . GLN C 1 70 ? -5.810  4.727   2.994   1.00 36.69 ? 69  GLN B CA  1 
ATOM 1333 C C   . GLN C 1 70 ? -6.613  3.504   3.359   1.00 36.35 ? 69  GLN B C   1 
ATOM 1334 O O   . GLN C 1 70 ? -6.734  3.155   4.525   1.00 40.23 ? 69  GLN B O   1 
ATOM 1335 C CB  . GLN C 1 70 ? -6.774  5.881   2.879   1.00 32.76 ? 69  GLN B CB  1 
ATOM 1336 C CG  . GLN C 1 70 ? -6.187  7.254   2.770   1.00 39.63 ? 69  GLN B CG  1 
ATOM 1337 C CD  . GLN C 1 70 ? -7.305  8.266   2.676   1.00 40.77 ? 69  GLN B CD  1 
ATOM 1338 O OE1 . GLN C 1 70 ? -8.385  7.950   2.176   1.00 42.37 ? 69  GLN B OE1 1 
ATOM 1339 N NE2 . GLN C 1 70 ? -7.079  9.463   3.185   1.00 42.43 ? 69  GLN B NE2 1 
ATOM 1340 N N   . LEU C 1 71 ? -7.183  2.861   2.354   1.00 40.15 ? 70  LEU B N   1 
ATOM 1341 C CA  . LEU C 1 71 ? -7.944  1.649   2.598   1.00 41.68 ? 70  LEU B CA  1 
ATOM 1342 C C   . LEU C 1 71 ? -7.046  0.555   3.175   1.00 39.25 ? 70  LEU B C   1 
ATOM 1343 O O   . LEU C 1 71 ? -7.435  -0.124  4.113   1.00 41.14 ? 70  LEU B O   1 
ATOM 1344 C CB  . LEU C 1 71 ? -8.625  1.151   1.323   1.00 35.11 ? 70  LEU B CB  1 
ATOM 1345 C CG  . LEU C 1 71 ? -10.109 1.517   1.225   1.00 45.05 ? 70  LEU B CG  1 
ATOM 1346 C CD1 . LEU C 1 71 ? -10.290 3.025   1.273   1.00 33.35 ? 70  LEU B CD1 1 
ATOM 1347 C CD2 . LEU C 1 71 ? -10.740 0.902   -0.022  1.00 43.40 ? 70  LEU B CD2 1 
ATOM 1348 N N   . LYS C 1 72 ? -5.854  0.400   2.605   1.00 37.98 ? 71  LYS B N   1 
ATOM 1349 C CA  . LYS C 1 72 ? -4.961  -0.695  2.958   1.00 37.87 ? 71  LYS B CA  1 
ATOM 1350 C C   . LYS C 1 72 ? -4.329  -0.517  4.331   1.00 38.03 ? 71  LYS B C   1 
ATOM 1351 O O   . LYS C 1 72 ? -4.131  -1.484  5.054   1.00 41.49 ? 71  LYS B O   1 
ATOM 1352 C CB  . LYS C 1 72 ? -3.867  -0.872  1.905   1.00 34.31 ? 71  LYS B CB  1 
ATOM 1353 C CG  . LYS C 1 72 ? -2.710  -1.752  2.399   1.00 41.43 ? 71  LYS B CG  1 
ATOM 1354 C CD  . LYS C 1 72 ? -2.311  -2.810  1.376   1.00 43.40 ? 71  LYS B CD  1 
ATOM 1355 C CE  . LYS C 1 72 ? -3.270  -4.005  1.376   1.00 35.85 ? 71  LYS B CE  1 
ATOM 1356 N NZ  . LYS C 1 72 ? -2.888  -5.060  2.360   1.00 47.74 ? 71  LYS B NZ  1 
ATOM 1357 N N   . LYS C 1 73 ? -3.984  0.712   4.682   1.00 33.69 ? 72  LYS B N   1 
ATOM 1358 C CA  . LYS C 1 73 ? -3.427  0.964   5.999   1.00 40.02 ? 72  LYS B CA  1 
ATOM 1359 C C   . LYS C 1 73 ? -4.511  0.680   7.048   1.00 44.36 ? 72  LYS B C   1 
ATOM 1360 O O   . LYS C 1 73 ? -4.223  0.185   8.147   1.00 36.93 ? 72  LYS B O   1 
ATOM 1361 C CB  . LYS C 1 73 ? -2.897  2.407   6.126   1.00 37.21 ? 72  LYS B CB  1 
ATOM 1362 C CG  . LYS C 1 73 ? -1.524  2.639   5.470   1.00 43.35 ? 72  LYS B CG  1 
ATOM 1363 C CD  . LYS C 1 73 ? -0.954  4.050   5.768   1.00 49.43 ? 72  LYS B CD  1 
ATOM 1364 C CE  . LYS C 1 73 ? 0.085   4.490   4.702   1.00 40.27 ? 72  LYS B CE  1 
ATOM 1365 N NZ  . LYS C 1 73 ? 0.761   5.795   5.047   1.00 39.30 ? 72  LYS B NZ  1 
ATOM 1366 N N   . HIS C 1 74 ? -5.757  1.004   6.709   1.00 41.93 ? 73  HIS B N   1 
ATOM 1367 C CA  . HIS C 1 74 ? -6.868  0.765   7.621   1.00 40.18 ? 73  HIS B CA  1 
ATOM 1368 C C   . HIS C 1 74 ? -7.044  -0.735  7.868   1.00 42.77 ? 73  HIS B C   1 
ATOM 1369 O O   . HIS C 1 74 ? -7.272  -1.169  9.008   1.00 42.64 ? 73  HIS B O   1 
ATOM 1370 C CB  . HIS C 1 74 ? -8.157  1.330   7.030   1.00 40.32 ? 73  HIS B CB  1 
ATOM 1371 C CG  . HIS C 1 74 ? -9.366  1.064   7.865   1.00 39.74 ? 73  HIS B CG  1 
ATOM 1372 N ND1 . HIS C 1 74 ? -10.066 -0.123  7.804   1.00 46.52 ? 73  HIS B ND1 1 
ATOM 1373 C CD2 . HIS C 1 74 ? -9.998  1.829   8.784   1.00 41.96 ? 73  HIS B CD2 1 
ATOM 1374 C CE1 . HIS C 1 74 ? -11.086 -0.076  8.646   1.00 50.33 ? 73  HIS B CE1 1 
ATOM 1375 N NE2 . HIS C 1 74 ? -11.067 1.098   9.249   1.00 50.92 ? 73  HIS B NE2 1 
ATOM 1376 N N   . LEU C 1 75 ? -6.950  -1.506  6.781   1.00 33.08 ? 74  LEU B N   1 
ATOM 1377 C CA  . LEU C 1 75 ? -7.112  -2.950  6.812   1.00 40.40 ? 74  LEU B CA  1 
ATOM 1378 C C   . LEU C 1 75 ? -5.979  -3.568  7.653   1.00 38.96 ? 74  LEU B C   1 
ATOM 1379 O O   . LEU C 1 75 ? -6.194  -4.453  8.493   1.00 40.58 ? 74  LEU B O   1 
ATOM 1380 C CB  . LEU C 1 75 ? -7.108  -3.508  5.368   1.00 38.00 ? 74  LEU B CB  1 
ATOM 1381 C CG  . LEU C 1 75 ? -8.392  -4.116  4.737   1.00 44.82 ? 74  LEU B CG  1 
ATOM 1382 C CD1 . LEU C 1 75 ? -9.704  -3.634  5.355   1.00 40.47 ? 74  LEU B CD1 1 
ATOM 1383 C CD2 . LEU C 1 75 ? -8.437  -3.905  3.222   1.00 37.05 ? 74  LEU B CD2 1 
ATOM 1384 N N   . GLU C 1 76 ? -4.768  -3.078  7.437   1.00 34.31 ? 75  GLU B N   1 
ATOM 1385 C CA  . GLU C 1 76 ? -3.631  -3.606  8.164   1.00 43.27 ? 75  GLU B CA  1 
ATOM 1386 C C   . GLU C 1 76 ? -3.645  -3.195  9.630   1.00 40.84 ? 75  GLU B C   1 
ATOM 1387 O O   . GLU C 1 76 ? -3.559  -4.034  10.505  1.00 46.42 ? 75  GLU B O   1 
ATOM 1388 C CB  . GLU C 1 76 ? -2.348  -3.212  7.458   1.00 35.78 ? 75  GLU B CB  1 
ATOM 1389 C CG  . GLU C 1 76 ? -2.247  -3.881  6.100   1.00 38.57 ? 75  GLU B CG  1 
ATOM 1390 C CD  . GLU C 1 76 ? -1.770  -5.303  6.222   1.00 44.17 ? 75  GLU B CD  1 
ATOM 1391 O OE1 . GLU C 1 76 ? -1.075  -5.571  7.217   1.00 51.14 ? 75  GLU B OE1 1 
ATOM 1392 O OE2 . GLU C 1 76 ? -2.057  -6.146  5.335   1.00 46.25 ? 75  GLU B OE2 1 
ATOM 1393 N N   . SER C 1 77 ? -3.796  -1.911  9.902   1.00 43.44 ? 76  SER B N   1 
ATOM 1394 C CA  . SER C 1 77 ? -3.776  -1.434  11.276  1.00 46.36 ? 76  SER B CA  1 
ATOM 1395 C C   . SER C 1 77 ? -4.900  -2.033  12.124  1.00 52.18 ? 76  SER B C   1 
ATOM 1396 O O   . SER C 1 77 ? -4.720  -2.282  13.317  1.00 56.59 ? 76  SER B O   1 
ATOM 1397 C CB  . SER C 1 77 ? -3.813  0.099   11.334  1.00 47.81 ? 76  SER B CB  1 
ATOM 1398 O OG  . SER C 1 77 ? -5.117  0.610   11.099  1.00 50.47 ? 76  SER B OG  1 
ATOM 1399 N N   . GLU C 1 78 ? -6.056  -2.270  11.510  1.00 51.90 ? 77  GLU B N   1 
ATOM 1400 C CA  . GLU C 1 78 ? -7.213  -2.752  12.260  1.00 53.88 ? 77  GLU B CA  1 
ATOM 1401 C C   . GLU C 1 78 ? -6.977  -4.193  12.694  1.00 52.43 ? 77  GLU B C   1 
ATOM 1402 O O   . GLU C 1 78 ? -7.362  -4.619  13.803  1.00 48.40 ? 77  GLU B O   1 
ATOM 1403 C CB  . GLU C 1 78 ? -8.477  -2.661  11.397  1.00 49.92 ? 77  GLU B CB  1 
ATOM 1404 C CG  . GLU C 1 78 ? -9.743  -2.260  12.148  1.00 58.92 ? 77  GLU B CG  1 
ATOM 1405 C CD  . GLU C 1 78 ? -9.674  -0.845  12.712  1.00 57.56 ? 77  GLU B CD  1 
ATOM 1406 O OE1 . GLU C 1 78 ? -10.722 -0.169  12.737  1.00 55.05 ? 77  GLU B OE1 1 
ATOM 1407 O OE2 . GLU C 1 78 ? -8.577  -0.405  13.129  1.00 62.32 ? 77  GLU B OE2 1 
ATOM 1408 N N   . GLU C 1 79 ? -6.348  -4.937  11.792  1.00 44.43 ? 78  GLU B N   1 
ATOM 1409 C CA  . GLU C 1 79 ? -6.074  -6.345  11.990  1.00 52.66 ? 78  GLU B CA  1 
ATOM 1410 C C   . GLU C 1 79 ? -4.985  -6.527  13.051  1.00 57.05 ? 78  GLU B C   1 
ATOM 1411 O O   . GLU C 1 79 ? -5.080  -7.396  13.923  1.00 53.73 ? 78  GLU B O   1 
ATOM 1412 C CB  . GLU C 1 79 ? -5.645  -6.948  10.660  1.00 50.73 ? 78  GLU B CB  1 
ATOM 1413 C CG  . GLU C 1 79 ? -5.267  -8.395  10.702  1.00 52.82 ? 78  GLU B CG  1 
ATOM 1414 C CD  . GLU C 1 79 ? -4.749  -8.877  9.359   1.00 58.00 ? 78  GLU B CD  1 
ATOM 1415 O OE1 . GLU C 1 79 ? -5.501  -8.784  8.365   1.00 67.11 ? 78  GLU B OE1 1 
ATOM 1416 O OE2 . GLU C 1 79 ? -3.587  -9.345  9.294   1.00 71.60 ? 78  GLU B OE2 1 
ATOM 1417 N N   . ALA C 1 80 ? -3.973  -5.667  12.975  1.00 50.70 ? 79  ALA B N   1 
ATOM 1418 C CA  . ALA C 1 80 ? -2.864  -5.670  13.912  1.00 52.51 ? 79  ALA B CA  1 
ATOM 1419 C C   . ALA C 1 80 ? -3.337  -5.255  15.287  1.00 53.10 ? 79  ALA B C   1 
ATOM 1420 O O   . ALA C 1 80 ? -2.757  -5.652  16.303  1.00 58.88 ? 79  ALA B O   1 
ATOM 1421 C CB  . ALA C 1 80 ? -1.757  -4.732  13.436  1.00 39.51 ? 79  ALA B CB  1 
ATOM 1422 N N   . ASN C 1 81 ? -4.382  -4.440  15.318  1.00 49.21 ? 80  ASN B N   1 
ATOM 1423 C CA  . ASN C 1 81 ? -4.929  -3.996  16.591  1.00 54.55 ? 80  ASN B CA  1 
ATOM 1424 C C   . ASN C 1 81 ? -5.648  -5.136  17.292  1.00 55.71 ? 80  ASN B C   1 
ATOM 1425 O O   . ASN C 1 81 ? -5.655  -5.216  18.527  1.00 61.10 ? 80  ASN B O   1 
ATOM 1426 C CB  . ASN C 1 81 ? -5.824  -2.775  16.413  1.00 54.55 ? 80  ASN B CB  1 
ATOM 1427 C CG  . ASN C 1 81 ? -5.024  -1.515  16.182  1.00 52.34 ? 80  ASN B CG  1 
ATOM 1428 O OD1 . ASN C 1 81 ? -5.468  -0.605  15.490  1.00 62.01 ? 80  ASN B OD1 1 
ATOM 1429 N ND2 . ASN C 1 81 ? -3.826  -1.464  16.752  1.00 50.53 ? 80  ASN B ND2 1 
ATOM 1430 N N   . ALA C 1 82 ? -6.213  -6.032  16.485  1.00 56.19 ? 81  ALA B N   1 
ATOM 1431 C CA  . ALA C 1 82 ? -6.721  -7.313  16.967  1.00 62.17 ? 81  ALA B CA  1 
ATOM 1432 C C   . ALA C 1 82 ? -5.566  -8.293  17.214  1.00 59.85 ? 81  ALA B C   1 
ATOM 1433 O O   . ALA C 1 82 ? -4.578  -7.964  17.883  1.00 59.39 ? 81  ALA B O   1 
ATOM 1434 C CB  . ALA C 1 82 ? -7.719  -7.895  15.972  1.00 53.73 ? 81  ALA B CB  1 
ATOM 1435 N N   . ASN D 2 3  ? -6.376  2.223   -30.084 1.00 69.25 ? 183 ASN D N   1 
ATOM 1436 C CA  . ASN D 2 3  ? -4.942  2.404   -30.309 1.00 69.77 ? 183 ASN D CA  1 
ATOM 1437 C C   . ASN D 2 3  ? -4.382  3.634   -29.583 1.00 69.89 ? 183 ASN D C   1 
ATOM 1438 O O   . ASN D 2 3  ? -4.851  3.994   -28.498 1.00 68.64 ? 183 ASN D O   1 
ATOM 1439 C CB  . ASN D 2 3  ? -4.639  2.479   -31.810 1.00 60.43 ? 183 ASN D CB  1 
ATOM 1440 N N   . TYR D 2 4  ? -3.369  4.264   -30.172 1.00 61.81 ? 184 TYR D N   1 
ATOM 1441 C CA  . TYR D 2 4  ? -2.864  5.530   -29.654 1.00 60.82 ? 184 TYR D CA  1 
ATOM 1442 C C   . TYR D 2 4  ? -3.753  6.708   -30.067 1.00 71.16 ? 184 TYR D C   1 
ATOM 1443 O O   . TYR D 2 4  ? -4.272  6.747   -31.191 1.00 72.93 ? 184 TYR D O   1 
ATOM 1444 C CB  . TYR D 2 4  ? -1.431  5.768   -30.122 1.00 62.52 ? 184 TYR D CB  1 
ATOM 1445 C CG  . TYR D 2 4  ? -0.384  5.054   -29.290 1.00 65.54 ? 184 TYR D CG  1 
ATOM 1446 C CD1 . TYR D 2 4  ? -0.043  3.722   -29.543 1.00 58.77 ? 184 TYR D CD1 1 
ATOM 1447 C CD2 . TYR D 2 4  ? 0.274   5.714   -28.259 1.00 62.48 ? 184 TYR D CD2 1 
ATOM 1448 C CE1 . TYR D 2 4  ? 0.923   3.070   -28.786 1.00 65.90 ? 184 TYR D CE1 1 
ATOM 1449 C CE2 . TYR D 2 4  ? 1.244   5.069   -27.493 1.00 67.50 ? 184 TYR D CE2 1 
ATOM 1450 C CZ  . TYR D 2 4  ? 1.561   3.748   -27.758 1.00 68.12 ? 184 TYR D CZ  1 
ATOM 1451 O OH  . TYR D 2 4  ? 2.514   3.109   -26.994 1.00 67.54 ? 184 TYR D OH  1 
ATOM 1452 N N   . SER D 2 5  ? -3.924  7.667   -29.159 1.00 69.62 ? 185 SER D N   1 
ATOM 1453 C CA  . SER D 2 5  ? -4.750  8.844   -29.440 1.00 67.01 ? 185 SER D CA  1 
ATOM 1454 C C   . SER D 2 5  ? -4.136  10.152  -28.936 1.00 66.65 ? 185 SER D C   1 
ATOM 1455 O O   . SER D 2 5  ? -3.102  10.167  -28.263 1.00 63.95 ? 185 SER D O   1 
ATOM 1456 C CB  . SER D 2 5  ? -6.155  8.680   -28.847 1.00 68.60 ? 185 SER D CB  1 
ATOM 1457 O OG  . SER D 2 5  ? -6.113  8.704   -27.427 1.00 62.56 ? 185 SER D OG  1 
ATOM 1458 N N   . ASN D 2 6  ? -4.780  11.252  -29.306 1.00 67.39 ? 186 ASN D N   1 
ATOM 1459 C CA  . ASN D 2 6  ? -4.479  12.567  -28.762 1.00 67.10 ? 186 ASN D CA  1 
ATOM 1460 C C   . ASN D 2 6  ? -5.791  13.326  -28.628 1.00 67.73 ? 186 ASN D C   1 
ATOM 1461 O O   . ASN D 2 6  ? -6.471  13.617  -29.627 1.00 66.81 ? 186 ASN D O   1 
ATOM 1462 C CB  . ASN D 2 6  ? -3.492  13.348  -29.634 1.00 63.81 ? 186 ASN D CB  1 
ATOM 1463 C CG  . ASN D 2 6  ? -3.267  14.773  -29.124 1.00 65.28 ? 186 ASN D CG  1 
ATOM 1464 O OD1 . ASN D 2 6  ? -4.194  15.440  -28.645 1.00 67.67 ? 186 ASN D OD1 1 
ATOM 1465 N ND2 . ASN D 2 6  ? -2.039  15.248  -29.236 1.00 60.65 ? 186 ASN D ND2 1 
ATOM 1466 N N   . THR D 2 7  ? -6.146  13.627  -27.383 1.00 62.78 ? 187 THR D N   1 
ATOM 1467 C CA  . THR D 2 7  ? -7.423  14.238  -27.078 1.00 58.41 ? 187 THR D CA  1 
ATOM 1468 C C   . THR D 2 7  ? -7.165  15.486  -26.272 1.00 62.44 ? 187 THR D C   1 
ATOM 1469 O O   . THR D 2 7  ? -6.311  15.490  -25.379 1.00 60.90 ? 187 THR D O   1 
ATOM 1470 C CB  . THR D 2 7  ? -8.307  13.284  -26.256 1.00 60.37 ? 187 THR D CB  1 
ATOM 1471 O OG1 . THR D 2 7  ? -8.160  11.943  -26.751 1.00 64.53 ? 187 THR D OG1 1 
ATOM 1472 C CG2 . THR D 2 7  ? -9.764  13.694  -26.338 1.00 50.25 ? 187 THR D CG2 1 
ATOM 1473 N N   . ASP D 2 8  ? -7.880  16.555  -26.608 1.00 59.49 ? 188 ASP D N   1 
ATOM 1474 C CA  . ASP D 2 8  ? -7.848  17.769  -25.805 1.00 53.37 ? 188 ASP D CA  1 
ATOM 1475 C C   . ASP D 2 8  ? -8.579  17.490  -24.488 1.00 47.99 ? 188 ASP D C   1 
ATOM 1476 O O   . ASP D 2 8  ? -9.586  16.767  -24.460 1.00 46.43 ? 188 ASP D O   1 
ATOM 1477 C CB  . ASP D 2 8  ? -8.486  18.942  -26.571 1.00 58.75 ? 188 ASP D CB  1 
ATOM 1478 C CG  . ASP D 2 8  ? -7.498  19.640  -27.516 1.00 62.27 ? 188 ASP D CG  1 
ATOM 1479 O OD1 . ASP D 2 8  ? -6.359  19.901  -27.078 1.00 63.02 ? 188 ASP D OD1 1 
ATOM 1480 O OD2 . ASP D 2 8  ? -7.854  19.933  -28.689 1.00 61.33 ? 188 ASP D OD2 1 
ATOM 1481 N N   . PRO D 2 9  ? -8.078  18.063  -23.393 1.00 51.84 ? 189 PRO D N   1 
ATOM 1482 C CA  . PRO D 2 9  ? -8.609  17.794  -22.050 1.00 45.46 ? 189 PRO D CA  1 
ATOM 1483 C C   . PRO D 2 9  ? -10.084 18.096  -21.998 1.00 53.38 ? 189 PRO D C   1 
ATOM 1484 O O   . PRO D 2 9  ? -10.857 17.339  -21.415 1.00 57.86 ? 189 PRO D O   1 
ATOM 1485 C CB  . PRO D 2 9  ? -7.845  18.783  -21.170 1.00 51.36 ? 189 PRO D CB  1 
ATOM 1486 C CG  . PRO D 2 9  ? -6.558  19.050  -21.927 1.00 54.92 ? 189 PRO D CG  1 
ATOM 1487 C CD  . PRO D 2 9  ? -6.972  19.038  -23.372 1.00 52.72 ? 189 PRO D CD  1 
ATOM 1488 N N   . GLU D 2 10 ? -10.475 19.194  -22.631 1.00 52.80 ? 190 GLU D N   1 
ATOM 1489 C CA  . GLU D 2 10 ? -11.870 19.587  -22.665 1.00 47.96 ? 190 GLU D CA  1 
ATOM 1490 C C   . GLU D 2 10 ? -12.646 18.552  -23.481 1.00 50.21 ? 190 GLU D C   1 
ATOM 1491 O O   . GLU D 2 10 ? -13.851 18.342  -23.284 1.00 45.04 ? 190 GLU D O   1 
ATOM 1492 C CB  . GLU D 2 10 ? -11.989 21.000  -23.243 1.00 48.87 ? 190 GLU D CB  1 
ATOM 1493 C CG  . GLU D 2 10 ? -11.119 22.065  -22.522 1.00 46.56 ? 190 GLU D CG  1 
ATOM 1494 C CD  . GLU D 2 10 ? -9.672  22.165  -23.052 1.00 55.75 ? 190 GLU D CD  1 
ATOM 1495 O OE1 . GLU D 2 10 ? -9.210  21.260  -23.795 1.00 53.82 ? 190 GLU D OE1 1 
ATOM 1496 O OE2 . GLU D 2 10 ? -8.990  23.163  -22.715 1.00 54.67 ? 190 GLU D OE2 1 
ATOM 1497 N N   . GLU D 2 11 ? -11.940 17.879  -24.388 1.00 51.82 ? 191 GLU D N   1 
ATOM 1498 C CA  . GLU D 2 11 ? -12.555 16.813  -25.181 1.00 48.21 ? 191 GLU D CA  1 
ATOM 1499 C C   . GLU D 2 11 ? -12.571 15.499  -24.402 1.00 49.79 ? 191 GLU D C   1 
ATOM 1500 O O   . GLU D 2 11 ? -13.619 14.847  -24.260 1.00 48.01 ? 191 GLU D O   1 
ATOM 1501 C CB  . GLU D 2 11 ? -11.833 16.648  -26.516 1.00 49.41 ? 191 GLU D CB  1 
ATOM 1502 C CG  . GLU D 2 11 ? -12.440 17.476  -27.614 1.00 57.55 ? 191 GLU D CG  1 
ATOM 1503 C CD  . GLU D 2 11 ? -13.842 17.040  -27.918 1.00 60.90 ? 191 GLU D CD  1 
ATOM 1504 O OE1 . GLU D 2 11 ? -14.768 17.869  -27.746 1.00 62.03 ? 191 GLU D OE1 1 
ATOM 1505 O OE2 . GLU D 2 11 ? -14.010 15.859  -28.308 1.00 61.14 ? 191 GLU D OE2 1 
ATOM 1506 N N   . LEU D 2 12 ? -11.406 15.112  -23.889 1.00 47.20 ? 192 LEU D N   1 
ATOM 1507 C CA  . LEU D 2 12 ? -11.362 14.024  -22.915 1.00 51.36 ? 192 LEU D CA  1 
ATOM 1508 C C   . LEU D 2 12 ? -12.497 14.259  -21.930 1.00 52.72 ? 192 LEU D C   1 
ATOM 1509 O O   . LEU D 2 12 ? -13.369 13.392  -21.726 1.00 47.57 ? 192 LEU D O   1 
ATOM 1510 C CB  . LEU D 2 12 ? -10.029 14.021  -22.164 1.00 48.55 ? 192 LEU D CB  1 
ATOM 1511 C CG  . LEU D 2 12 ? -9.729  12.876  -21.187 1.00 48.63 ? 192 LEU D CG  1 
ATOM 1512 C CD1 . LEU D 2 12 ? -8.305  13.025  -20.669 1.00 50.23 ? 192 LEU D CD1 1 
ATOM 1513 C CD2 . LEU D 2 12 ? -10.732 12.800  -20.014 1.00 44.51 ? 192 LEU D CD2 1 
ATOM 1514 N N   . LEU D 2 13 ? -12.503 15.456  -21.343 1.00 43.08 ? 193 LEU D N   1 
ATOM 1515 C CA  . LEU D 2 13 ? -13.461 15.750  -20.284 1.00 46.46 ? 193 LEU D CA  1 
ATOM 1516 C C   . LEU D 2 13 ? -14.903 15.728  -20.727 1.00 46.32 ? 193 LEU D C   1 
ATOM 1517 O O   . LEU D 2 13 ? -15.792 15.491  -19.921 1.00 46.37 ? 193 LEU D O   1 
ATOM 1518 C CB  . LEU D 2 13 ? -13.122 17.050  -19.554 1.00 48.46 ? 193 LEU D CB  1 
ATOM 1519 C CG  . LEU D 2 13 ? -12.583 16.720  -18.161 1.00 56.13 ? 193 LEU D CG  1 
ATOM 1520 C CD1 . LEU D 2 13 ? -11.937 17.925  -17.487 1.00 50.96 ? 193 LEU D CD1 1 
ATOM 1521 C CD2 . LEU D 2 13 ? -13.715 16.122  -17.315 1.00 47.86 ? 193 LEU D CD2 1 
ATOM 1522 N N   . ARG D 2 14 ? -15.142 15.950  -22.018 1.00 52.17 ? 194 ARG D N   1 
ATOM 1523 C CA  . ARG D 2 14 ? -16.505 15.911  -22.551 1.00 48.36 ? 194 ARG D CA  1 
ATOM 1524 C C   . ARG D 2 14 ? -17.064 14.484  -22.610 1.00 52.07 ? 194 ARG D C   1 
ATOM 1525 O O   . ARG D 2 14 ? -18.258 14.271  -22.405 1.00 51.24 ? 194 ARG D O   1 
ATOM 1526 C CB  . ARG D 2 14 ? -16.567 16.593  -23.922 1.00 53.77 ? 194 ARG D CB  1 
ATOM 1527 C CG  . ARG D 2 14 ? -17.962 16.710  -24.515 1.00 55.22 ? 194 ARG D CG  1 
ATOM 1528 C CD  . ARG D 2 14 ? -17.920 17.420  -25.867 1.00 64.34 ? 194 ARG D CD  1 
ATOM 1529 N NE  . ARG D 2 14 ? -17.079 16.697  -26.814 1.00 62.84 ? 194 ARG D NE  1 
ATOM 1530 C CZ  . ARG D 2 14 ? -17.532 15.814  -27.696 1.00 66.10 ? 194 ARG D CZ  1 
ATOM 1531 N NH1 . ARG D 2 14 ? -18.832 15.548  -27.776 1.00 70.91 ? 194 ARG D NH1 1 
ATOM 1532 N NH2 . ARG D 2 14 ? -16.682 15.198  -28.505 1.00 64.61 ? 194 ARG D NH2 1 
ATOM 1533 N N   . LYS D 2 15 ? -16.203 13.504  -22.886 1.00 57.51 ? 195 LYS D N   1 
ATOM 1534 C CA  . LYS D 2 15 ? -16.649 12.112  -23.015 1.00 54.32 ? 195 LYS D CA  1 
ATOM 1535 C C   . LYS D 2 15 ? -16.552 11.324  -21.695 1.00 55.89 ? 195 LYS D C   1 
ATOM 1536 O O   . LYS D 2 15 ? -17.244 10.309  -21.505 1.00 46.91 ? 195 LYS D O   1 
ATOM 1537 C CB  . LYS D 2 15 ? -15.835 11.397  -24.091 1.00 55.04 ? 195 LYS D CB  1 
ATOM 1538 N N   . HIS D 2 16 ? -15.701 11.795  -20.785 1.00 45.77 ? 196 HIS D N   1 
ATOM 1539 C CA  . HIS D 2 16 ? -15.421 11.041  -19.561 1.00 51.74 ? 196 HIS D CA  1 
ATOM 1540 C C   . HIS D 2 16 ? -15.674 11.783  -18.250 1.00 49.01 ? 196 HIS D C   1 
ATOM 1541 O O   . HIS D 2 16 ? -15.085 12.836  -17.996 1.00 44.18 ? 196 HIS D O   1 
ATOM 1542 C CB  . HIS D 2 16 ? -13.990 10.514  -19.595 1.00 42.79 ? 196 HIS D CB  1 
ATOM 1543 C CG  . HIS D 2 16 ? -13.773 9.468   -20.645 1.00 52.96 ? 196 HIS D CG  1 
ATOM 1544 N ND1 . HIS D 2 16 ? -12.988 9.680   -21.761 1.00 49.14 ? 196 HIS D ND1 1 
ATOM 1545 C CD2 . HIS D 2 16 ? -14.269 8.214   -20.764 1.00 48.79 ? 196 HIS D CD2 1 
ATOM 1546 C CE1 . HIS D 2 16 ? -12.995 8.591   -22.509 1.00 51.11 ? 196 HIS D CE1 1 
ATOM 1547 N NE2 . HIS D 2 16 ? -13.764 7.686   -21.927 1.00 51.69 ? 196 HIS D NE2 1 
ATOM 1548 N N   . VAL D 2 17 ? -16.543 11.224  -17.413 1.00 48.02 ? 197 VAL D N   1 
ATOM 1549 C CA  . VAL D 2 17 ? -16.718 11.757  -16.062 1.00 49.60 ? 197 VAL D CA  1 
ATOM 1550 C C   . VAL D 2 17 ? -15.976 10.914  -15.017 1.00 48.51 ? 197 VAL D C   1 
ATOM 1551 O O   . VAL D 2 17 ? -16.144 9.690   -14.935 1.00 47.07 ? 197 VAL D O   1 
ATOM 1552 C CB  . VAL D 2 17 ? -18.207 11.911  -15.689 1.00 58.26 ? 197 VAL D CB  1 
ATOM 1553 C CG1 . VAL D 2 17 ? -18.880 10.546  -15.621 1.00 54.55 ? 197 VAL D CG1 1 
ATOM 1554 C CG2 . VAL D 2 17 ? -18.347 12.672  -14.367 1.00 45.78 ? 197 VAL D CG2 1 
ATOM 1555 N N   . PHE D 2 18 ? -15.137 11.586  -14.234 1.00 51.32 ? 198 PHE D N   1 
ATOM 1556 C CA  . PHE D 2 18 ? -14.304 10.932  -13.233 1.00 43.35 ? 198 PHE D CA  1 
ATOM 1557 C C   . PHE D 2 18 ? -15.030 10.774  -11.915 1.00 46.42 ? 198 PHE D C   1 
ATOM 1558 O O   . PHE D 2 18 ? -15.502 11.764  -11.348 1.00 48.56 ? 198 PHE D O   1 
ATOM 1559 C CB  . PHE D 2 18 ? -13.014 11.715  -13.034 1.00 39.41 ? 198 PHE D CB  1 
ATOM 1560 C CG  . PHE D 2 18 ? -12.086 11.642  -14.215 1.00 47.12 ? 198 PHE D CG  1 
ATOM 1561 C CD1 . PHE D 2 18 ? -11.486 10.441  -14.565 1.00 47.64 ? 198 PHE D CD1 1 
ATOM 1562 C CD2 . PHE D 2 18 ? -11.821 12.761  -14.983 1.00 53.30 ? 198 PHE D CD2 1 
ATOM 1563 C CE1 . PHE D 2 18 ? -10.630 10.361  -15.647 1.00 47.36 ? 198 PHE D CE1 1 
ATOM 1564 C CE2 . PHE D 2 18 ? -10.965 12.685  -16.074 1.00 52.76 ? 198 PHE D CE2 1 
ATOM 1565 C CZ  . PHE D 2 18 ? -10.368 11.485  -16.399 1.00 52.37 ? 198 PHE D CZ  1 
ATOM 1566 N N   . PRO D 2 19 ? -15.142 9.525   -11.426 1.00 43.09 ? 199 PRO D N   1 
ATOM 1567 C CA  . PRO D 2 19 ? -15.808 9.317   -10.137 1.00 44.07 ? 199 PRO D CA  1 
ATOM 1568 C C   . PRO D 2 19 ? -15.063 10.078  -9.062  1.00 43.42 ? 199 PRO D C   1 
ATOM 1569 O O   . PRO D 2 19 ? -13.857 10.310  -9.179  1.00 44.60 ? 199 PRO D O   1 
ATOM 1570 C CB  . PRO D 2 19 ? -15.692 7.804   -9.915  1.00 45.54 ? 199 PRO D CB  1 
ATOM 1571 C CG  . PRO D 2 19 ? -15.618 7.246   -11.296 1.00 49.47 ? 199 PRO D CG  1 
ATOM 1572 C CD  . PRO D 2 19 ? -14.805 8.248   -12.080 1.00 42.14 ? 199 PRO D CD  1 
ATOM 1573 N N   . SER D 2 20 ? -15.804 10.499  -8.049  1.00 41.32 ? 200 SER D N   1 
ATOM 1574 C CA  . SER D 2 20 ? -15.265 11.246  -6.938  1.00 40.93 ? 200 SER D CA  1 
ATOM 1575 C C   . SER D 2 20 ? -15.054 10.234  -5.824  1.00 52.56 ? 200 SER D C   1 
ATOM 1576 O O   . SER D 2 20 ? -15.780 9.245   -5.711  1.00 54.34 ? 200 SER D O   1 
ATOM 1577 C CB  . SER D 2 20 ? -16.250 12.343  -6.511  1.00 50.04 ? 200 SER D CB  1 
ATOM 1578 O OG  . SER D 2 20 ? -16.101 12.706  -5.144  1.00 51.07 ? 200 SER D OG  1 
ATOM 1579 N N   . VAL D 2 21 ? -14.044 10.469  -5.011  1.00 52.57 ? 201 VAL D N   1 
ATOM 1580 C CA  . VAL D 2 21 ? -13.658 9.488   -4.014  1.00 48.25 ? 201 VAL D CA  1 
ATOM 1581 C C   . VAL D 2 21 ? -14.211 9.893   -2.646  1.00 53.70 ? 201 VAL D C   1 
ATOM 1582 O O   . VAL D 2 21 ? -14.236 11.090  -2.315  1.00 53.21 ? 201 VAL D O   1 
ATOM 1583 C CB  . VAL D 2 21 ? -12.131 9.355   -4.019  1.00 45.86 ? 201 VAL D CB  1 
ATOM 1584 C CG1 . VAL D 2 21 ? -11.513 10.004  -2.785  1.00 40.73 ? 201 VAL D CG1 1 
ATOM 1585 C CG2 . VAL D 2 21 ? -11.724 7.904   -4.230  1.00 45.45 ? 201 VAL D CG2 1 
ATOM 1586 N N   . PRO D 2 22 ? -14.710 8.911   -1.871  1.00 52.71 ? 202 PRO D N   1 
ATOM 1587 C CA  . PRO D 2 22 ? -15.271 9.182   -0.540  1.00 49.87 ? 202 PRO D CA  1 
ATOM 1588 C C   . PRO D 2 22 ? -14.300 9.921   0.360   1.00 50.82 ? 202 PRO D C   1 
ATOM 1589 O O   . PRO D 2 22 ? -13.086 9.705   0.284   1.00 45.20 ? 202 PRO D O   1 
ATOM 1590 C CB  . PRO D 2 22 ? -15.514 7.781   0.037   1.00 48.74 ? 202 PRO D CB  1 
ATOM 1591 C CG  . PRO D 2 22 ? -15.707 6.919   -1.146  1.00 45.82 ? 202 PRO D CG  1 
ATOM 1592 C CD  . PRO D 2 22 ? -14.845 7.492   -2.244  1.00 49.30 ? 202 PRO D CD  1 
ATOM 1593 N N   . LYS D 2 23 ? -14.838 10.799  1.198   1.00 60.89 ? 203 LYS D N   1 
ATOM 1594 C CA  . LYS D 2 23 ? -14.078 11.359  2.303   1.00 65.35 ? 203 LYS D CA  1 
ATOM 1595 C C   . LYS D 2 23 ? -14.550 10.700  3.601   1.00 59.54 ? 203 LYS D C   1 
ATOM 1596 O O   . LYS D 2 23 ? -14.313 9.504   3.829   1.00 61.96 ? 203 LYS D O   1 
ATOM 1597 C CB  . LYS D 2 23 ? -14.242 12.877  2.375   1.00 67.31 ? 203 LYS D CB  1 
# 
